data_1OS6
# 
_entry.id   1OS6 
# 
_audit_conform.dict_name       mmcif_pdbx.dic 
_audit_conform.dict_version    5.399 
_audit_conform.dict_location   http://mmcif.pdb.org/dictionaries/ascii/mmcif_pdbx.dic 
# 
loop_
_database_2.database_id 
_database_2.database_code 
_database_2.pdbx_database_accession 
_database_2.pdbx_DOI 
PDB   1OS6         pdb_00001os6 10.2210/pdb1os6/pdb 
RCSB  RCSB018616   ?            ?                   
WWPDB D_1000018616 ?            ?                   
# 
loop_
_pdbx_audit_revision_history.ordinal 
_pdbx_audit_revision_history.data_content_type 
_pdbx_audit_revision_history.major_revision 
_pdbx_audit_revision_history.minor_revision 
_pdbx_audit_revision_history.revision_date 
1 'Structure model' 1 0 2004-02-03 
2 'Structure model' 1 1 2008-04-29 
3 'Structure model' 1 2 2011-07-13 
4 'Structure model' 2 0 2021-03-03 
5 'Structure model' 2 1 2024-11-20 
# 
_pdbx_audit_revision_details.ordinal             1 
_pdbx_audit_revision_details.revision_ordinal    1 
_pdbx_audit_revision_details.data_content_type   'Structure model' 
_pdbx_audit_revision_details.provider            repository 
_pdbx_audit_revision_details.type                'Initial release' 
_pdbx_audit_revision_details.description         ? 
_pdbx_audit_revision_details.details             ? 
# 
loop_
_pdbx_audit_revision_group.ordinal 
_pdbx_audit_revision_group.revision_ordinal 
_pdbx_audit_revision_group.data_content_type 
_pdbx_audit_revision_group.group 
1  2 'Structure model' 'Version format compliance' 
2  3 'Structure model' 'Derived calculations'      
3  3 'Structure model' 'Version format compliance' 
4  4 'Structure model' Advisory                    
5  4 'Structure model' 'Atomic model'              
6  4 'Structure model' 'Data collection'           
7  4 'Structure model' 'Derived calculations'      
8  4 'Structure model' 'Non-polymer description'   
9  4 'Structure model' 'Structure summary'         
10 5 'Structure model' 'Data collection'           
11 5 'Structure model' 'Database references'       
12 5 'Structure model' 'Structure summary'         
# 
loop_
_pdbx_audit_revision_category.ordinal 
_pdbx_audit_revision_category.revision_ordinal 
_pdbx_audit_revision_category.data_content_type 
_pdbx_audit_revision_category.category 
1  4 'Structure model' atom_site                  
2  4 'Structure model' atom_site_anisotrop        
3  4 'Structure model' chem_comp                  
4  4 'Structure model' entity                     
5  4 'Structure model' pdbx_distant_solvent_atoms 
6  4 'Structure model' pdbx_entity_nonpoly        
7  4 'Structure model' pdbx_nonpoly_scheme        
8  4 'Structure model' pdbx_struct_conn_angle     
9  4 'Structure model' struct_conn                
10 4 'Structure model' struct_conn_type           
11 4 'Structure model' struct_site                
12 4 'Structure model' struct_site_gen            
13 5 'Structure model' chem_comp_atom             
14 5 'Structure model' chem_comp_bond             
15 5 'Structure model' database_2                 
16 5 'Structure model' pdbx_entry_details         
17 5 'Structure model' pdbx_modification_feature  
# 
loop_
_pdbx_audit_revision_item.ordinal 
_pdbx_audit_revision_item.revision_ordinal 
_pdbx_audit_revision_item.data_content_type 
_pdbx_audit_revision_item.item 
1  4 'Structure model' '_atom_site.B_iso_or_equiv'                   
2  4 'Structure model' '_atom_site.Cartn_x'                          
3  4 'Structure model' '_atom_site.Cartn_y'                          
4  4 'Structure model' '_atom_site.Cartn_z'                          
5  4 'Structure model' '_atom_site.auth_atom_id'                     
6  4 'Structure model' '_atom_site.auth_comp_id'                     
7  4 'Structure model' '_atom_site.label_atom_id'                    
8  4 'Structure model' '_atom_site.label_comp_id'                    
9  4 'Structure model' '_atom_site.type_symbol'                      
10 4 'Structure model' '_atom_site_anisotrop.id'                     
11 4 'Structure model' '_atom_site_anisotrop.pdbx_auth_comp_id'      
12 4 'Structure model' '_atom_site_anisotrop.pdbx_label_comp_id'     
13 4 'Structure model' '_chem_comp.formula'                          
14 4 'Structure model' '_chem_comp.formula_weight'                   
15 4 'Structure model' '_chem_comp.id'                               
16 4 'Structure model' '_chem_comp.name'                             
17 4 'Structure model' '_chem_comp.pdbx_synonyms'                    
18 4 'Structure model' '_entity.formula_weight'                      
19 4 'Structure model' '_entity.pdbx_description'                    
20 4 'Structure model' '_pdbx_entity_nonpoly.comp_id'                
21 4 'Structure model' '_pdbx_entity_nonpoly.name'                   
22 4 'Structure model' '_pdbx_nonpoly_scheme.mon_id'                 
23 4 'Structure model' '_pdbx_nonpoly_scheme.pdb_mon_id'             
24 4 'Structure model' '_pdbx_struct_conn_angle.ptnr1_auth_comp_id'  
25 4 'Structure model' '_pdbx_struct_conn_angle.ptnr1_auth_seq_id'   
26 4 'Structure model' '_pdbx_struct_conn_angle.ptnr1_label_comp_id' 
27 4 'Structure model' '_pdbx_struct_conn_angle.ptnr1_label_seq_id'  
28 4 'Structure model' '_pdbx_struct_conn_angle.ptnr2_auth_comp_id'  
29 4 'Structure model' '_pdbx_struct_conn_angle.ptnr2_label_comp_id' 
30 4 'Structure model' '_pdbx_struct_conn_angle.ptnr3_auth_comp_id'  
31 4 'Structure model' '_pdbx_struct_conn_angle.ptnr3_auth_seq_id'   
32 4 'Structure model' '_pdbx_struct_conn_angle.ptnr3_label_comp_id' 
33 4 'Structure model' '_pdbx_struct_conn_angle.ptnr3_label_seq_id'  
34 4 'Structure model' '_pdbx_struct_conn_angle.value'               
35 4 'Structure model' '_struct_conn.conn_type_id'                   
36 4 'Structure model' '_struct_conn.id'                             
37 4 'Structure model' '_struct_conn.pdbx_dist_value'                
38 4 'Structure model' '_struct_conn.pdbx_leaving_atom_flag'         
39 4 'Structure model' '_struct_conn.ptnr1_auth_comp_id'             
40 4 'Structure model' '_struct_conn.ptnr1_auth_seq_id'              
41 4 'Structure model' '_struct_conn.ptnr1_label_atom_id'            
42 4 'Structure model' '_struct_conn.ptnr1_label_comp_id'            
43 4 'Structure model' '_struct_conn.ptnr1_label_seq_id'             
44 4 'Structure model' '_struct_conn.ptnr2_auth_comp_id'             
45 4 'Structure model' '_struct_conn.ptnr2_auth_seq_id'              
46 4 'Structure model' '_struct_conn.ptnr2_label_asym_id'            
47 4 'Structure model' '_struct_conn.ptnr2_label_atom_id'            
48 4 'Structure model' '_struct_conn.ptnr2_label_comp_id'            
49 4 'Structure model' '_struct_conn_type.id'                        
50 4 'Structure model' '_struct_site.details'                        
51 4 'Structure model' '_struct_site.pdbx_auth_asym_id'              
52 4 'Structure model' '_struct_site.pdbx_auth_comp_id'              
53 4 'Structure model' '_struct_site.pdbx_auth_seq_id'               
54 4 'Structure model' '_struct_site_gen.auth_comp_id'               
55 4 'Structure model' '_struct_site_gen.label_comp_id'              
56 5 'Structure model' '_database_2.pdbx_DOI'                        
57 5 'Structure model' '_database_2.pdbx_database_accession'         
# 
_pdbx_database_status.status_code                     REL 
_pdbx_database_status.entry_id                        1OS6 
_pdbx_database_status.recvd_initial_deposition_date   2003-03-18 
_pdbx_database_status.deposit_site                    RCSB 
_pdbx_database_status.process_site                    RCSB 
_pdbx_database_status.status_code_sf                  REL 
_pdbx_database_status.SG_entry                        . 
_pdbx_database_status.pdb_format_compatible           Y 
_pdbx_database_status.status_code_mr                  ? 
_pdbx_database_status.status_code_cs                  ? 
_pdbx_database_status.status_code_nmr_data            ? 
_pdbx_database_status.methods_development_category    ? 
# 
_pdbx_database_related.db_name        PDB 
_pdbx_database_related.db_id          1HH5 
_pdbx_database_related.details        'Cytochrome c7 from Desulfuromonas acetoxidans' 
_pdbx_database_related.content_type   unspecified 
# 
loop_
_audit_author.name 
_audit_author.pdbx_ordinal 
'Pokkuluri, P.R.' 1 
'Londer, Y.Y.'    2 
'Duke, N.E.C.'    3 
'Long, W.C.'      4 
'Schiffer, M.'    5 
# 
_citation.id                        primary 
_citation.title                     
'Family of cytochrome c7-type proteins from Geobacter sulfurreducens: structure of one cytochrome c7 at 1.45 A resolution.' 
_citation.journal_abbrev            Biochemistry 
_citation.journal_volume            43 
_citation.page_first                849 
_citation.page_last                 859 
_citation.year                      2004 
_citation.journal_id_ASTM           BICHAW 
_citation.country                   US 
_citation.journal_id_ISSN           0006-2960 
_citation.journal_id_CSD            0033 
_citation.book_publisher            ? 
_citation.pdbx_database_id_PubMed   14744127 
_citation.pdbx_database_id_DOI      10.1021/bi0301439 
# 
loop_
_citation_author.citation_id 
_citation_author.name 
_citation_author.ordinal 
_citation_author.identifier_ORCID 
primary 'Pokkuluri, P.R.' 1 ? 
primary 'Londer, Y.Y.'    2 ? 
primary 'Duke, N.E.'      3 ? 
primary 'Long, W.C.'      4 ? 
primary 'Schiffer, M.'    5 ? 
# 
loop_
_entity.id 
_entity.type 
_entity.src_method 
_entity.pdbx_description 
_entity.formula_weight 
_entity.pdbx_number_of_molecules 
_entity.pdbx_ec 
_entity.pdbx_mutation 
_entity.pdbx_fragment 
_entity.details 
1 polymer     man PpcA                                                      7748.149 1  ? ? ? ? 
2 non-polymer syn 'SULFATE ION'                                             96.063   3  ? ? ? ? 
3 non-polymer syn 'HEME C'                                                  618.503  3  ? ? ? ? 
4 non-polymer syn '(3ALPHA,5BETA,12ALPHA)-3,12-DIHYDROXYCHOLAN-24-OIC ACID' 392.572  1  ? ? ? ? 
5 water       nat water                                                     18.015   95 ? ? ? ? 
# 
_entity_poly.entity_id                      1 
_entity_poly.type                           'polypeptide(L)' 
_entity_poly.nstd_linkage                   no 
_entity_poly.nstd_monomer                   no 
_entity_poly.pdbx_seq_one_letter_code       ADDIVLKAKNGDVKFPHKAHQKAVPDCKKCHEKGPGKIEGFGKEMAHGKGCKGCHEEMKKGPTKCGECHKK 
_entity_poly.pdbx_seq_one_letter_code_can   ADDIVLKAKNGDVKFPHKAHQKAVPDCKKCHEKGPGKIEGFGKEMAHGKGCKGCHEEMKKGPTKCGECHKK 
_entity_poly.pdbx_strand_id                 A 
_entity_poly.pdbx_target_identifier         ? 
# 
loop_
_pdbx_entity_nonpoly.entity_id 
_pdbx_entity_nonpoly.name 
_pdbx_entity_nonpoly.comp_id 
2 'SULFATE ION'                                             SO4 
3 'HEME C'                                                  HEC 
4 '(3ALPHA,5BETA,12ALPHA)-3,12-DIHYDROXYCHOLAN-24-OIC ACID' DXC 
5 water                                                     HOH 
# 
loop_
_entity_poly_seq.entity_id 
_entity_poly_seq.num 
_entity_poly_seq.mon_id 
_entity_poly_seq.hetero 
1 1  ALA n 
1 2  ASP n 
1 3  ASP n 
1 4  ILE n 
1 5  VAL n 
1 6  LEU n 
1 7  LYS n 
1 8  ALA n 
1 9  LYS n 
1 10 ASN n 
1 11 GLY n 
1 12 ASP n 
1 13 VAL n 
1 14 LYS n 
1 15 PHE n 
1 16 PRO n 
1 17 HIS n 
1 18 LYS n 
1 19 ALA n 
1 20 HIS n 
1 21 GLN n 
1 22 LYS n 
1 23 ALA n 
1 24 VAL n 
1 25 PRO n 
1 26 ASP n 
1 27 CYS n 
1 28 LYS n 
1 29 LYS n 
1 30 CYS n 
1 31 HIS n 
1 32 GLU n 
1 33 LYS n 
1 34 GLY n 
1 35 PRO n 
1 36 GLY n 
1 37 LYS n 
1 38 ILE n 
1 39 GLU n 
1 40 GLY n 
1 41 PHE n 
1 42 GLY n 
1 43 LYS n 
1 44 GLU n 
1 45 MET n 
1 46 ALA n 
1 47 HIS n 
1 48 GLY n 
1 49 LYS n 
1 50 GLY n 
1 51 CYS n 
1 52 LYS n 
1 53 GLY n 
1 54 CYS n 
1 55 HIS n 
1 56 GLU n 
1 57 GLU n 
1 58 MET n 
1 59 LYS n 
1 60 LYS n 
1 61 GLY n 
1 62 PRO n 
1 63 THR n 
1 64 LYS n 
1 65 CYS n 
1 66 GLY n 
1 67 GLU n 
1 68 CYS n 
1 69 HIS n 
1 70 LYS n 
1 71 LYS n 
# 
_entity_src_gen.entity_id                          1 
_entity_src_gen.pdbx_src_id                        1 
_entity_src_gen.pdbx_alt_source_flag               sample 
_entity_src_gen.pdbx_seq_type                      ? 
_entity_src_gen.pdbx_beg_seq_num                   ? 
_entity_src_gen.pdbx_end_seq_num                   ? 
_entity_src_gen.gene_src_common_name               ? 
_entity_src_gen.gene_src_genus                     Geobacter 
_entity_src_gen.pdbx_gene_src_gene                 ? 
_entity_src_gen.gene_src_species                   ? 
_entity_src_gen.gene_src_strain                    ? 
_entity_src_gen.gene_src_tissue                    ? 
_entity_src_gen.gene_src_tissue_fraction           ? 
_entity_src_gen.gene_src_details                   ? 
_entity_src_gen.pdbx_gene_src_fragment             ? 
_entity_src_gen.pdbx_gene_src_scientific_name      'Geobacter sulfurreducens' 
_entity_src_gen.pdbx_gene_src_ncbi_taxonomy_id     35554 
_entity_src_gen.pdbx_gene_src_variant              ? 
_entity_src_gen.pdbx_gene_src_cell_line            ? 
_entity_src_gen.pdbx_gene_src_atcc                 ? 
_entity_src_gen.pdbx_gene_src_organ                ? 
_entity_src_gen.pdbx_gene_src_organelle            ? 
_entity_src_gen.pdbx_gene_src_cell                 ? 
_entity_src_gen.pdbx_gene_src_cellular_location    ? 
_entity_src_gen.host_org_common_name               ? 
_entity_src_gen.pdbx_host_org_scientific_name      'Escherichia coli BL21(DE3)' 
_entity_src_gen.pdbx_host_org_ncbi_taxonomy_id     469008 
_entity_src_gen.host_org_genus                     Escherichia 
_entity_src_gen.pdbx_host_org_gene                 ? 
_entity_src_gen.pdbx_host_org_organ                ? 
_entity_src_gen.host_org_species                   'Escherichia coli' 
_entity_src_gen.pdbx_host_org_tissue               ? 
_entity_src_gen.pdbx_host_org_tissue_fraction      ? 
_entity_src_gen.pdbx_host_org_strain               'BL21(DE3)' 
_entity_src_gen.pdbx_host_org_variant              ? 
_entity_src_gen.pdbx_host_org_cell_line            ? 
_entity_src_gen.pdbx_host_org_atcc                 ? 
_entity_src_gen.pdbx_host_org_culture_collection   ? 
_entity_src_gen.pdbx_host_org_cell                 ? 
_entity_src_gen.pdbx_host_org_organelle            ? 
_entity_src_gen.pdbx_host_org_cellular_location    ? 
_entity_src_gen.pdbx_host_org_vector_type          pASK40 
_entity_src_gen.pdbx_host_org_vector               ? 
_entity_src_gen.host_org_details                   ? 
_entity_src_gen.expression_system_id               ? 
_entity_src_gen.plasmid_name                       ? 
_entity_src_gen.plasmid_details                    ? 
_entity_src_gen.pdbx_description                   ? 
# 
loop_
_chem_comp.id 
_chem_comp.type 
_chem_comp.mon_nstd_flag 
_chem_comp.name 
_chem_comp.pdbx_synonyms 
_chem_comp.formula 
_chem_comp.formula_weight 
ALA 'L-peptide linking' y ALANINE                                                   ?                  'C3 H7 N O2'       89.093  
ASN 'L-peptide linking' y ASPARAGINE                                                ?                  'C4 H8 N2 O3'      132.118 
ASP 'L-peptide linking' y 'ASPARTIC ACID'                                           ?                  'C4 H7 N O4'       133.103 
CYS 'L-peptide linking' y CYSTEINE                                                  ?                  'C3 H7 N O2 S'     121.158 
DXC non-polymer         . '(3ALPHA,5BETA,12ALPHA)-3,12-DIHYDROXYCHOLAN-24-OIC ACID' 'DEOXYCHOLIC ACID' 'C24 H40 O4'       392.572 
GLN 'L-peptide linking' y GLUTAMINE                                                 ?                  'C5 H10 N2 O3'     146.144 
GLU 'L-peptide linking' y 'GLUTAMIC ACID'                                           ?                  'C5 H9 N O4'       147.129 
GLY 'peptide linking'   y GLYCINE                                                   ?                  'C2 H5 N O2'       75.067  
HEC non-polymer         . 'HEME C'                                                  ?                  'C34 H34 Fe N4 O4' 618.503 
HIS 'L-peptide linking' y HISTIDINE                                                 ?                  'C6 H10 N3 O2 1'   156.162 
HOH non-polymer         . WATER                                                     ?                  'H2 O'             18.015  
ILE 'L-peptide linking' y ISOLEUCINE                                                ?                  'C6 H13 N O2'      131.173 
LEU 'L-peptide linking' y LEUCINE                                                   ?                  'C6 H13 N O2'      131.173 
LYS 'L-peptide linking' y LYSINE                                                    ?                  'C6 H15 N2 O2 1'   147.195 
MET 'L-peptide linking' y METHIONINE                                                ?                  'C5 H11 N O2 S'    149.211 
PHE 'L-peptide linking' y PHENYLALANINE                                             ?                  'C9 H11 N O2'      165.189 
PRO 'L-peptide linking' y PROLINE                                                   ?                  'C5 H9 N O2'       115.130 
SO4 non-polymer         . 'SULFATE ION'                                             ?                  'O4 S -2'          96.063  
THR 'L-peptide linking' y THREONINE                                                 ?                  'C4 H9 N O3'       119.119 
VAL 'L-peptide linking' y VALINE                                                    ?                  'C5 H11 N O2'      117.146 
# 
loop_
_pdbx_poly_seq_scheme.asym_id 
_pdbx_poly_seq_scheme.entity_id 
_pdbx_poly_seq_scheme.seq_id 
_pdbx_poly_seq_scheme.mon_id 
_pdbx_poly_seq_scheme.ndb_seq_num 
_pdbx_poly_seq_scheme.pdb_seq_num 
_pdbx_poly_seq_scheme.auth_seq_num 
_pdbx_poly_seq_scheme.pdb_mon_id 
_pdbx_poly_seq_scheme.auth_mon_id 
_pdbx_poly_seq_scheme.pdb_strand_id 
_pdbx_poly_seq_scheme.pdb_ins_code 
_pdbx_poly_seq_scheme.hetero 
A 1 1  ALA 1  1  1  ALA ALA A . n 
A 1 2  ASP 2  2  2  ASP ASP A . n 
A 1 3  ASP 3  3  3  ASP ASP A . n 
A 1 4  ILE 4  4  4  ILE ILE A . n 
A 1 5  VAL 5  5  5  VAL VAL A . n 
A 1 6  LEU 6  6  6  LEU LEU A . n 
A 1 7  LYS 7  7  7  LYS LYS A . n 
A 1 8  ALA 8  8  8  ALA ALA A . n 
A 1 9  LYS 9  9  9  LYS LYS A . n 
A 1 10 ASN 10 10 10 ASN ASN A . n 
A 1 11 GLY 11 11 11 GLY GLY A . n 
A 1 12 ASP 12 12 12 ASP ASP A . n 
A 1 13 VAL 13 13 13 VAL VAL A . n 
A 1 14 LYS 14 14 14 LYS LYS A . n 
A 1 15 PHE 15 15 15 PHE PHE A . n 
A 1 16 PRO 16 16 16 PRO PRO A . n 
A 1 17 HIS 17 17 17 HIS HIS A . n 
A 1 18 LYS 18 18 18 LYS LYS A . n 
A 1 19 ALA 19 19 19 ALA ALA A . n 
A 1 20 HIS 20 20 20 HIS HIS A . n 
A 1 21 GLN 21 21 21 GLN GLN A . n 
A 1 22 LYS 22 22 22 LYS LYS A . n 
A 1 23 ALA 23 23 23 ALA ALA A . n 
A 1 24 VAL 24 24 24 VAL VAL A . n 
A 1 25 PRO 25 25 25 PRO PRO A . n 
A 1 26 ASP 26 26 26 ASP ASP A . n 
A 1 27 CYS 27 27 27 CYS CYS A . n 
A 1 28 LYS 28 28 28 LYS LYS A . n 
A 1 29 LYS 29 29 29 LYS LYS A . n 
A 1 30 CYS 30 30 30 CYS CYS A . n 
A 1 31 HIS 31 31 31 HIS HIS A . n 
A 1 32 GLU 32 32 32 GLU GLU A . n 
A 1 33 LYS 33 33 33 LYS LYS A . n 
A 1 34 GLY 34 34 34 GLY GLY A . n 
A 1 35 PRO 35 35 35 PRO PRO A . n 
A 1 36 GLY 36 36 36 GLY GLY A . n 
A 1 37 LYS 37 37 37 LYS LYS A . n 
A 1 38 ILE 38 38 38 ILE ILE A . n 
A 1 39 GLU 39 39 39 GLU GLU A . n 
A 1 40 GLY 40 40 40 GLY GLY A . n 
A 1 41 PHE 41 41 41 PHE PHE A . n 
A 1 42 GLY 42 42 42 GLY GLY A . n 
A 1 43 LYS 43 43 43 LYS LYS A . n 
A 1 44 GLU 44 44 44 GLU GLU A . n 
A 1 45 MET 45 45 45 MET MET A . n 
A 1 46 ALA 46 46 46 ALA ALA A . n 
A 1 47 HIS 47 47 47 HIS HIS A . n 
A 1 48 GLY 48 48 48 GLY GLY A . n 
A 1 49 LYS 49 49 49 LYS LYS A . n 
A 1 50 GLY 50 50 50 GLY GLY A . n 
A 1 51 CYS 51 51 51 CYS CYS A . n 
A 1 52 LYS 52 52 52 LYS LYS A . n 
A 1 53 GLY 53 53 53 GLY GLY A . n 
A 1 54 CYS 54 54 54 CYS CYS A . n 
A 1 55 HIS 55 55 55 HIS HIS A . n 
A 1 56 GLU 56 56 56 GLU GLU A . n 
A 1 57 GLU 57 57 57 GLU GLU A . n 
A 1 58 MET 58 58 58 MET MET A . n 
A 1 59 LYS 59 59 59 LYS LYS A . n 
A 1 60 LYS 60 60 60 LYS LYS A . n 
A 1 61 GLY 61 61 61 GLY GLY A . n 
A 1 62 PRO 62 62 62 PRO PRO A . n 
A 1 63 THR 63 63 63 THR THR A . n 
A 1 64 LYS 64 64 64 LYS LYS A . n 
A 1 65 CYS 65 65 65 CYS CYS A . n 
A 1 66 GLY 66 66 66 GLY GLY A . n 
A 1 67 GLU 67 67 67 GLU GLU A . n 
A 1 68 CYS 68 68 68 CYS CYS A . n 
A 1 69 HIS 69 69 69 HIS HIS A . n 
A 1 70 LYS 70 70 70 LYS LYS A . n 
A 1 71 LYS 71 71 71 LYS LYS A . n 
# 
loop_
_pdbx_nonpoly_scheme.asym_id 
_pdbx_nonpoly_scheme.entity_id 
_pdbx_nonpoly_scheme.mon_id 
_pdbx_nonpoly_scheme.ndb_seq_num 
_pdbx_nonpoly_scheme.pdb_seq_num 
_pdbx_nonpoly_scheme.auth_seq_num 
_pdbx_nonpoly_scheme.pdb_mon_id 
_pdbx_nonpoly_scheme.auth_mon_id 
_pdbx_nonpoly_scheme.pdb_strand_id 
_pdbx_nonpoly_scheme.pdb_ins_code 
B 2 SO4 1  76  76  SO4 SO4 A . 
C 2 SO4 1  77  77  SO4 SO4 A . 
D 2 SO4 1  78  78  SO4 SO4 A . 
E 3 HEC 1  72  72  HEC HEM A . 
F 3 HEC 1  73  73  HEC HEM A . 
G 3 HEC 1  74  74  HEC HEM A . 
H 4 DXC 1  75  75  DXC DXC A . 
I 5 HOH 1  101 101 HOH HOH A . 
I 5 HOH 2  102 102 HOH HOH A . 
I 5 HOH 3  103 103 HOH HOH A . 
I 5 HOH 4  104 104 HOH HOH A . 
I 5 HOH 5  105 105 HOH HOH A . 
I 5 HOH 6  106 106 HOH HOH A . 
I 5 HOH 7  107 107 HOH HOH A . 
I 5 HOH 8  108 108 HOH HOH A . 
I 5 HOH 9  109 109 HOH HOH A . 
I 5 HOH 10 110 110 HOH HOH A . 
I 5 HOH 11 111 111 HOH HOH A . 
I 5 HOH 12 112 112 HOH HOH A . 
I 5 HOH 13 113 113 HOH HOH A . 
I 5 HOH 14 114 114 HOH HOH A . 
I 5 HOH 15 115 115 HOH HOH A . 
I 5 HOH 16 116 116 HOH HOH A . 
I 5 HOH 17 117 117 HOH HOH A . 
I 5 HOH 18 118 118 HOH HOH A . 
I 5 HOH 19 119 119 HOH HOH A . 
I 5 HOH 20 120 120 HOH HOH A . 
I 5 HOH 21 121 121 HOH HOH A . 
I 5 HOH 22 122 122 HOH HOH A . 
I 5 HOH 23 123 123 HOH HOH A . 
I 5 HOH 24 124 124 HOH HOH A . 
I 5 HOH 25 125 125 HOH HOH A . 
I 5 HOH 26 126 126 HOH HOH A . 
I 5 HOH 27 127 127 HOH HOH A . 
I 5 HOH 28 128 128 HOH HOH A . 
I 5 HOH 29 129 129 HOH HOH A . 
I 5 HOH 30 130 130 HOH HOH A . 
I 5 HOH 31 131 131 HOH HOH A . 
I 5 HOH 32 132 132 HOH HOH A . 
I 5 HOH 33 133 133 HOH HOH A . 
I 5 HOH 34 134 134 HOH HOH A . 
I 5 HOH 35 135 135 HOH HOH A . 
I 5 HOH 36 136 136 HOH HOH A . 
I 5 HOH 37 137 137 HOH HOH A . 
I 5 HOH 38 138 138 HOH HOH A . 
I 5 HOH 39 139 139 HOH HOH A . 
I 5 HOH 40 140 140 HOH HOH A . 
I 5 HOH 41 141 141 HOH HOH A . 
I 5 HOH 42 142 142 HOH HOH A . 
I 5 HOH 43 143 143 HOH HOH A . 
I 5 HOH 44 144 144 HOH HOH A . 
I 5 HOH 45 145 145 HOH HOH A . 
I 5 HOH 46 146 146 HOH HOH A . 
I 5 HOH 47 147 147 HOH HOH A . 
I 5 HOH 48 148 148 HOH HOH A . 
I 5 HOH 49 149 149 HOH HOH A . 
I 5 HOH 50 150 150 HOH HOH A . 
I 5 HOH 51 151 151 HOH HOH A . 
I 5 HOH 52 152 152 HOH HOH A . 
I 5 HOH 53 153 153 HOH HOH A . 
I 5 HOH 54 154 154 HOH HOH A . 
I 5 HOH 55 155 155 HOH HOH A . 
I 5 HOH 56 156 156 HOH HOH A . 
I 5 HOH 57 157 157 HOH HOH A . 
I 5 HOH 58 158 158 HOH HOH A . 
I 5 HOH 59 159 159 HOH HOH A . 
I 5 HOH 60 160 160 HOH HOH A . 
I 5 HOH 61 161 161 HOH HOH A . 
I 5 HOH 62 162 162 HOH HOH A . 
I 5 HOH 63 163 163 HOH HOH A . 
I 5 HOH 64 164 164 HOH HOH A . 
I 5 HOH 65 165 165 HOH HOH A . 
I 5 HOH 66 166 166 HOH HOH A . 
I 5 HOH 67 167 167 HOH HOH A . 
I 5 HOH 68 168 168 HOH HOH A . 
I 5 HOH 69 169 169 HOH HOH A . 
I 5 HOH 70 170 170 HOH HOH A . 
I 5 HOH 71 171 171 HOH HOH A . 
I 5 HOH 72 172 172 HOH HOH A . 
I 5 HOH 73 173 173 HOH HOH A . 
I 5 HOH 74 174 174 HOH HOH A . 
I 5 HOH 75 175 175 HOH HOH A . 
I 5 HOH 76 176 176 HOH HOH A . 
I 5 HOH 77 177 177 HOH HOH A . 
I 5 HOH 78 178 178 HOH HOH A . 
I 5 HOH 79 179 179 HOH HOH A . 
I 5 HOH 80 180 180 HOH HOH A . 
I 5 HOH 81 181 181 HOH HOH A . 
I 5 HOH 82 182 182 HOH HOH A . 
I 5 HOH 83 183 183 HOH HOH A . 
I 5 HOH 84 184 184 HOH HOH A . 
I 5 HOH 85 185 185 HOH HOH A . 
I 5 HOH 86 186 186 HOH HOH A . 
I 5 HOH 87 187 187 HOH HOH A . 
I 5 HOH 88 188 188 HOH HOH A . 
I 5 HOH 89 189 189 HOH HOH A . 
I 5 HOH 90 190 190 HOH HOH A . 
I 5 HOH 91 191 191 HOH HOH A . 
I 5 HOH 92 192 192 HOH HOH A . 
I 5 HOH 93 193 193 HOH HOH A . 
I 5 HOH 94 194 194 HOH HOH A . 
I 5 HOH 95 195 195 HOH HOH A . 
# 
loop_
_pdbx_unobs_or_zero_occ_atoms.id 
_pdbx_unobs_or_zero_occ_atoms.PDB_model_num 
_pdbx_unobs_or_zero_occ_atoms.polymer_flag 
_pdbx_unobs_or_zero_occ_atoms.occupancy_flag 
_pdbx_unobs_or_zero_occ_atoms.auth_asym_id 
_pdbx_unobs_or_zero_occ_atoms.auth_comp_id 
_pdbx_unobs_or_zero_occ_atoms.auth_seq_id 
_pdbx_unobs_or_zero_occ_atoms.PDB_ins_code 
_pdbx_unobs_or_zero_occ_atoms.auth_atom_id 
_pdbx_unobs_or_zero_occ_atoms.label_alt_id 
_pdbx_unobs_or_zero_occ_atoms.label_asym_id 
_pdbx_unobs_or_zero_occ_atoms.label_comp_id 
_pdbx_unobs_or_zero_occ_atoms.label_seq_id 
_pdbx_unobs_or_zero_occ_atoms.label_atom_id 
1 1 Y 1 A GLU 44 ? CG  ? A GLU 44 CG  
2 1 Y 1 A GLU 44 ? CD  ? A GLU 44 CD  
3 1 Y 1 A GLU 44 ? OE1 ? A GLU 44 OE1 
4 1 Y 1 A GLU 44 ? OE2 ? A GLU 44 OE2 
# 
loop_
_software.name 
_software.classification 
_software.version 
_software.citation_id 
_software.pdbx_ordinal 
SHELX     'model building' . ? 1 
SHELXL-97 refinement       . ? 2 
HKL-2000  'data reduction' . ? 3 
SCALEPACK 'data scaling'   . ? 4 
CNS       phasing          . ? 5 
# 
_cell.entry_id           1OS6 
_cell.length_a           32.400 
_cell.length_b           32.400 
_cell.length_c           178.400 
_cell.angle_alpha        90.00 
_cell.angle_beta         90.00 
_cell.angle_gamma        90.00 
_cell.Z_PDB              8 
_cell.pdbx_unique_axis   ? 
# 
_symmetry.entry_id                         1OS6 
_symmetry.space_group_name_H-M             'P 43 2 2' 
_symmetry.pdbx_full_space_group_name_H-M   ? 
_symmetry.cell_setting                     ? 
_symmetry.Int_Tables_number                95 
# 
_exptl.entry_id          1OS6 
_exptl.method            'X-RAY DIFFRACTION' 
_exptl.crystals_number   1 
# 
_exptl_crystal.id                    1 
_exptl_crystal.density_meas          ? 
_exptl_crystal.density_Matthews      2.62 
_exptl_crystal.density_percent_sol   53.1 
_exptl_crystal.description           ? 
# 
_exptl_crystal_grow.crystal_id      1 
_exptl_crystal_grow.method          'VAPOR DIFFUSION, HANGING DROP' 
_exptl_crystal_grow.temp            293 
_exptl_crystal_grow.temp_details    ? 
_exptl_crystal_grow.pH              6.0 
_exptl_crystal_grow.pdbx_details    
'3.5 M Ammonium sulfate, 0.25% deoxycholic acid, pH 6.0, VAPOR DIFFUSION, HANGING DROP, temperature 293K' 
_exptl_crystal_grow.pdbx_pH_range   . 
# 
loop_
_diffrn.id 
_diffrn.ambient_temp 
_diffrn.ambient_temp_details 
_diffrn.crystal_id 
1   100 ? 1 
2   ?   ? 1 
1,2 ?   ? 1 
# 
loop_
_diffrn_detector.diffrn_id 
_diffrn_detector.detector 
_diffrn_detector.type 
_diffrn_detector.pdbx_collection_date 
_diffrn_detector.details 
1 CCD SBC-2 2001-12-18 ? 
2 CCD APS-1 ?          ? 
# 
loop_
_diffrn_radiation.diffrn_id 
_diffrn_radiation.wavelength_id 
_diffrn_radiation.pdbx_monochromatic_or_laue_m_l 
_diffrn_radiation.monochromator 
_diffrn_radiation.pdbx_diffrn_protocol 
_diffrn_radiation.pdbx_scattering_type 
1 1 M ? 'SINGLE WAVELENGTH' x-ray 
2 2 M ? MAD                 x-ray 
# 
loop_
_diffrn_radiation_wavelength.id 
_diffrn_radiation_wavelength.wavelength 
_diffrn_radiation_wavelength.wt 
1 1.0332 1.0 
2 1.7394 1.0 
3 1.7411 1.0 
4 1.6919 1.0 
# 
loop_
_diffrn_source.diffrn_id 
_diffrn_source.source 
_diffrn_source.type 
_diffrn_source.pdbx_synchrotron_site 
_diffrn_source.pdbx_synchrotron_beamline 
_diffrn_source.pdbx_wavelength 
_diffrn_source.pdbx_wavelength_list 
1 SYNCHROTRON 'APS BEAMLINE 19-ID' APS 19-ID ? 1.0332                   
2 SYNCHROTRON 'APS BEAMLINE 19-BM' APS 19-BM ? '1.7394, 1.7411, 1.6919' 
# 
_reflns.entry_id                     1OS6 
_reflns.observed_criterion_sigma_I   -3 
_reflns.observed_criterion_sigma_F   ? 
_reflns.d_resolution_low             100.0 
_reflns.d_resolution_high            1.45 
_reflns.number_obs                   30830 
_reflns.number_all                   30830 
_reflns.percent_possible_obs         95.7 
_reflns.pdbx_Rmerge_I_obs            0.061 
_reflns.pdbx_Rsym_value              ? 
_reflns.pdbx_netI_over_sigmaI        57.7 
_reflns.B_iso_Wilson_estimate        12.9 
_reflns.pdbx_redundancy              5 
_reflns.R_free_details               ? 
_reflns.limit_h_max                  ? 
_reflns.limit_h_min                  ? 
_reflns.limit_k_max                  ? 
_reflns.limit_k_min                  ? 
_reflns.limit_l_max                  ? 
_reflns.limit_l_min                  ? 
_reflns.observed_criterion_F_max     ? 
_reflns.observed_criterion_F_min     ? 
_reflns.pdbx_ordinal                 1 
_reflns.pdbx_diffrn_id               1,2 
# 
_reflns_shell.d_res_high             1.45 
_reflns_shell.d_res_low              1.50 
_reflns_shell.percent_possible_all   72.8 
_reflns_shell.Rmerge_I_obs           0.134 
_reflns_shell.pdbx_Rsym_value        ? 
_reflns_shell.meanI_over_sigI_obs    9.2 
_reflns_shell.pdbx_redundancy        1.8 
_reflns_shell.percent_possible_obs   ? 
_reflns_shell.number_unique_all      2323 
_reflns_shell.pdbx_ordinal           1 
_reflns_shell.pdbx_diffrn_id         1,2 
# 
_refine.entry_id                                 1OS6 
_refine.ls_number_reflns_obs                     26666 
_refine.ls_number_reflns_all                     27804 
_refine.pdbx_ls_sigma_I                          ? 
_refine.pdbx_ls_sigma_F                          0.0 
_refine.pdbx_data_cutoff_high_absF               ? 
_refine.pdbx_data_cutoff_low_absF                ? 
_refine.pdbx_data_cutoff_high_rms_absF           ? 
_refine.ls_d_res_low                             30.00 
_refine.ls_d_res_high                            1.45 
_refine.ls_percent_reflns_obs                    95.0 
_refine.ls_R_factor_obs                          0.1821 
_refine.ls_R_factor_all                          0.1821 
_refine.ls_R_factor_R_work                       0.1821 
_refine.ls_R_factor_R_free                       0.2267 
_refine.ls_R_factor_R_free_error                 ? 
_refine.ls_R_factor_R_free_error_details         ? 
_refine.ls_percent_reflns_R_free                 ? 
_refine.ls_number_reflns_R_free                  2751 
_refine.ls_number_parameters                     3222 
_refine.ls_number_restraints                     2752 
_refine.occupancy_min                            ? 
_refine.occupancy_max                            ? 
_refine.correlation_coeff_Fo_to_Fc               ? 
_refine.correlation_coeff_Fo_to_Fc_free          ? 
_refine.B_iso_mean                               17.4 
_refine.aniso_B[1][1]                            ? 
_refine.aniso_B[2][2]                            ? 
_refine.aniso_B[3][3]                            ? 
_refine.aniso_B[1][2]                            ? 
_refine.aniso_B[1][3]                            ? 
_refine.aniso_B[2][3]                            ? 
_refine.solvent_model_details                    ? 
_refine.solvent_model_param_ksol                 ? 
_refine.solvent_model_param_bsol                 ? 
_refine.pdbx_solvent_vdw_probe_radii             ? 
_refine.pdbx_solvent_ion_probe_radii             ? 
_refine.pdbx_solvent_shrinkage_radii             ? 
_refine.pdbx_ls_cross_valid_method               'FREE R' 
_refine.details                                  'ANISOTROPIC REFINEMENT of Fe atoms REDUCED FREE R (NO CUTOFF) BY 0.5%' 
_refine.pdbx_starting_model                      ? 
_refine.pdbx_method_to_determine_struct          MAD 
_refine.pdbx_isotropic_thermal_model             ? 
_refine.pdbx_stereochemistry_target_values       'ENGH AND HUBER' 
_refine.pdbx_stereochem_target_val_spec_case     ? 
_refine.pdbx_R_Free_selection_details            RANDOM 
_refine.pdbx_overall_ESU_R                       ? 
_refine.pdbx_overall_ESU_R_Free                  ? 
_refine.overall_SU_ML                            ? 
_refine.overall_SU_B                             ? 
_refine.ls_redundancy_reflns_obs                 ? 
_refine.B_iso_min                                ? 
_refine.B_iso_max                                ? 
_refine.overall_SU_R_Cruickshank_DPI             ? 
_refine.overall_SU_R_free                        ? 
_refine.pdbx_refine_id                           'X-RAY DIFFRACTION' 
_refine.pdbx_diffrn_id                           1 
_refine.pdbx_TLS_residual_ADP_flag               ? 
_refine.pdbx_overall_phase_error                 ? 
_refine.pdbx_overall_SU_R_free_Cruickshank_DPI   ? 
_refine.pdbx_overall_SU_R_Blow_DPI               ? 
_refine.pdbx_overall_SU_R_free_Blow_DPI          ? 
# 
_refine_analyze.entry_id                        1OS6 
_refine_analyze.Luzzati_coordinate_error_obs    0.15 
_refine_analyze.Luzzati_sigma_a_obs             0.11 
_refine_analyze.Luzzati_d_res_low_obs           5.0 
_refine_analyze.Luzzati_coordinate_error_free   0.18 
_refine_analyze.Luzzati_sigma_a_free            0.08 
_refine_analyze.Luzzati_d_res_low_free          ? 
_refine_analyze.number_disordered_residues      1 
_refine_analyze.occupancy_sum_hydrogen          0.00 
_refine_analyze.occupancy_sum_non_hydrogen      798.00 
_refine_analyze.pdbx_Luzzati_d_res_high_obs     ? 
_refine_analyze.pdbx_refine_id                  'X-RAY DIFFRACTION' 
# 
_refine_hist.pdbx_refine_id                   'X-RAY DIFFRACTION' 
_refine_hist.cycle_id                         LAST 
_refine_hist.pdbx_number_atoms_protein        532 
_refine_hist.pdbx_number_atoms_nucleic_acid   0 
_refine_hist.pdbx_number_atoms_ligand         172 
_refine_hist.number_atoms_solvent             95 
_refine_hist.number_atoms_total               799 
_refine_hist.d_res_high                       1.45 
_refine_hist.d_res_low                        30.00 
# 
loop_
_refine_ls_restr.type 
_refine_ls_restr.dev_ideal 
_refine_ls_restr.dev_ideal_target 
_refine_ls_restr.weight 
_refine_ls_restr.number 
_refine_ls_restr.pdbx_refine_id 
_refine_ls_restr.pdbx_restraint_function 
s_bond_d               0.015  ? ? ? 'X-RAY DIFFRACTION' ? 
s_angle_d              0.029  ? ? ? 'X-RAY DIFFRACTION' ? 
s_similar_dist         0.000  ? ? ? 'X-RAY DIFFRACTION' ? 
s_from_restr_planes    0.0268 ? ? ? 'X-RAY DIFFRACTION' ? 
s_zero_chiral_vol      0.078  ? ? ? 'X-RAY DIFFRACTION' ? 
s_non_zero_chiral_vol  0.071  ? ? ? 'X-RAY DIFFRACTION' ? 
s_anti_bump_dis_restr  0.042  ? ? ? 'X-RAY DIFFRACTION' ? 
s_rigid_bond_adp_cmpnt 0.000  ? ? ? 'X-RAY DIFFRACTION' ? 
s_similar_adp_cmpnt    0.073  ? ? ? 'X-RAY DIFFRACTION' ? 
s_approx_iso_adps      0.000  ? ? ? 'X-RAY DIFFRACTION' ? 
# 
_pdbx_refine.entry_id                                    1OS6 
_pdbx_refine.R_factor_all_no_cutoff                      0.1821 
_pdbx_refine.R_factor_obs_no_cutoff                      ? 
_pdbx_refine.free_R_factor_no_cutoff                     ? 
_pdbx_refine.free_R_val_test_set_size_perc_no_cutoff     ? 
_pdbx_refine.free_R_val_test_set_ct_no_cutoff            ? 
_pdbx_refine.R_factor_all_4sig_cutoff                    0.1795 
_pdbx_refine.R_factor_obs_4sig_cutoff                    ? 
_pdbx_refine.free_R_factor_4sig_cutoff                   ? 
_pdbx_refine.free_R_val_test_set_size_perc_4sig_cutoff   ? 
_pdbx_refine.free_R_val_test_set_ct_4sig_cutoff          ? 
_pdbx_refine.number_reflns_obs_4sig_cutoff               26666 
_pdbx_refine.number_reflns_obs_no_cutoff                 ? 
_pdbx_refine.pdbx_refine_id                              'X-RAY DIFFRACTION' 
_pdbx_refine.free_R_error_no_cutoff                      ? 
# 
_struct.entry_id                  1OS6 
_struct.title                     'Cytochrome c7 (PpcA) from Geobacter sulfurreducens' 
_struct.pdbx_model_details        ? 
_struct.pdbx_CASP_flag            ? 
_struct.pdbx_model_type_details   ? 
# 
_struct_keywords.entry_id        1OS6 
_struct_keywords.pdbx_keywords   'ELECTRON TRANSPORT' 
_struct_keywords.text            'mutli-heme cytochrome, PpcA, ELECTRON TRANSPORT' 
# 
loop_
_struct_asym.id 
_struct_asym.pdbx_blank_PDB_chainid_flag 
_struct_asym.pdbx_modified 
_struct_asym.entity_id 
_struct_asym.details 
A N N 1 ? 
B N N 2 ? 
C N N 2 ? 
D N N 2 ? 
E N N 3 ? 
F N N 3 ? 
G N N 3 ? 
H N N 4 ? 
I N N 5 ? 
# 
_struct_ref.id                         1 
_struct_ref.db_name                    UNP 
_struct_ref.db_code                    Q8GGK7_GEOSL 
_struct_ref.pdbx_db_accession          Q8GGK7 
_struct_ref.entity_id                  1 
_struct_ref.pdbx_seq_one_letter_code   ADDIVLKAKNGDVKFPHKAHQKAVPDCKKCHEKGPGKIEGFGKEMAHGKGCKGCHEEMKKGPTKCGECHKK 
_struct_ref.pdbx_align_begin           21 
_struct_ref.pdbx_db_isoform            ? 
# 
_struct_ref_seq.align_id                      1 
_struct_ref_seq.ref_id                        1 
_struct_ref_seq.pdbx_PDB_id_code              1OS6 
_struct_ref_seq.pdbx_strand_id                A 
_struct_ref_seq.seq_align_beg                 1 
_struct_ref_seq.pdbx_seq_align_beg_ins_code   ? 
_struct_ref_seq.seq_align_end                 71 
_struct_ref_seq.pdbx_seq_align_end_ins_code   ? 
_struct_ref_seq.pdbx_db_accession             Q8GGK7 
_struct_ref_seq.db_align_beg                  21 
_struct_ref_seq.pdbx_db_align_beg_ins_code    ? 
_struct_ref_seq.db_align_end                  91 
_struct_ref_seq.pdbx_db_align_end_ins_code    ? 
_struct_ref_seq.pdbx_auth_seq_align_beg       1 
_struct_ref_seq.pdbx_auth_seq_align_end       71 
# 
loop_
_pdbx_struct_assembly.id 
_pdbx_struct_assembly.details 
_pdbx_struct_assembly.method_details 
_pdbx_struct_assembly.oligomeric_details 
_pdbx_struct_assembly.oligomeric_count 
1 author_defined_assembly   ?        monomeric 1 
2 software_defined_assembly PISA,PQS dimeric   2 
# 
loop_
_pdbx_struct_assembly_prop.biol_id 
_pdbx_struct_assembly_prop.type 
_pdbx_struct_assembly_prop.value 
_pdbx_struct_assembly_prop.details 
2 'ABSA (A^2)' 11230 ? 
2 MORE         -224  ? 
2 'SSA (A^2)'  8600  ? 
# 
loop_
_pdbx_struct_assembly_gen.assembly_id 
_pdbx_struct_assembly_gen.oper_expression 
_pdbx_struct_assembly_gen.asym_id_list 
1 1   A,B,C,D,E,F,G,H,I 
2 1,2 A,B,C,D,E,F,G,H,I 
# 
loop_
_pdbx_struct_oper_list.id 
_pdbx_struct_oper_list.type 
_pdbx_struct_oper_list.name 
_pdbx_struct_oper_list.symmetry_operation 
_pdbx_struct_oper_list.matrix[1][1] 
_pdbx_struct_oper_list.matrix[1][2] 
_pdbx_struct_oper_list.matrix[1][3] 
_pdbx_struct_oper_list.vector[1] 
_pdbx_struct_oper_list.matrix[2][1] 
_pdbx_struct_oper_list.matrix[2][2] 
_pdbx_struct_oper_list.matrix[2][3] 
_pdbx_struct_oper_list.vector[2] 
_pdbx_struct_oper_list.matrix[3][1] 
_pdbx_struct_oper_list.matrix[3][2] 
_pdbx_struct_oper_list.matrix[3][3] 
_pdbx_struct_oper_list.vector[3] 
1 'identity operation'         1_555 x,y,z      1.0000000000  0.0000000000  0.0000000000 0.0000000000  0.0000000000  1.0000000000 0.0000000000  0.0000000000 0.0000000000 0.0000000000  1.0000000000  0.0000000000  
2 'crystal symmetry operation' 7_555 y,x,-z+1/4 -0.8110024812 -0.5166441732 0.2745064183 -0.6614033375 -0.5166441732 0.4123000317 -0.7503915525 9.3455303443 0.2745064183 -0.7503915525 -0.6012975505 18.0444501756 
# 
_struct_biol.id   1 
# 
loop_
_struct_conf.conf_type_id 
_struct_conf.id 
_struct_conf.pdbx_PDB_helix_id 
_struct_conf.beg_label_comp_id 
_struct_conf.beg_label_asym_id 
_struct_conf.beg_label_seq_id 
_struct_conf.pdbx_beg_PDB_ins_code 
_struct_conf.end_label_comp_id 
_struct_conf.end_label_asym_id 
_struct_conf.end_label_seq_id 
_struct_conf.pdbx_end_PDB_ins_code 
_struct_conf.beg_auth_comp_id 
_struct_conf.beg_auth_asym_id 
_struct_conf.beg_auth_seq_id 
_struct_conf.end_auth_comp_id 
_struct_conf.end_auth_asym_id 
_struct_conf.end_auth_seq_id 
_struct_conf.pdbx_PDB_helix_class 
_struct_conf.details 
_struct_conf.pdbx_PDB_helix_length 
HELX_P HELX_P1 1 PRO A 16 ? VAL A 24 ? PRO A 16 VAL A 24 1 ? 9 
HELX_P HELX_P2 2 ASP A 26 ? CYS A 30 ? ASP A 26 CYS A 30 5 ? 5 
HELX_P HELX_P3 3 GLY A 36 ? PHE A 41 ? GLY A 36 PHE A 41 1 ? 6 
HELX_P HELX_P4 4 GLY A 42 ? GLY A 48 ? GLY A 42 GLY A 48 1 ? 7 
HELX_P HELX_P5 5 CYS A 51 ? LYS A 59 ? CYS A 51 LYS A 59 1 ? 9 
HELX_P HELX_P6 6 LYS A 64 ? HIS A 69 ? LYS A 64 HIS A 69 1 ? 6 
# 
_struct_conf_type.id          HELX_P 
_struct_conf_type.criteria    ? 
_struct_conf_type.reference   ? 
# 
loop_
_struct_conn.id 
_struct_conn.conn_type_id 
_struct_conn.pdbx_leaving_atom_flag 
_struct_conn.pdbx_PDB_id 
_struct_conn.ptnr1_label_asym_id 
_struct_conn.ptnr1_label_comp_id 
_struct_conn.ptnr1_label_seq_id 
_struct_conn.ptnr1_label_atom_id 
_struct_conn.pdbx_ptnr1_label_alt_id 
_struct_conn.pdbx_ptnr1_PDB_ins_code 
_struct_conn.pdbx_ptnr1_standard_comp_id 
_struct_conn.ptnr1_symmetry 
_struct_conn.ptnr2_label_asym_id 
_struct_conn.ptnr2_label_comp_id 
_struct_conn.ptnr2_label_seq_id 
_struct_conn.ptnr2_label_atom_id 
_struct_conn.pdbx_ptnr2_label_alt_id 
_struct_conn.pdbx_ptnr2_PDB_ins_code 
_struct_conn.ptnr1_auth_asym_id 
_struct_conn.ptnr1_auth_comp_id 
_struct_conn.ptnr1_auth_seq_id 
_struct_conn.ptnr2_auth_asym_id 
_struct_conn.ptnr2_auth_comp_id 
_struct_conn.ptnr2_auth_seq_id 
_struct_conn.ptnr2_symmetry 
_struct_conn.pdbx_ptnr3_label_atom_id 
_struct_conn.pdbx_ptnr3_label_seq_id 
_struct_conn.pdbx_ptnr3_label_comp_id 
_struct_conn.pdbx_ptnr3_label_asym_id 
_struct_conn.pdbx_ptnr3_label_alt_id 
_struct_conn.pdbx_ptnr3_PDB_ins_code 
_struct_conn.details 
_struct_conn.pdbx_dist_value 
_struct_conn.pdbx_value_order 
_struct_conn.pdbx_role 
covale1 covale none ? A CYS 27 SG  ? ? ? 1_555 E HEC . CAB ? ? A CYS 27 A HEC 72 1_555 ? ? ? ? ? ? ? 1.967 ? ? 
covale2 covale none ? A CYS 30 SG  ? ? ? 1_555 E HEC . CAC ? ? A CYS 30 A HEC 72 1_555 ? ? ? ? ? ? ? 1.852 ? ? 
covale3 covale none ? A CYS 51 SG  ? ? ? 1_555 F HEC . CAB ? ? A CYS 51 A HEC 73 1_555 ? ? ? ? ? ? ? 1.775 ? ? 
covale4 covale none ? A CYS 54 SG  ? ? ? 1_555 F HEC . CAC ? ? A CYS 54 A HEC 73 1_555 ? ? ? ? ? ? ? 1.879 ? ? 
covale5 covale none ? A CYS 65 SG  ? ? ? 1_555 G HEC . CAB ? ? A CYS 65 A HEC 74 1_555 ? ? ? ? ? ? ? 1.771 ? ? 
covale6 covale none ? A CYS 68 SG  ? ? ? 1_555 G HEC . CAC ? ? A CYS 68 A HEC 74 1_555 ? ? ? ? ? ? ? 1.788 ? ? 
metalc1 metalc ?    ? A HIS 17 NE2 ? ? ? 1_555 E HEC . FE  ? ? A HIS 17 A HEC 72 1_555 ? ? ? ? ? ? ? 2.037 ? ? 
metalc2 metalc ?    ? A HIS 20 NE2 ? ? ? 1_555 F HEC . FE  ? ? A HIS 20 A HEC 73 1_555 ? ? ? ? ? ? ? 1.983 ? ? 
metalc3 metalc ?    ? A HIS 31 NE2 ? ? ? 1_555 E HEC . FE  ? ? A HIS 31 A HEC 72 1_555 ? ? ? ? ? ? ? 2.041 ? ? 
metalc4 metalc ?    ? A HIS 47 NE2 ? ? ? 1_555 G HEC . FE  ? ? A HIS 47 A HEC 74 1_555 ? ? ? ? ? ? ? 2.001 ? ? 
metalc5 metalc ?    ? A HIS 55 NE2 ? ? ? 1_555 F HEC . FE  ? ? A HIS 55 A HEC 73 1_555 ? ? ? ? ? ? ? 1.965 ? ? 
metalc6 metalc ?    ? A HIS 69 NE2 ? ? ? 1_555 G HEC . FE  ? ? A HIS 69 A HEC 74 1_555 ? ? ? ? ? ? ? 2.030 ? ? 
# 
loop_
_struct_conn_type.id 
_struct_conn_type.criteria 
_struct_conn_type.reference 
covale ? ? 
metalc ? ? 
# 
loop_
_pdbx_struct_conn_angle.id 
_pdbx_struct_conn_angle.ptnr1_label_atom_id 
_pdbx_struct_conn_angle.ptnr1_label_alt_id 
_pdbx_struct_conn_angle.ptnr1_label_asym_id 
_pdbx_struct_conn_angle.ptnr1_label_comp_id 
_pdbx_struct_conn_angle.ptnr1_label_seq_id 
_pdbx_struct_conn_angle.ptnr1_auth_atom_id 
_pdbx_struct_conn_angle.ptnr1_auth_asym_id 
_pdbx_struct_conn_angle.ptnr1_auth_comp_id 
_pdbx_struct_conn_angle.ptnr1_auth_seq_id 
_pdbx_struct_conn_angle.ptnr1_PDB_ins_code 
_pdbx_struct_conn_angle.ptnr1_symmetry 
_pdbx_struct_conn_angle.ptnr2_label_atom_id 
_pdbx_struct_conn_angle.ptnr2_label_alt_id 
_pdbx_struct_conn_angle.ptnr2_label_asym_id 
_pdbx_struct_conn_angle.ptnr2_label_comp_id 
_pdbx_struct_conn_angle.ptnr2_label_seq_id 
_pdbx_struct_conn_angle.ptnr2_auth_atom_id 
_pdbx_struct_conn_angle.ptnr2_auth_asym_id 
_pdbx_struct_conn_angle.ptnr2_auth_comp_id 
_pdbx_struct_conn_angle.ptnr2_auth_seq_id 
_pdbx_struct_conn_angle.ptnr2_PDB_ins_code 
_pdbx_struct_conn_angle.ptnr2_symmetry 
_pdbx_struct_conn_angle.ptnr3_label_atom_id 
_pdbx_struct_conn_angle.ptnr3_label_alt_id 
_pdbx_struct_conn_angle.ptnr3_label_asym_id 
_pdbx_struct_conn_angle.ptnr3_label_comp_id 
_pdbx_struct_conn_angle.ptnr3_label_seq_id 
_pdbx_struct_conn_angle.ptnr3_auth_atom_id 
_pdbx_struct_conn_angle.ptnr3_auth_asym_id 
_pdbx_struct_conn_angle.ptnr3_auth_comp_id 
_pdbx_struct_conn_angle.ptnr3_auth_seq_id 
_pdbx_struct_conn_angle.ptnr3_PDB_ins_code 
_pdbx_struct_conn_angle.ptnr3_symmetry 
_pdbx_struct_conn_angle.value 
_pdbx_struct_conn_angle.value_esd 
1  NE2 ? A HIS 17 ? A HIS 17 ? 1_555 FE ? E HEC . ? A HEC 72 ? 1_555 NA  ? E HEC .  ? A HEC 72 ? 1_555 86.8  ? 
2  NE2 ? A HIS 17 ? A HIS 17 ? 1_555 FE ? E HEC . ? A HEC 72 ? 1_555 NB  ? E HEC .  ? A HEC 72 ? 1_555 92.5  ? 
3  NA  ? E HEC .  ? A HEC 72 ? 1_555 FE ? E HEC . ? A HEC 72 ? 1_555 NB  ? E HEC .  ? A HEC 72 ? 1_555 88.8  ? 
4  NE2 ? A HIS 17 ? A HIS 17 ? 1_555 FE ? E HEC . ? A HEC 72 ? 1_555 NC  ? E HEC .  ? A HEC 72 ? 1_555 91.1  ? 
5  NA  ? E HEC .  ? A HEC 72 ? 1_555 FE ? E HEC . ? A HEC 72 ? 1_555 NC  ? E HEC .  ? A HEC 72 ? 1_555 177.8 ? 
6  NB  ? E HEC .  ? A HEC 72 ? 1_555 FE ? E HEC . ? A HEC 72 ? 1_555 NC  ? E HEC .  ? A HEC 72 ? 1_555 91.4  ? 
7  NE2 ? A HIS 17 ? A HIS 17 ? 1_555 FE ? E HEC . ? A HEC 72 ? 1_555 ND  ? E HEC .  ? A HEC 72 ? 1_555 88.8  ? 
8  NA  ? E HEC .  ? A HEC 72 ? 1_555 FE ? E HEC . ? A HEC 72 ? 1_555 ND  ? E HEC .  ? A HEC 72 ? 1_555 90.0  ? 
9  NB  ? E HEC .  ? A HEC 72 ? 1_555 FE ? E HEC . ? A HEC 72 ? 1_555 ND  ? E HEC .  ? A HEC 72 ? 1_555 178.2 ? 
10 NC  ? E HEC .  ? A HEC 72 ? 1_555 FE ? E HEC . ? A HEC 72 ? 1_555 ND  ? E HEC .  ? A HEC 72 ? 1_555 89.9  ? 
11 NE2 ? A HIS 17 ? A HIS 17 ? 1_555 FE ? E HEC . ? A HEC 72 ? 1_555 NE2 ? A HIS 31 ? A HIS 31 ? 1_555 177.7 ? 
12 NA  ? E HEC .  ? A HEC 72 ? 1_555 FE ? E HEC . ? A HEC 72 ? 1_555 NE2 ? A HIS 31 ? A HIS 31 ? 1_555 91.9  ? 
13 NB  ? E HEC .  ? A HEC 72 ? 1_555 FE ? E HEC . ? A HEC 72 ? 1_555 NE2 ? A HIS 31 ? A HIS 31 ? 1_555 89.3  ? 
14 NC  ? E HEC .  ? A HEC 72 ? 1_555 FE ? E HEC . ? A HEC 72 ? 1_555 NE2 ? A HIS 31 ? A HIS 31 ? 1_555 90.3  ? 
15 ND  ? E HEC .  ? A HEC 72 ? 1_555 FE ? E HEC . ? A HEC 72 ? 1_555 NE2 ? A HIS 31 ? A HIS 31 ? 1_555 89.4  ? 
16 NE2 ? A HIS 20 ? A HIS 20 ? 1_555 FE ? F HEC . ? A HEC 73 ? 1_555 NA  ? F HEC .  ? A HEC 73 ? 1_555 88.9  ? 
17 NE2 ? A HIS 20 ? A HIS 20 ? 1_555 FE ? F HEC . ? A HEC 73 ? 1_555 NB  ? F HEC .  ? A HEC 73 ? 1_555 93.4  ? 
18 NA  ? F HEC .  ? A HEC 73 ? 1_555 FE ? F HEC . ? A HEC 73 ? 1_555 NB  ? F HEC .  ? A HEC 73 ? 1_555 89.0  ? 
19 NE2 ? A HIS 20 ? A HIS 20 ? 1_555 FE ? F HEC . ? A HEC 73 ? 1_555 NC  ? F HEC .  ? A HEC 73 ? 1_555 89.2  ? 
20 NA  ? F HEC .  ? A HEC 73 ? 1_555 FE ? F HEC . ? A HEC 73 ? 1_555 NC  ? F HEC .  ? A HEC 73 ? 1_555 177.9 ? 
21 NB  ? F HEC .  ? A HEC 73 ? 1_555 FE ? F HEC . ? A HEC 73 ? 1_555 NC  ? F HEC .  ? A HEC 73 ? 1_555 90.3  ? 
22 NE2 ? A HIS 20 ? A HIS 20 ? 1_555 FE ? F HEC . ? A HEC 73 ? 1_555 ND  ? F HEC .  ? A HEC 73 ? 1_555 88.7  ? 
23 NA  ? F HEC .  ? A HEC 73 ? 1_555 FE ? F HEC . ? A HEC 73 ? 1_555 ND  ? F HEC .  ? A HEC 73 ? 1_555 90.4  ? 
24 NB  ? F HEC .  ? A HEC 73 ? 1_555 FE ? F HEC . ? A HEC 73 ? 1_555 ND  ? F HEC .  ? A HEC 73 ? 1_555 177.8 ? 
25 NC  ? F HEC .  ? A HEC 73 ? 1_555 FE ? F HEC . ? A HEC 73 ? 1_555 ND  ? F HEC .  ? A HEC 73 ? 1_555 90.4  ? 
26 NE2 ? A HIS 20 ? A HIS 20 ? 1_555 FE ? F HEC . ? A HEC 73 ? 1_555 NE2 ? A HIS 55 ? A HIS 55 ? 1_555 175.8 ? 
27 NA  ? F HEC .  ? A HEC 73 ? 1_555 FE ? F HEC . ? A HEC 73 ? 1_555 NE2 ? A HIS 55 ? A HIS 55 ? 1_555 90.3  ? 
28 NB  ? F HEC .  ? A HEC 73 ? 1_555 FE ? F HEC . ? A HEC 73 ? 1_555 NE2 ? A HIS 55 ? A HIS 55 ? 1_555 90.8  ? 
29 NC  ? F HEC .  ? A HEC 73 ? 1_555 FE ? F HEC . ? A HEC 73 ? 1_555 NE2 ? A HIS 55 ? A HIS 55 ? 1_555 91.6  ? 
30 ND  ? F HEC .  ? A HEC 73 ? 1_555 FE ? F HEC . ? A HEC 73 ? 1_555 NE2 ? A HIS 55 ? A HIS 55 ? 1_555 87.2  ? 
31 NE2 ? A HIS 47 ? A HIS 47 ? 1_555 FE ? G HEC . ? A HEC 74 ? 1_555 NA  ? G HEC .  ? A HEC 74 ? 1_555 88.9  ? 
32 NE2 ? A HIS 47 ? A HIS 47 ? 1_555 FE ? G HEC . ? A HEC 74 ? 1_555 NB  ? G HEC .  ? A HEC 74 ? 1_555 86.8  ? 
33 NA  ? G HEC .  ? A HEC 74 ? 1_555 FE ? G HEC . ? A HEC 74 ? 1_555 NB  ? G HEC .  ? A HEC 74 ? 1_555 89.7  ? 
34 NE2 ? A HIS 47 ? A HIS 47 ? 1_555 FE ? G HEC . ? A HEC 74 ? 1_555 NC  ? G HEC .  ? A HEC 74 ? 1_555 92.1  ? 
35 NA  ? G HEC .  ? A HEC 74 ? 1_555 FE ? G HEC . ? A HEC 74 ? 1_555 NC  ? G HEC .  ? A HEC 74 ? 1_555 179.0 ? 
36 NB  ? G HEC .  ? A HEC 74 ? 1_555 FE ? G HEC . ? A HEC 74 ? 1_555 NC  ? G HEC .  ? A HEC 74 ? 1_555 90.6  ? 
37 NE2 ? A HIS 47 ? A HIS 47 ? 1_555 FE ? G HEC . ? A HEC 74 ? 1_555 ND  ? G HEC .  ? A HEC 74 ? 1_555 93.4  ? 
38 NA  ? G HEC .  ? A HEC 74 ? 1_555 FE ? G HEC . ? A HEC 74 ? 1_555 ND  ? G HEC .  ? A HEC 74 ? 1_555 90.2  ? 
39 NB  ? G HEC .  ? A HEC 74 ? 1_555 FE ? G HEC . ? A HEC 74 ? 1_555 ND  ? G HEC .  ? A HEC 74 ? 1_555 179.8 ? 
40 NC  ? G HEC .  ? A HEC 74 ? 1_555 FE ? G HEC . ? A HEC 74 ? 1_555 ND  ? G HEC .  ? A HEC 74 ? 1_555 89.5  ? 
41 NE2 ? A HIS 47 ? A HIS 47 ? 1_555 FE ? G HEC . ? A HEC 74 ? 1_555 NE2 ? A HIS 69 ? A HIS 69 ? 1_555 177.9 ? 
42 NA  ? G HEC .  ? A HEC 74 ? 1_555 FE ? G HEC . ? A HEC 74 ? 1_555 NE2 ? A HIS 69 ? A HIS 69 ? 1_555 91.2  ? 
43 NB  ? G HEC .  ? A HEC 74 ? 1_555 FE ? G HEC . ? A HEC 74 ? 1_555 NE2 ? A HIS 69 ? A HIS 69 ? 1_555 91.1  ? 
44 NC  ? G HEC .  ? A HEC 74 ? 1_555 FE ? G HEC . ? A HEC 74 ? 1_555 NE2 ? A HIS 69 ? A HIS 69 ? 1_555 87.9  ? 
45 ND  ? G HEC .  ? A HEC 74 ? 1_555 FE ? G HEC . ? A HEC 74 ? 1_555 NE2 ? A HIS 69 ? A HIS 69 ? 1_555 88.7  ? 
# 
loop_
_pdbx_modification_feature.ordinal 
_pdbx_modification_feature.label_comp_id 
_pdbx_modification_feature.label_asym_id 
_pdbx_modification_feature.label_seq_id 
_pdbx_modification_feature.label_alt_id 
_pdbx_modification_feature.modified_residue_label_comp_id 
_pdbx_modification_feature.modified_residue_label_asym_id 
_pdbx_modification_feature.modified_residue_label_seq_id 
_pdbx_modification_feature.modified_residue_label_alt_id 
_pdbx_modification_feature.auth_comp_id 
_pdbx_modification_feature.auth_asym_id 
_pdbx_modification_feature.auth_seq_id 
_pdbx_modification_feature.PDB_ins_code 
_pdbx_modification_feature.symmetry 
_pdbx_modification_feature.modified_residue_auth_comp_id 
_pdbx_modification_feature.modified_residue_auth_asym_id 
_pdbx_modification_feature.modified_residue_auth_seq_id 
_pdbx_modification_feature.modified_residue_PDB_ins_code 
_pdbx_modification_feature.modified_residue_symmetry 
_pdbx_modification_feature.comp_id_linking_atom 
_pdbx_modification_feature.modified_residue_id_linking_atom 
_pdbx_modification_feature.modified_residue_id 
_pdbx_modification_feature.ref_pcm_id 
_pdbx_modification_feature.ref_comp_id 
_pdbx_modification_feature.type 
_pdbx_modification_feature.category 
1 HEC E . ? CYS A 27 ? HEC A 72 ? 1_555 CYS A 27 ? 1_555 CAB SG CYS 2 HEC None Heme/heme-like 
2 HEC E . ? CYS A 30 ? HEC A 72 ? 1_555 CYS A 30 ? 1_555 CAC SG CYS 3 HEC None Heme/heme-like 
3 HEC F . ? CYS A 51 ? HEC A 73 ? 1_555 CYS A 51 ? 1_555 CAB SG CYS 2 HEC None Heme/heme-like 
4 HEC F . ? CYS A 54 ? HEC A 73 ? 1_555 CYS A 54 ? 1_555 CAC SG CYS 3 HEC None Heme/heme-like 
5 HEC G . ? CYS A 65 ? HEC A 74 ? 1_555 CYS A 65 ? 1_555 CAB SG CYS 2 HEC None Heme/heme-like 
6 HEC G . ? CYS A 68 ? HEC A 74 ? 1_555 CYS A 68 ? 1_555 CAC SG CYS 3 HEC None Heme/heme-like 
# 
_struct_sheet.id               A 
_struct_sheet.type             ? 
_struct_sheet.number_strands   2 
_struct_sheet.details          ? 
# 
_struct_sheet_order.sheet_id     A 
_struct_sheet_order.range_id_1   1 
_struct_sheet_order.range_id_2   2 
_struct_sheet_order.offset       ? 
_struct_sheet_order.sense        anti-parallel 
# 
loop_
_struct_sheet_range.sheet_id 
_struct_sheet_range.id 
_struct_sheet_range.beg_label_comp_id 
_struct_sheet_range.beg_label_asym_id 
_struct_sheet_range.beg_label_seq_id 
_struct_sheet_range.pdbx_beg_PDB_ins_code 
_struct_sheet_range.end_label_comp_id 
_struct_sheet_range.end_label_asym_id 
_struct_sheet_range.end_label_seq_id 
_struct_sheet_range.pdbx_end_PDB_ins_code 
_struct_sheet_range.beg_auth_comp_id 
_struct_sheet_range.beg_auth_asym_id 
_struct_sheet_range.beg_auth_seq_id 
_struct_sheet_range.end_auth_comp_id 
_struct_sheet_range.end_auth_asym_id 
_struct_sheet_range.end_auth_seq_id 
A 1 ILE A 4  ? LEU A 6  ? ILE A 4  LEU A 6  
A 2 VAL A 13 ? PHE A 15 ? VAL A 13 PHE A 15 
# 
_pdbx_struct_sheet_hbond.sheet_id                A 
_pdbx_struct_sheet_hbond.range_id_1              1 
_pdbx_struct_sheet_hbond.range_id_2              2 
_pdbx_struct_sheet_hbond.range_1_label_atom_id   N 
_pdbx_struct_sheet_hbond.range_1_label_comp_id   LEU 
_pdbx_struct_sheet_hbond.range_1_label_asym_id   A 
_pdbx_struct_sheet_hbond.range_1_label_seq_id    6 
_pdbx_struct_sheet_hbond.range_1_PDB_ins_code    ? 
_pdbx_struct_sheet_hbond.range_1_auth_atom_id    N 
_pdbx_struct_sheet_hbond.range_1_auth_comp_id    LEU 
_pdbx_struct_sheet_hbond.range_1_auth_asym_id    A 
_pdbx_struct_sheet_hbond.range_1_auth_seq_id     6 
_pdbx_struct_sheet_hbond.range_2_label_atom_id   O 
_pdbx_struct_sheet_hbond.range_2_label_comp_id   VAL 
_pdbx_struct_sheet_hbond.range_2_label_asym_id   A 
_pdbx_struct_sheet_hbond.range_2_label_seq_id    13 
_pdbx_struct_sheet_hbond.range_2_PDB_ins_code    ? 
_pdbx_struct_sheet_hbond.range_2_auth_atom_id    O 
_pdbx_struct_sheet_hbond.range_2_auth_comp_id    VAL 
_pdbx_struct_sheet_hbond.range_2_auth_asym_id    A 
_pdbx_struct_sheet_hbond.range_2_auth_seq_id     13 
# 
loop_
_struct_site.id 
_struct_site.pdbx_evidence_code 
_struct_site.pdbx_auth_asym_id 
_struct_site.pdbx_auth_comp_id 
_struct_site.pdbx_auth_seq_id 
_struct_site.pdbx_auth_ins_code 
_struct_site.pdbx_num_residues 
_struct_site.details 
AC1 Software A SO4 76 ? 8  'BINDING SITE FOR RESIDUE SO4 A 76' 
AC2 Software A SO4 77 ? 7  'BINDING SITE FOR RESIDUE SO4 A 77' 
AC3 Software A SO4 78 ? 6  'BINDING SITE FOR RESIDUE SO4 A 78' 
AC4 Software A HEC 72 ? 16 'BINDING SITE FOR RESIDUE HEC A 72' 
AC5 Software A HEC 73 ? 15 'BINDING SITE FOR RESIDUE HEC A 73' 
AC6 Software A HEC 74 ? 24 'BINDING SITE FOR RESIDUE HEC A 74' 
AC7 Software A DXC 75 ? 11 'BINDING SITE FOR RESIDUE DXC A 75' 
# 
loop_
_struct_site_gen.id 
_struct_site_gen.site_id 
_struct_site_gen.pdbx_num_res 
_struct_site_gen.label_comp_id 
_struct_site_gen.label_asym_id 
_struct_site_gen.label_seq_id 
_struct_site_gen.pdbx_auth_ins_code 
_struct_site_gen.auth_comp_id 
_struct_site_gen.auth_asym_id 
_struct_site_gen.auth_seq_id 
_struct_site_gen.label_atom_id 
_struct_site_gen.label_alt_id 
_struct_site_gen.symmetry 
_struct_site_gen.details 
1  AC1 8  HIS A 31 ? HIS A 31  . ? 1_555 ? 
2  AC1 8  GLU A 32 ? GLU A 32  . ? 1_555 ? 
3  AC1 8  GLY A 36 ? GLY A 36  . ? 7_555 ? 
4  AC1 8  LYS A 37 ? LYS A 37  . ? 7_555 ? 
5  AC1 8  ILE A 38 ? ILE A 38  . ? 7_555 ? 
6  AC1 8  GLU A 39 ? GLU A 39  . ? 7_555 ? 
7  AC1 8  HOH I .  ? HOH A 108 . ? 1_555 ? 
8  AC1 8  HOH I .  ? HOH A 162 . ? 1_555 ? 
9  AC2 7  LYS A 28 ? LYS A 28  . ? 1_455 ? 
10 AC2 7  GLU A 32 ? GLU A 32  . ? 1_455 ? 
11 AC2 7  LYS A 43 ? LYS A 43  . ? 1_555 ? 
12 AC2 7  HIS A 47 ? HIS A 47  . ? 1_555 ? 
13 AC2 7  HOH I .  ? HOH A 137 . ? 1_455 ? 
14 AC2 7  HOH I .  ? HOH A 164 . ? 1_455 ? 
15 AC2 7  HOH I .  ? HOH A 165 . ? 1_455 ? 
16 AC3 6  GLY A 42 ? GLY A 42  . ? 1_555 ? 
17 AC3 6  LYS A 43 ? LYS A 43  . ? 1_555 ? 
18 AC3 6  GLU A 44 ? GLU A 44  . ? 1_555 ? 
19 AC3 6  LYS A 71 ? LYS A 71  . ? 7_565 ? 
20 AC3 6  HOH I .  ? HOH A 111 . ? 1_555 ? 
21 AC3 6  HOH I .  ? HOH A 183 . ? 1_555 ? 
22 AC4 16 ALA A 1  ? ALA A 1   . ? 1_555 ? 
23 AC4 16 ASP A 2  ? ASP A 2   . ? 1_555 ? 
24 AC4 16 ASP A 3  ? ASP A 3   . ? 1_555 ? 
25 AC4 16 ILE A 4  ? ILE A 4   . ? 1_555 ? 
26 AC4 16 PHE A 15 ? PHE A 15  . ? 1_555 ? 
27 AC4 16 HIS A 17 ? HIS A 17  . ? 1_555 ? 
28 AC4 16 GLN A 21 ? GLN A 21  . ? 1_555 ? 
29 AC4 16 VAL A 24 ? VAL A 24  . ? 1_555 ? 
30 AC4 16 CYS A 27 ? CYS A 27  . ? 1_555 ? 
31 AC4 16 CYS A 30 ? CYS A 30  . ? 1_555 ? 
32 AC4 16 HIS A 31 ? HIS A 31  . ? 1_555 ? 
33 AC4 16 ILE A 38 ? ILE A 38  . ? 7_555 ? 
34 AC4 16 GLU A 39 ? GLU A 39  . ? 7_555 ? 
35 AC4 16 LYS A 71 ? LYS A 71  . ? 1_655 ? 
36 AC4 16 HEC F .  ? HEC A 73  . ? 1_555 ? 
37 AC4 16 HOH I .  ? HOH A 133 . ? 1_555 ? 
38 AC5 15 VAL A 13 ? VAL A 13  . ? 1_555 ? 
39 AC5 15 ALA A 19 ? ALA A 19  . ? 1_555 ? 
40 AC5 15 HIS A 20 ? HIS A 20  . ? 1_555 ? 
41 AC5 15 GLY A 50 ? GLY A 50  . ? 1_555 ? 
42 AC5 15 CYS A 51 ? CYS A 51  . ? 1_555 ? 
43 AC5 15 CYS A 54 ? CYS A 54  . ? 1_555 ? 
44 AC5 15 HIS A 55 ? HIS A 55  . ? 1_555 ? 
45 AC5 15 LYS A 60 ? LYS A 60  . ? 1_555 ? 
46 AC5 15 PRO A 62 ? PRO A 62  . ? 1_555 ? 
47 AC5 15 HEC E .  ? HEC A 72  . ? 1_555 ? 
48 AC5 15 HOH I .  ? HOH A 125 . ? 1_555 ? 
49 AC5 15 HOH I .  ? HOH A 128 . ? 1_555 ? 
50 AC5 15 HOH I .  ? HOH A 173 . ? 1_555 ? 
51 AC5 15 HOH I .  ? HOH A 190 . ? 1_555 ? 
52 AC5 15 HOH I .  ? HOH A 193 . ? 1_555 ? 
53 AC6 24 ALA A 1  ? ALA A 1   . ? 7_555 ? 
54 AC6 24 ASP A 2  ? ASP A 2   . ? 7_555 ? 
55 AC6 24 LEU A 6  ? LEU A 6   . ? 1_555 ? 
56 AC6 24 ALA A 8  ? ALA A 8   . ? 1_555 ? 
57 AC6 24 LYS A 9  ? LYS A 9   . ? 1_555 ? 
58 AC6 24 ASN A 10 ? ASN A 10  . ? 1_555 ? 
59 AC6 24 GLU A 32 ? GLU A 32  . ? 1_455 ? 
60 AC6 24 GLY A 36 ? GLY A 36  . ? 7_455 ? 
61 AC6 24 PHE A 41 ? PHE A 41  . ? 1_555 ? 
62 AC6 24 GLY A 42 ? GLY A 42  . ? 1_555 ? 
63 AC6 24 ALA A 46 ? ALA A 46  . ? 1_555 ? 
64 AC6 24 HIS A 47 ? HIS A 47  . ? 1_555 ? 
65 AC6 24 LYS A 52 ? LYS A 52  . ? 1_555 ? 
66 AC6 24 HIS A 55 ? HIS A 55  . ? 1_555 ? 
67 AC6 24 PRO A 62 ? PRO A 62  . ? 1_555 ? 
68 AC6 24 THR A 63 ? THR A 63  . ? 1_555 ? 
69 AC6 24 LYS A 64 ? LYS A 64  . ? 1_555 ? 
70 AC6 24 CYS A 65 ? CYS A 65  . ? 1_555 ? 
71 AC6 24 CYS A 68 ? CYS A 68  . ? 1_555 ? 
72 AC6 24 HIS A 69 ? HIS A 69  . ? 1_555 ? 
73 AC6 24 HOH I .  ? HOH A 101 . ? 7_555 ? 
74 AC6 24 HOH I .  ? HOH A 130 . ? 7_455 ? 
75 AC6 24 HOH I .  ? HOH A 140 . ? 7_555 ? 
76 AC6 24 HOH I .  ? HOH A 145 . ? 1_555 ? 
77 AC7 11 ILE A 4  ? ILE A 4   . ? 1_555 ? 
78 AC7 11 LYS A 29 ? LYS A 29  . ? 1_555 ? 
79 AC7 11 LYS A 37 ? LYS A 37  . ? 1_555 ? 
80 AC7 11 ILE A 38 ? ILE A 38  . ? 1_555 ? 
81 AC7 11 PHE A 41 ? PHE A 41  . ? 1_555 ? 
82 AC7 11 MET A 45 ? MET A 45  . ? 1_555 ? 
83 AC7 11 GLY A 50 ? GLY A 50  . ? 1_555 ? 
84 AC7 11 HOH I .  ? HOH A 101 . ? 7_555 ? 
85 AC7 11 HOH I .  ? HOH A 102 . ? 1_555 ? 
86 AC7 11 HOH I .  ? HOH A 109 . ? 1_555 ? 
87 AC7 11 HOH I .  ? HOH A 112 . ? 1_555 ? 
# 
_pdbx_entry_details.entry_id                   1OS6 
_pdbx_entry_details.compound_details           ? 
_pdbx_entry_details.source_details             ? 
_pdbx_entry_details.nonpolymer_details         ? 
_pdbx_entry_details.sequence_details           ? 
_pdbx_entry_details.has_ligand_of_interest     ? 
_pdbx_entry_details.has_protein_modification   Y 
# 
_pdbx_validate_rmsd_bond.id                        1 
_pdbx_validate_rmsd_bond.PDB_model_num             1 
_pdbx_validate_rmsd_bond.auth_atom_id_1            C 
_pdbx_validate_rmsd_bond.auth_asym_id_1            A 
_pdbx_validate_rmsd_bond.auth_comp_id_1            LYS 
_pdbx_validate_rmsd_bond.auth_seq_id_1             71 
_pdbx_validate_rmsd_bond.PDB_ins_code_1            ? 
_pdbx_validate_rmsd_bond.label_alt_id_1            ? 
_pdbx_validate_rmsd_bond.auth_atom_id_2            OXT 
_pdbx_validate_rmsd_bond.auth_asym_id_2            A 
_pdbx_validate_rmsd_bond.auth_comp_id_2            LYS 
_pdbx_validate_rmsd_bond.auth_seq_id_2             71 
_pdbx_validate_rmsd_bond.PDB_ins_code_2            ? 
_pdbx_validate_rmsd_bond.label_alt_id_2            ? 
_pdbx_validate_rmsd_bond.bond_value                1.479 
_pdbx_validate_rmsd_bond.bond_target_value         1.229 
_pdbx_validate_rmsd_bond.bond_deviation            0.250 
_pdbx_validate_rmsd_bond.bond_standard_deviation   0.019 
_pdbx_validate_rmsd_bond.linker_flag               N 
# 
_pdbx_validate_rmsd_angle.id                         1 
_pdbx_validate_rmsd_angle.PDB_model_num              1 
_pdbx_validate_rmsd_angle.auth_atom_id_1             O 
_pdbx_validate_rmsd_angle.auth_asym_id_1             A 
_pdbx_validate_rmsd_angle.auth_comp_id_1             LYS 
_pdbx_validate_rmsd_angle.auth_seq_id_1              60 
_pdbx_validate_rmsd_angle.PDB_ins_code_1             ? 
_pdbx_validate_rmsd_angle.label_alt_id_1             ? 
_pdbx_validate_rmsd_angle.auth_atom_id_2             C 
_pdbx_validate_rmsd_angle.auth_asym_id_2             A 
_pdbx_validate_rmsd_angle.auth_comp_id_2             LYS 
_pdbx_validate_rmsd_angle.auth_seq_id_2              60 
_pdbx_validate_rmsd_angle.PDB_ins_code_2             ? 
_pdbx_validate_rmsd_angle.label_alt_id_2             ? 
_pdbx_validate_rmsd_angle.auth_atom_id_3             N 
_pdbx_validate_rmsd_angle.auth_asym_id_3             A 
_pdbx_validate_rmsd_angle.auth_comp_id_3             GLY 
_pdbx_validate_rmsd_angle.auth_seq_id_3              61 
_pdbx_validate_rmsd_angle.PDB_ins_code_3             ? 
_pdbx_validate_rmsd_angle.label_alt_id_3             ? 
_pdbx_validate_rmsd_angle.angle_value                133.74 
_pdbx_validate_rmsd_angle.angle_target_value         123.20 
_pdbx_validate_rmsd_angle.angle_deviation            10.54 
_pdbx_validate_rmsd_angle.angle_standard_deviation   1.70 
_pdbx_validate_rmsd_angle.linker_flag                Y 
# 
_pdbx_validate_torsion.id              1 
_pdbx_validate_torsion.PDB_model_num   1 
_pdbx_validate_torsion.auth_comp_id    CYS 
_pdbx_validate_torsion.auth_asym_id    A 
_pdbx_validate_torsion.auth_seq_id     51 
_pdbx_validate_torsion.PDB_ins_code    ? 
_pdbx_validate_torsion.label_alt_id    ? 
_pdbx_validate_torsion.phi             -140.15 
_pdbx_validate_torsion.psi             -76.40 
# 
loop_
_pdbx_struct_special_symmetry.id 
_pdbx_struct_special_symmetry.PDB_model_num 
_pdbx_struct_special_symmetry.auth_asym_id 
_pdbx_struct_special_symmetry.auth_comp_id 
_pdbx_struct_special_symmetry.auth_seq_id 
_pdbx_struct_special_symmetry.PDB_ins_code 
_pdbx_struct_special_symmetry.label_asym_id 
_pdbx_struct_special_symmetry.label_comp_id 
_pdbx_struct_special_symmetry.label_seq_id 
1 1 A HOH 178 ? I HOH . 
2 1 A HOH 195 ? I HOH . 
# 
loop_
_pdbx_distant_solvent_atoms.id 
_pdbx_distant_solvent_atoms.PDB_model_num 
_pdbx_distant_solvent_atoms.auth_atom_id 
_pdbx_distant_solvent_atoms.label_alt_id 
_pdbx_distant_solvent_atoms.auth_asym_id 
_pdbx_distant_solvent_atoms.auth_comp_id 
_pdbx_distant_solvent_atoms.auth_seq_id 
_pdbx_distant_solvent_atoms.PDB_ins_code 
_pdbx_distant_solvent_atoms.neighbor_macromolecule_distance 
_pdbx_distant_solvent_atoms.neighbor_ligand_distance 
1 1 O ? A HOH 158 ? 6.19 . 
2 1 O ? A HOH 165 ? 6.35 . 
# 
loop_
_chem_comp_atom.comp_id 
_chem_comp_atom.atom_id 
_chem_comp_atom.type_symbol 
_chem_comp_atom.pdbx_aromatic_flag 
_chem_comp_atom.pdbx_stereo_config 
_chem_comp_atom.pdbx_ordinal 
ALA N    N  N N 1   
ALA CA   C  N S 2   
ALA C    C  N N 3   
ALA O    O  N N 4   
ALA CB   C  N N 5   
ALA OXT  O  N N 6   
ALA H    H  N N 7   
ALA H2   H  N N 8   
ALA HA   H  N N 9   
ALA HB1  H  N N 10  
ALA HB2  H  N N 11  
ALA HB3  H  N N 12  
ALA HXT  H  N N 13  
ASN N    N  N N 14  
ASN CA   C  N S 15  
ASN C    C  N N 16  
ASN O    O  N N 17  
ASN CB   C  N N 18  
ASN CG   C  N N 19  
ASN OD1  O  N N 20  
ASN ND2  N  N N 21  
ASN OXT  O  N N 22  
ASN H    H  N N 23  
ASN H2   H  N N 24  
ASN HA   H  N N 25  
ASN HB2  H  N N 26  
ASN HB3  H  N N 27  
ASN HD21 H  N N 28  
ASN HD22 H  N N 29  
ASN HXT  H  N N 30  
ASP N    N  N N 31  
ASP CA   C  N S 32  
ASP C    C  N N 33  
ASP O    O  N N 34  
ASP CB   C  N N 35  
ASP CG   C  N N 36  
ASP OD1  O  N N 37  
ASP OD2  O  N N 38  
ASP OXT  O  N N 39  
ASP H    H  N N 40  
ASP H2   H  N N 41  
ASP HA   H  N N 42  
ASP HB2  H  N N 43  
ASP HB3  H  N N 44  
ASP HD2  H  N N 45  
ASP HXT  H  N N 46  
CYS N    N  N N 47  
CYS CA   C  N R 48  
CYS C    C  N N 49  
CYS O    O  N N 50  
CYS CB   C  N N 51  
CYS SG   S  N N 52  
CYS OXT  O  N N 53  
CYS H    H  N N 54  
CYS H2   H  N N 55  
CYS HA   H  N N 56  
CYS HB2  H  N N 57  
CYS HB3  H  N N 58  
CYS HG   H  N N 59  
CYS HXT  H  N N 60  
DXC C1   C  N R 61  
DXC C2   C  N N 62  
DXC C3   C  N R 63  
DXC C4   C  N S 64  
DXC C5   C  N N 65  
DXC C6   C  N N 66  
DXC C7   C  N N 67  
DXC C8   C  N N 68  
DXC C9   C  N R 69  
DXC C10  C  N S 70  
DXC C11  C  N S 71  
DXC C12  C  N R 72  
DXC C13  C  N S 73  
DXC C14  C  N N 74  
DXC C15  C  N N 75  
DXC C16  C  N N 76  
DXC C17  C  N R 77  
DXC C18  C  N N 78  
DXC C19  C  N R 79  
DXC O1   O  N N 80  
DXC O2   O  N N 81  
DXC C20  C  N N 82  
DXC C21  C  N N 83  
DXC C22  C  N N 84  
DXC C23  C  N N 85  
DXC O3   O  N N 86  
DXC O4   O  N N 87  
DXC C24  C  N N 88  
DXC H1   H  N N 89  
DXC H22  H  N N 90  
DXC H21  H  N N 91  
DXC H3   H  N N 92  
DXC H52  H  N N 93  
DXC H51  H  N N 94  
DXC H62  H  N N 95  
DXC H61  H  N N 96  
DXC H72  H  N N 97  
DXC H71  H  N N 98  
DXC H82  H  N N 99  
DXC H81  H  N N 100 
DXC H9   H  N N 101 
DXC H10  H  N N 102 
DXC H11  H  N N 103 
DXC H13  H  N N 104 
DXC H142 H  N N 105 
DXC H141 H  N N 106 
DXC H152 H  N N 107 
DXC H151 H  N N 108 
DXC H162 H  N N 109 
DXC H161 H  N N 110 
DXC H17  H  N N 111 
DXC H183 H  N N 112 
DXC H182 H  N N 113 
DXC H181 H  N N 114 
DXC H19  H  N N 115 
DXC H1O1 H  N N 116 
DXC H2   H  N N 117 
DXC H203 H  N N 118 
DXC H202 H  N N 119 
DXC H201 H  N N 120 
DXC H212 H  N N 121 
DXC H211 H  N N 122 
DXC H222 H  N N 123 
DXC H221 H  N N 124 
DXC HO4  H  N N 125 
DXC H243 H  N N 126 
DXC H242 H  N N 127 
DXC H241 H  N N 128 
GLN N    N  N N 129 
GLN CA   C  N S 130 
GLN C    C  N N 131 
GLN O    O  N N 132 
GLN CB   C  N N 133 
GLN CG   C  N N 134 
GLN CD   C  N N 135 
GLN OE1  O  N N 136 
GLN NE2  N  N N 137 
GLN OXT  O  N N 138 
GLN H    H  N N 139 
GLN H2   H  N N 140 
GLN HA   H  N N 141 
GLN HB2  H  N N 142 
GLN HB3  H  N N 143 
GLN HG2  H  N N 144 
GLN HG3  H  N N 145 
GLN HE21 H  N N 146 
GLN HE22 H  N N 147 
GLN HXT  H  N N 148 
GLU N    N  N N 149 
GLU CA   C  N S 150 
GLU C    C  N N 151 
GLU O    O  N N 152 
GLU CB   C  N N 153 
GLU CG   C  N N 154 
GLU CD   C  N N 155 
GLU OE1  O  N N 156 
GLU OE2  O  N N 157 
GLU OXT  O  N N 158 
GLU H    H  N N 159 
GLU H2   H  N N 160 
GLU HA   H  N N 161 
GLU HB2  H  N N 162 
GLU HB3  H  N N 163 
GLU HG2  H  N N 164 
GLU HG3  H  N N 165 
GLU HE2  H  N N 166 
GLU HXT  H  N N 167 
GLY N    N  N N 168 
GLY CA   C  N N 169 
GLY C    C  N N 170 
GLY O    O  N N 171 
GLY OXT  O  N N 172 
GLY H    H  N N 173 
GLY H2   H  N N 174 
GLY HA2  H  N N 175 
GLY HA3  H  N N 176 
GLY HXT  H  N N 177 
HEC FE   FE N N 178 
HEC CHA  C  N N 179 
HEC CHB  C  N N 180 
HEC CHC  C  N N 181 
HEC CHD  C  N N 182 
HEC NA   N  Y N 183 
HEC C1A  C  Y N 184 
HEC C2A  C  Y N 185 
HEC C3A  C  Y N 186 
HEC C4A  C  Y N 187 
HEC CMA  C  N N 188 
HEC CAA  C  N N 189 
HEC CBA  C  N N 190 
HEC CGA  C  N N 191 
HEC O1A  O  N N 192 
HEC O2A  O  N N 193 
HEC NB   N  Y N 194 
HEC C1B  C  Y N 195 
HEC C2B  C  Y N 196 
HEC C3B  C  Y N 197 
HEC C4B  C  Y N 198 
HEC CMB  C  N N 199 
HEC CAB  C  N N 200 
HEC CBB  C  N N 201 
HEC NC   N  Y N 202 
HEC C1C  C  Y N 203 
HEC C2C  C  Y N 204 
HEC C3C  C  Y N 205 
HEC C4C  C  Y N 206 
HEC CMC  C  N N 207 
HEC CAC  C  N N 208 
HEC CBC  C  N N 209 
HEC ND   N  Y N 210 
HEC C1D  C  Y N 211 
HEC C2D  C  Y N 212 
HEC C3D  C  Y N 213 
HEC C4D  C  Y N 214 
HEC CMD  C  N N 215 
HEC CAD  C  N N 216 
HEC CBD  C  N N 217 
HEC CGD  C  N N 218 
HEC O1D  O  N N 219 
HEC O2D  O  N N 220 
HEC HHA  H  N N 221 
HEC HHB  H  N N 222 
HEC HHC  H  N N 223 
HEC HHD  H  N N 224 
HEC HMA1 H  N N 225 
HEC HMA2 H  N N 226 
HEC HMA3 H  N N 227 
HEC HAA1 H  N N 228 
HEC HAA2 H  N N 229 
HEC HBA1 H  N N 230 
HEC HBA2 H  N N 231 
HEC H2A  H  N N 232 
HEC HMB1 H  N N 233 
HEC HMB2 H  N N 234 
HEC HMB3 H  N N 235 
HEC HAB  H  N N 236 
HEC HBB1 H  N N 237 
HEC HBB2 H  N N 238 
HEC HBB3 H  N N 239 
HEC HMC1 H  N N 240 
HEC HMC2 H  N N 241 
HEC HMC3 H  N N 242 
HEC HAC  H  N N 243 
HEC HBC1 H  N N 244 
HEC HBC2 H  N N 245 
HEC HBC3 H  N N 246 
HEC HMD1 H  N N 247 
HEC HMD2 H  N N 248 
HEC HMD3 H  N N 249 
HEC HAD1 H  N N 250 
HEC HAD2 H  N N 251 
HEC HBD1 H  N N 252 
HEC HBD2 H  N N 253 
HEC H2D  H  N N 254 
HIS N    N  N N 255 
HIS CA   C  N S 256 
HIS C    C  N N 257 
HIS O    O  N N 258 
HIS CB   C  N N 259 
HIS CG   C  Y N 260 
HIS ND1  N  Y N 261 
HIS CD2  C  Y N 262 
HIS CE1  C  Y N 263 
HIS NE2  N  Y N 264 
HIS OXT  O  N N 265 
HIS H    H  N N 266 
HIS H2   H  N N 267 
HIS HA   H  N N 268 
HIS HB2  H  N N 269 
HIS HB3  H  N N 270 
HIS HD1  H  N N 271 
HIS HD2  H  N N 272 
HIS HE1  H  N N 273 
HIS HE2  H  N N 274 
HIS HXT  H  N N 275 
HOH O    O  N N 276 
HOH H1   H  N N 277 
HOH H2   H  N N 278 
ILE N    N  N N 279 
ILE CA   C  N S 280 
ILE C    C  N N 281 
ILE O    O  N N 282 
ILE CB   C  N S 283 
ILE CG1  C  N N 284 
ILE CG2  C  N N 285 
ILE CD1  C  N N 286 
ILE OXT  O  N N 287 
ILE H    H  N N 288 
ILE H2   H  N N 289 
ILE HA   H  N N 290 
ILE HB   H  N N 291 
ILE HG12 H  N N 292 
ILE HG13 H  N N 293 
ILE HG21 H  N N 294 
ILE HG22 H  N N 295 
ILE HG23 H  N N 296 
ILE HD11 H  N N 297 
ILE HD12 H  N N 298 
ILE HD13 H  N N 299 
ILE HXT  H  N N 300 
LEU N    N  N N 301 
LEU CA   C  N S 302 
LEU C    C  N N 303 
LEU O    O  N N 304 
LEU CB   C  N N 305 
LEU CG   C  N N 306 
LEU CD1  C  N N 307 
LEU CD2  C  N N 308 
LEU OXT  O  N N 309 
LEU H    H  N N 310 
LEU H2   H  N N 311 
LEU HA   H  N N 312 
LEU HB2  H  N N 313 
LEU HB3  H  N N 314 
LEU HG   H  N N 315 
LEU HD11 H  N N 316 
LEU HD12 H  N N 317 
LEU HD13 H  N N 318 
LEU HD21 H  N N 319 
LEU HD22 H  N N 320 
LEU HD23 H  N N 321 
LEU HXT  H  N N 322 
LYS N    N  N N 323 
LYS CA   C  N S 324 
LYS C    C  N N 325 
LYS O    O  N N 326 
LYS CB   C  N N 327 
LYS CG   C  N N 328 
LYS CD   C  N N 329 
LYS CE   C  N N 330 
LYS NZ   N  N N 331 
LYS OXT  O  N N 332 
LYS H    H  N N 333 
LYS H2   H  N N 334 
LYS HA   H  N N 335 
LYS HB2  H  N N 336 
LYS HB3  H  N N 337 
LYS HG2  H  N N 338 
LYS HG3  H  N N 339 
LYS HD2  H  N N 340 
LYS HD3  H  N N 341 
LYS HE2  H  N N 342 
LYS HE3  H  N N 343 
LYS HZ1  H  N N 344 
LYS HZ2  H  N N 345 
LYS HZ3  H  N N 346 
LYS HXT  H  N N 347 
MET N    N  N N 348 
MET CA   C  N S 349 
MET C    C  N N 350 
MET O    O  N N 351 
MET CB   C  N N 352 
MET CG   C  N N 353 
MET SD   S  N N 354 
MET CE   C  N N 355 
MET OXT  O  N N 356 
MET H    H  N N 357 
MET H2   H  N N 358 
MET HA   H  N N 359 
MET HB2  H  N N 360 
MET HB3  H  N N 361 
MET HG2  H  N N 362 
MET HG3  H  N N 363 
MET HE1  H  N N 364 
MET HE2  H  N N 365 
MET HE3  H  N N 366 
MET HXT  H  N N 367 
PHE N    N  N N 368 
PHE CA   C  N S 369 
PHE C    C  N N 370 
PHE O    O  N N 371 
PHE CB   C  N N 372 
PHE CG   C  Y N 373 
PHE CD1  C  Y N 374 
PHE CD2  C  Y N 375 
PHE CE1  C  Y N 376 
PHE CE2  C  Y N 377 
PHE CZ   C  Y N 378 
PHE OXT  O  N N 379 
PHE H    H  N N 380 
PHE H2   H  N N 381 
PHE HA   H  N N 382 
PHE HB2  H  N N 383 
PHE HB3  H  N N 384 
PHE HD1  H  N N 385 
PHE HD2  H  N N 386 
PHE HE1  H  N N 387 
PHE HE2  H  N N 388 
PHE HZ   H  N N 389 
PHE HXT  H  N N 390 
PRO N    N  N N 391 
PRO CA   C  N S 392 
PRO C    C  N N 393 
PRO O    O  N N 394 
PRO CB   C  N N 395 
PRO CG   C  N N 396 
PRO CD   C  N N 397 
PRO OXT  O  N N 398 
PRO H    H  N N 399 
PRO HA   H  N N 400 
PRO HB2  H  N N 401 
PRO HB3  H  N N 402 
PRO HG2  H  N N 403 
PRO HG3  H  N N 404 
PRO HD2  H  N N 405 
PRO HD3  H  N N 406 
PRO HXT  H  N N 407 
SO4 S    S  N N 408 
SO4 O1   O  N N 409 
SO4 O2   O  N N 410 
SO4 O3   O  N N 411 
SO4 O4   O  N N 412 
THR N    N  N N 413 
THR CA   C  N S 414 
THR C    C  N N 415 
THR O    O  N N 416 
THR CB   C  N R 417 
THR OG1  O  N N 418 
THR CG2  C  N N 419 
THR OXT  O  N N 420 
THR H    H  N N 421 
THR H2   H  N N 422 
THR HA   H  N N 423 
THR HB   H  N N 424 
THR HG1  H  N N 425 
THR HG21 H  N N 426 
THR HG22 H  N N 427 
THR HG23 H  N N 428 
THR HXT  H  N N 429 
VAL N    N  N N 430 
VAL CA   C  N S 431 
VAL C    C  N N 432 
VAL O    O  N N 433 
VAL CB   C  N N 434 
VAL CG1  C  N N 435 
VAL CG2  C  N N 436 
VAL OXT  O  N N 437 
VAL H    H  N N 438 
VAL H2   H  N N 439 
VAL HA   H  N N 440 
VAL HB   H  N N 441 
VAL HG11 H  N N 442 
VAL HG12 H  N N 443 
VAL HG13 H  N N 444 
VAL HG21 H  N N 445 
VAL HG22 H  N N 446 
VAL HG23 H  N N 447 
VAL HXT  H  N N 448 
# 
loop_
_chem_comp_bond.comp_id 
_chem_comp_bond.atom_id_1 
_chem_comp_bond.atom_id_2 
_chem_comp_bond.value_order 
_chem_comp_bond.pdbx_aromatic_flag 
_chem_comp_bond.pdbx_stereo_config 
_chem_comp_bond.pdbx_ordinal 
ALA N   CA   sing N N 1   
ALA N   H    sing N N 2   
ALA N   H2   sing N N 3   
ALA CA  C    sing N N 4   
ALA CA  CB   sing N N 5   
ALA CA  HA   sing N N 6   
ALA C   O    doub N N 7   
ALA C   OXT  sing N N 8   
ALA CB  HB1  sing N N 9   
ALA CB  HB2  sing N N 10  
ALA CB  HB3  sing N N 11  
ALA OXT HXT  sing N N 12  
ASN N   CA   sing N N 13  
ASN N   H    sing N N 14  
ASN N   H2   sing N N 15  
ASN CA  C    sing N N 16  
ASN CA  CB   sing N N 17  
ASN CA  HA   sing N N 18  
ASN C   O    doub N N 19  
ASN C   OXT  sing N N 20  
ASN CB  CG   sing N N 21  
ASN CB  HB2  sing N N 22  
ASN CB  HB3  sing N N 23  
ASN CG  OD1  doub N N 24  
ASN CG  ND2  sing N N 25  
ASN ND2 HD21 sing N N 26  
ASN ND2 HD22 sing N N 27  
ASN OXT HXT  sing N N 28  
ASP N   CA   sing N N 29  
ASP N   H    sing N N 30  
ASP N   H2   sing N N 31  
ASP CA  C    sing N N 32  
ASP CA  CB   sing N N 33  
ASP CA  HA   sing N N 34  
ASP C   O    doub N N 35  
ASP C   OXT  sing N N 36  
ASP CB  CG   sing N N 37  
ASP CB  HB2  sing N N 38  
ASP CB  HB3  sing N N 39  
ASP CG  OD1  doub N N 40  
ASP CG  OD2  sing N N 41  
ASP OD2 HD2  sing N N 42  
ASP OXT HXT  sing N N 43  
CYS N   CA   sing N N 44  
CYS N   H    sing N N 45  
CYS N   H2   sing N N 46  
CYS CA  C    sing N N 47  
CYS CA  CB   sing N N 48  
CYS CA  HA   sing N N 49  
CYS C   O    doub N N 50  
CYS C   OXT  sing N N 51  
CYS CB  SG   sing N N 52  
CYS CB  HB2  sing N N 53  
CYS CB  HB3  sing N N 54  
CYS SG  HG   sing N N 55  
CYS OXT HXT  sing N N 56  
DXC C1  C2   sing N N 57  
DXC C1  C6   sing N N 58  
DXC C1  O2   sing N N 59  
DXC C1  H1   sing N N 60  
DXC C2  C3   sing N N 61  
DXC C2  H22  sing N N 62  
DXC C2  H21  sing N N 63  
DXC C3  C4   sing N N 64  
DXC C3  C7   sing N N 65  
DXC C3  H3   sing N N 66  
DXC C4  C5   sing N N 67  
DXC C4  C10  sing N N 68  
DXC C4  C18  sing N N 69  
DXC C5  C6   sing N N 70  
DXC C5  H52  sing N N 71  
DXC C5  H51  sing N N 72  
DXC C6  H62  sing N N 73  
DXC C6  H61  sing N N 74  
DXC C7  C8   sing N N 75  
DXC C7  H72  sing N N 76  
DXC C7  H71  sing N N 77  
DXC C8  C9   sing N N 78  
DXC C8  H82  sing N N 79  
DXC C8  H81  sing N N 80  
DXC C9  C10  sing N N 81  
DXC C9  C11  sing N N 82  
DXC C9  H9   sing N N 83  
DXC C10 C14  sing N N 84  
DXC C10 H10  sing N N 85  
DXC C11 C12  sing N N 86  
DXC C11 C15  sing N N 87  
DXC C11 H11  sing N N 88  
DXC C12 C13  sing N N 89  
DXC C12 C17  sing N N 90  
DXC C12 C20  sing N N 91  
DXC C13 C14  sing N N 92  
DXC C13 O1   sing N N 93  
DXC C13 H13  sing N N 94  
DXC C14 H142 sing N N 95  
DXC C14 H141 sing N N 96  
DXC C15 C16  sing N N 97  
DXC C15 H152 sing N N 98  
DXC C15 H151 sing N N 99  
DXC C16 C17  sing N N 100 
DXC C16 H162 sing N N 101 
DXC C16 H161 sing N N 102 
DXC C17 C19  sing N N 103 
DXC C17 H17  sing N N 104 
DXC C18 H183 sing N N 105 
DXC C18 H182 sing N N 106 
DXC C18 H181 sing N N 107 
DXC C19 C21  sing N N 108 
DXC C19 C24  sing N N 109 
DXC C19 H19  sing N N 110 
DXC O1  H1O1 sing N N 111 
DXC O2  H2   sing N N 112 
DXC C20 H203 sing N N 113 
DXC C20 H202 sing N N 114 
DXC C20 H201 sing N N 115 
DXC C21 C22  sing N N 116 
DXC C21 H212 sing N N 117 
DXC C21 H211 sing N N 118 
DXC C22 C23  sing N N 119 
DXC C22 H222 sing N N 120 
DXC C22 H221 sing N N 121 
DXC C23 O3   doub N N 122 
DXC C23 O4   sing N N 123 
DXC O4  HO4  sing N N 124 
DXC C24 H243 sing N N 125 
DXC C24 H242 sing N N 126 
DXC C24 H241 sing N N 127 
GLN N   CA   sing N N 128 
GLN N   H    sing N N 129 
GLN N   H2   sing N N 130 
GLN CA  C    sing N N 131 
GLN CA  CB   sing N N 132 
GLN CA  HA   sing N N 133 
GLN C   O    doub N N 134 
GLN C   OXT  sing N N 135 
GLN CB  CG   sing N N 136 
GLN CB  HB2  sing N N 137 
GLN CB  HB3  sing N N 138 
GLN CG  CD   sing N N 139 
GLN CG  HG2  sing N N 140 
GLN CG  HG3  sing N N 141 
GLN CD  OE1  doub N N 142 
GLN CD  NE2  sing N N 143 
GLN NE2 HE21 sing N N 144 
GLN NE2 HE22 sing N N 145 
GLN OXT HXT  sing N N 146 
GLU N   CA   sing N N 147 
GLU N   H    sing N N 148 
GLU N   H2   sing N N 149 
GLU CA  C    sing N N 150 
GLU CA  CB   sing N N 151 
GLU CA  HA   sing N N 152 
GLU C   O    doub N N 153 
GLU C   OXT  sing N N 154 
GLU CB  CG   sing N N 155 
GLU CB  HB2  sing N N 156 
GLU CB  HB3  sing N N 157 
GLU CG  CD   sing N N 158 
GLU CG  HG2  sing N N 159 
GLU CG  HG3  sing N N 160 
GLU CD  OE1  doub N N 161 
GLU CD  OE2  sing N N 162 
GLU OE2 HE2  sing N N 163 
GLU OXT HXT  sing N N 164 
GLY N   CA   sing N N 165 
GLY N   H    sing N N 166 
GLY N   H2   sing N N 167 
GLY CA  C    sing N N 168 
GLY CA  HA2  sing N N 169 
GLY CA  HA3  sing N N 170 
GLY C   O    doub N N 171 
GLY C   OXT  sing N N 172 
GLY OXT HXT  sing N N 173 
HEC FE  NA   sing N N 174 
HEC FE  NB   sing N N 175 
HEC FE  NC   sing N N 176 
HEC FE  ND   sing N N 177 
HEC CHA C1A  doub N N 178 
HEC CHA C4D  sing N N 179 
HEC CHA HHA  sing N N 180 
HEC CHB C4A  doub N N 181 
HEC CHB C1B  sing N N 182 
HEC CHB HHB  sing N N 183 
HEC CHC C4B  doub N N 184 
HEC CHC C1C  sing N N 185 
HEC CHC HHC  sing N N 186 
HEC CHD C4C  doub N N 187 
HEC CHD C1D  sing N N 188 
HEC CHD HHD  sing N N 189 
HEC NA  C1A  sing Y N 190 
HEC NA  C4A  sing Y N 191 
HEC C1A C2A  sing Y N 192 
HEC C2A C3A  doub Y N 193 
HEC C2A CAA  sing N N 194 
HEC C3A C4A  sing Y N 195 
HEC C3A CMA  sing N N 196 
HEC CMA HMA1 sing N N 197 
HEC CMA HMA2 sing N N 198 
HEC CMA HMA3 sing N N 199 
HEC CAA CBA  sing N N 200 
HEC CAA HAA1 sing N N 201 
HEC CAA HAA2 sing N N 202 
HEC CBA CGA  sing N N 203 
HEC CBA HBA1 sing N N 204 
HEC CBA HBA2 sing N N 205 
HEC CGA O1A  doub N N 206 
HEC CGA O2A  sing N N 207 
HEC O2A H2A  sing N N 208 
HEC NB  C1B  sing Y N 209 
HEC NB  C4B  sing Y N 210 
HEC C1B C2B  doub Y N 211 
HEC C2B C3B  sing Y N 212 
HEC C2B CMB  sing N N 213 
HEC C3B C4B  sing Y N 214 
HEC C3B CAB  doub N E 215 
HEC CMB HMB1 sing N N 216 
HEC CMB HMB2 sing N N 217 
HEC CMB HMB3 sing N N 218 
HEC CAB CBB  sing N N 219 
HEC CAB HAB  sing N N 220 
HEC CBB HBB1 sing N N 221 
HEC CBB HBB2 sing N N 222 
HEC CBB HBB3 sing N N 223 
HEC NC  C1C  sing Y N 224 
HEC NC  C4C  sing Y N 225 
HEC C1C C2C  doub Y N 226 
HEC C2C C3C  sing Y N 227 
HEC C2C CMC  sing N N 228 
HEC C3C C4C  sing Y N 229 
HEC C3C CAC  doub N E 230 
HEC CMC HMC1 sing N N 231 
HEC CMC HMC2 sing N N 232 
HEC CMC HMC3 sing N N 233 
HEC CAC CBC  sing N N 234 
HEC CAC HAC  sing N N 235 
HEC CBC HBC1 sing N N 236 
HEC CBC HBC2 sing N N 237 
HEC CBC HBC3 sing N N 238 
HEC ND  C1D  sing Y N 239 
HEC ND  C4D  sing Y N 240 
HEC C1D C2D  doub Y N 241 
HEC C2D C3D  sing Y N 242 
HEC C2D CMD  sing N N 243 
HEC C3D C4D  doub Y N 244 
HEC C3D CAD  sing N N 245 
HEC CMD HMD1 sing N N 246 
HEC CMD HMD2 sing N N 247 
HEC CMD HMD3 sing N N 248 
HEC CAD CBD  sing N N 249 
HEC CAD HAD1 sing N N 250 
HEC CAD HAD2 sing N N 251 
HEC CBD CGD  sing N N 252 
HEC CBD HBD1 sing N N 253 
HEC CBD HBD2 sing N N 254 
HEC CGD O1D  doub N N 255 
HEC CGD O2D  sing N N 256 
HEC O2D H2D  sing N N 257 
HIS N   CA   sing N N 258 
HIS N   H    sing N N 259 
HIS N   H2   sing N N 260 
HIS CA  C    sing N N 261 
HIS CA  CB   sing N N 262 
HIS CA  HA   sing N N 263 
HIS C   O    doub N N 264 
HIS C   OXT  sing N N 265 
HIS CB  CG   sing N N 266 
HIS CB  HB2  sing N N 267 
HIS CB  HB3  sing N N 268 
HIS CG  ND1  sing Y N 269 
HIS CG  CD2  doub Y N 270 
HIS ND1 CE1  doub Y N 271 
HIS ND1 HD1  sing N N 272 
HIS CD2 NE2  sing Y N 273 
HIS CD2 HD2  sing N N 274 
HIS CE1 NE2  sing Y N 275 
HIS CE1 HE1  sing N N 276 
HIS NE2 HE2  sing N N 277 
HIS OXT HXT  sing N N 278 
HOH O   H1   sing N N 279 
HOH O   H2   sing N N 280 
ILE N   CA   sing N N 281 
ILE N   H    sing N N 282 
ILE N   H2   sing N N 283 
ILE CA  C    sing N N 284 
ILE CA  CB   sing N N 285 
ILE CA  HA   sing N N 286 
ILE C   O    doub N N 287 
ILE C   OXT  sing N N 288 
ILE CB  CG1  sing N N 289 
ILE CB  CG2  sing N N 290 
ILE CB  HB   sing N N 291 
ILE CG1 CD1  sing N N 292 
ILE CG1 HG12 sing N N 293 
ILE CG1 HG13 sing N N 294 
ILE CG2 HG21 sing N N 295 
ILE CG2 HG22 sing N N 296 
ILE CG2 HG23 sing N N 297 
ILE CD1 HD11 sing N N 298 
ILE CD1 HD12 sing N N 299 
ILE CD1 HD13 sing N N 300 
ILE OXT HXT  sing N N 301 
LEU N   CA   sing N N 302 
LEU N   H    sing N N 303 
LEU N   H2   sing N N 304 
LEU CA  C    sing N N 305 
LEU CA  CB   sing N N 306 
LEU CA  HA   sing N N 307 
LEU C   O    doub N N 308 
LEU C   OXT  sing N N 309 
LEU CB  CG   sing N N 310 
LEU CB  HB2  sing N N 311 
LEU CB  HB3  sing N N 312 
LEU CG  CD1  sing N N 313 
LEU CG  CD2  sing N N 314 
LEU CG  HG   sing N N 315 
LEU CD1 HD11 sing N N 316 
LEU CD1 HD12 sing N N 317 
LEU CD1 HD13 sing N N 318 
LEU CD2 HD21 sing N N 319 
LEU CD2 HD22 sing N N 320 
LEU CD2 HD23 sing N N 321 
LEU OXT HXT  sing N N 322 
LYS N   CA   sing N N 323 
LYS N   H    sing N N 324 
LYS N   H2   sing N N 325 
LYS CA  C    sing N N 326 
LYS CA  CB   sing N N 327 
LYS CA  HA   sing N N 328 
LYS C   O    doub N N 329 
LYS C   OXT  sing N N 330 
LYS CB  CG   sing N N 331 
LYS CB  HB2  sing N N 332 
LYS CB  HB3  sing N N 333 
LYS CG  CD   sing N N 334 
LYS CG  HG2  sing N N 335 
LYS CG  HG3  sing N N 336 
LYS CD  CE   sing N N 337 
LYS CD  HD2  sing N N 338 
LYS CD  HD3  sing N N 339 
LYS CE  NZ   sing N N 340 
LYS CE  HE2  sing N N 341 
LYS CE  HE3  sing N N 342 
LYS NZ  HZ1  sing N N 343 
LYS NZ  HZ2  sing N N 344 
LYS NZ  HZ3  sing N N 345 
LYS OXT HXT  sing N N 346 
MET N   CA   sing N N 347 
MET N   H    sing N N 348 
MET N   H2   sing N N 349 
MET CA  C    sing N N 350 
MET CA  CB   sing N N 351 
MET CA  HA   sing N N 352 
MET C   O    doub N N 353 
MET C   OXT  sing N N 354 
MET CB  CG   sing N N 355 
MET CB  HB2  sing N N 356 
MET CB  HB3  sing N N 357 
MET CG  SD   sing N N 358 
MET CG  HG2  sing N N 359 
MET CG  HG3  sing N N 360 
MET SD  CE   sing N N 361 
MET CE  HE1  sing N N 362 
MET CE  HE2  sing N N 363 
MET CE  HE3  sing N N 364 
MET OXT HXT  sing N N 365 
PHE N   CA   sing N N 366 
PHE N   H    sing N N 367 
PHE N   H2   sing N N 368 
PHE CA  C    sing N N 369 
PHE CA  CB   sing N N 370 
PHE CA  HA   sing N N 371 
PHE C   O    doub N N 372 
PHE C   OXT  sing N N 373 
PHE CB  CG   sing N N 374 
PHE CB  HB2  sing N N 375 
PHE CB  HB3  sing N N 376 
PHE CG  CD1  doub Y N 377 
PHE CG  CD2  sing Y N 378 
PHE CD1 CE1  sing Y N 379 
PHE CD1 HD1  sing N N 380 
PHE CD2 CE2  doub Y N 381 
PHE CD2 HD2  sing N N 382 
PHE CE1 CZ   doub Y N 383 
PHE CE1 HE1  sing N N 384 
PHE CE2 CZ   sing Y N 385 
PHE CE2 HE2  sing N N 386 
PHE CZ  HZ   sing N N 387 
PHE OXT HXT  sing N N 388 
PRO N   CA   sing N N 389 
PRO N   CD   sing N N 390 
PRO N   H    sing N N 391 
PRO CA  C    sing N N 392 
PRO CA  CB   sing N N 393 
PRO CA  HA   sing N N 394 
PRO C   O    doub N N 395 
PRO C   OXT  sing N N 396 
PRO CB  CG   sing N N 397 
PRO CB  HB2  sing N N 398 
PRO CB  HB3  sing N N 399 
PRO CG  CD   sing N N 400 
PRO CG  HG2  sing N N 401 
PRO CG  HG3  sing N N 402 
PRO CD  HD2  sing N N 403 
PRO CD  HD3  sing N N 404 
PRO OXT HXT  sing N N 405 
SO4 S   O1   doub N N 406 
SO4 S   O2   doub N N 407 
SO4 S   O3   sing N N 408 
SO4 S   O4   sing N N 409 
THR N   CA   sing N N 410 
THR N   H    sing N N 411 
THR N   H2   sing N N 412 
THR CA  C    sing N N 413 
THR CA  CB   sing N N 414 
THR CA  HA   sing N N 415 
THR C   O    doub N N 416 
THR C   OXT  sing N N 417 
THR CB  OG1  sing N N 418 
THR CB  CG2  sing N N 419 
THR CB  HB   sing N N 420 
THR OG1 HG1  sing N N 421 
THR CG2 HG21 sing N N 422 
THR CG2 HG22 sing N N 423 
THR CG2 HG23 sing N N 424 
THR OXT HXT  sing N N 425 
VAL N   CA   sing N N 426 
VAL N   H    sing N N 427 
VAL N   H2   sing N N 428 
VAL CA  C    sing N N 429 
VAL CA  CB   sing N N 430 
VAL CA  HA   sing N N 431 
VAL C   O    doub N N 432 
VAL C   OXT  sing N N 433 
VAL CB  CG1  sing N N 434 
VAL CB  CG2  sing N N 435 
VAL CB  HB   sing N N 436 
VAL CG1 HG11 sing N N 437 
VAL CG1 HG12 sing N N 438 
VAL CG1 HG13 sing N N 439 
VAL CG2 HG21 sing N N 440 
VAL CG2 HG22 sing N N 441 
VAL CG2 HG23 sing N N 442 
VAL OXT HXT  sing N N 443 
# 
_atom_sites.entry_id                    1OS6 
_atom_sites.fract_transf_matrix[1][1]   0.01189974 
_atom_sites.fract_transf_matrix[1][2]   0.02819420 
_atom_sites.fract_transf_matrix[1][3]   -0.00400873 
_atom_sites.fract_transf_matrix[2][1]   -0.02531751 
_atom_sites.fract_transf_matrix[2][2]   0.00848465 
_atom_sites.fract_transf_matrix[2][3]   -0.01547969 
_atom_sites.fract_transf_matrix[3][1]   -0.00236786 
_atom_sites.fract_transf_matrix[3][2]   0.00168103 
_atom_sites.fract_transf_matrix[3][3]   0.00479410 
_atom_sites.fract_transf_vector[1]      0.772965 
_atom_sites.fract_transf_vector[2]      0.956248 
_atom_sites.fract_transf_vector[3]      0.073100 
# 
loop_
_atom_type.symbol 
C  
FE 
N  
O  
S  
# 
loop_
_atom_site.group_PDB 
_atom_site.id 
_atom_site.type_symbol 
_atom_site.label_atom_id 
_atom_site.label_alt_id 
_atom_site.label_comp_id 
_atom_site.label_asym_id 
_atom_site.label_entity_id 
_atom_site.label_seq_id 
_atom_site.pdbx_PDB_ins_code 
_atom_site.Cartn_x 
_atom_site.Cartn_y 
_atom_site.Cartn_z 
_atom_site.occupancy 
_atom_site.B_iso_or_equiv 
_atom_site.pdbx_formal_charge 
_atom_site.auth_seq_id 
_atom_site.auth_comp_id 
_atom_site.auth_asym_id 
_atom_site.auth_atom_id 
_atom_site.pdbx_PDB_model_num 
ATOM   1   N  N   . ALA A 1 1  ? 11.271  8.830   9.687   1.00 21.32  ? 1   ALA A N   1 
ATOM   2   C  CA  . ALA A 1 1  ? 10.076  8.200   10.247  1.00 16.46  ? 1   ALA A CA  1 
ATOM   3   C  C   . ALA A 1 1  ? 10.136  6.697   9.962   1.00 15.84  ? 1   ALA A C   1 
ATOM   4   O  O   . ALA A 1 1  ? 10.789  6.178   9.072   1.00 30.76  ? 1   ALA A O   1 
ATOM   5   C  CB  . ALA A 1 1  ? 8.778   8.752   9.676   1.00 14.55  ? 1   ALA A CB  1 
ATOM   6   N  N   . ASP A 1 2  ? 9.368   5.995   10.757  1.00 15.54  ? 2   ASP A N   1 
ATOM   7   C  CA  . ASP A 1 2  ? 9.328   4.565   10.681  1.00 12.84  ? 2   ASP A CA  1 
ATOM   8   C  C   . ASP A 1 2  ? 8.286   4.066   9.682   1.00 11.25  ? 2   ASP A C   1 
ATOM   9   O  O   . ASP A 1 2  ? 7.259   4.694   9.472   1.00 13.21  ? 2   ASP A O   1 
ATOM   10  C  CB  . ASP A 1 2  ? 8.886   4.132   12.101  1.00 14.55  ? 2   ASP A CB  1 
ATOM   11  C  CG  . ASP A 1 2  ? 10.025  4.324   13.085  1.00 20.83  ? 2   ASP A CG  1 
ATOM   12  O  OD1 . ASP A 1 2  ? 11.145  3.856   12.746  1.00 19.35  ? 2   ASP A OD1 1 
ATOM   13  O  OD2 . ASP A 1 2  ? 9.780   4.910   14.170  1.00 14.14  ? 2   ASP A OD2 1 
ATOM   14  N  N   . ASP A 1 3  ? 8.551   2.860   9.154   1.00 10.46  ? 3   ASP A N   1 
ATOM   15  C  CA  . ASP A 1 3  ? 7.481   2.179   8.402   1.00 10.04  ? 3   ASP A CA  1 
ATOM   16  C  C   . ASP A 1 3  ? 6.281   1.878   9.282   1.00 10.90  ? 3   ASP A C   1 
ATOM   17  O  O   . ASP A 1 3  ? 6.363   1.908   10.516  1.00 12.63  ? 3   ASP A O   1 
ATOM   18  C  CB  . ASP A 1 3  ? 8.003   0.897   7.770   1.00 10.31  ? 3   ASP A CB  1 
ATOM   19  C  CG  . ASP A 1 3  ? 9.031   1.144   6.677   1.00 16.31  ? 3   ASP A CG  1 
ATOM   20  O  OD1 . ASP A 1 3  ? 9.032   2.265   6.046   1.00 15.76  ? 3   ASP A OD1 1 
ATOM   21  O  OD2 . ASP A 1 3  ? 9.889   0.229   6.395   1.00 23.29  ? 3   ASP A OD2 1 
ATOM   22  N  N   . ILE A 1 4  ? 5.175   1.602   8.609   1.00 9.64   ? 4   ILE A N   1 
ATOM   23  C  CA  . ILE A 1 4  ? 3.930   1.296   9.301   1.00 10.57  ? 4   ILE A CA  1 
ATOM   24  C  C   . ILE A 1 4  ? 3.448   -0.112  8.913   1.00 11.02  ? 4   ILE A C   1 
ATOM   25  O  O   . ILE A 1 4  ? 3.725   -0.611  7.812   1.00 14.51  ? 4   ILE A O   1 
ATOM   26  C  CB  . ILE A 1 4  ? 2.908   2.453   9.085   1.00 15.00  ? 4   ILE A CB  1 
ATOM   27  C  CG1 . ILE A 1 4  ? 2.250   2.606   7.697   1.00 15.00  ? 4   ILE A CG1 1 
ATOM   28  C  CG2 . ILE A 1 4  ? 3.530   3.831   9.314   1.00 15.00  ? 4   ILE A CG2 1 
ATOM   29  C  CD1 . ILE A 1 4  ? 1.415   3.914   7.598   1.00 15.00  ? 4   ILE A CD1 1 
ATOM   30  N  N   . VAL A 1 5  ? 2.781   -0.715  9.890   1.00 11.00  ? 5   VAL A N   1 
ATOM   31  C  CA  . VAL A 1 5  ? 2.159   -2.039  9.758   1.00 8.63   ? 5   VAL A CA  1 
ATOM   32  C  C   . VAL A 1 5  ? 0.659   -1.854  9.838   1.00 11.04  ? 5   VAL A C   1 
ATOM   33  O  O   . VAL A 1 5  ? 0.181   -1.226  10.794  1.00 10.87  ? 5   VAL A O   1 
ATOM   34  C  CB  . VAL A 1 5  ? 2.625   -2.985  10.860  1.00 11.88  ? 5   VAL A CB  1 
ATOM   35  C  CG1 . VAL A 1 5  ? 1.816   -4.286  10.897  1.00 14.12  ? 5   VAL A CG1 1 
ATOM   36  C  CG2 . VAL A 1 5  ? 4.086   -3.404  10.700  1.00 14.41  ? 5   VAL A CG2 1 
ATOM   37  N  N   . LEU A 1 6  ? -0.121  -2.322  8.871   1.00 10.77  ? 6   LEU A N   1 
ATOM   38  C  CA  . LEU A 1 6  ? -1.582  -2.276  8.928   1.00 8.50   ? 6   LEU A CA  1 
ATOM   39  C  C   . LEU A 1 6  ? -2.059  -3.554  9.622   1.00 12.30  ? 6   LEU A C   1 
ATOM   40  O  O   . LEU A 1 6  ? -1.693  -4.679  9.213   1.00 12.20  ? 6   LEU A O   1 
ATOM   41  C  CB  . LEU A 1 6  ? -2.217  -2.093  7.546   1.00 12.14  ? 6   LEU A CB  1 
ATOM   42  C  CG  A LEU A 1 6  ? -1.697  -0.828  6.823   0.50 12.32  ? 6   LEU A CG  1 
ATOM   43  C  CG  B LEU A 1 6  ? -1.702  -0.974  6.642   0.50 12.51  ? 6   LEU A CG  1 
ATOM   44  C  CD1 A LEU A 1 6  ? -0.363  -1.062  6.096   0.50 6.18   ? 6   LEU A CD1 1 
ATOM   45  C  CD1 B LEU A 1 6  ? -2.618  -0.743  5.456   0.50 20.14  ? 6   LEU A CD1 1 
ATOM   46  C  CD2 A LEU A 1 6  ? -2.687  -0.259  5.829   0.50 15.31  ? 6   LEU A CD2 1 
ATOM   47  C  CD2 B LEU A 1 6  ? -1.530  0.342   7.382   0.50 26.30  ? 6   LEU A CD2 1 
ATOM   48  N  N   . LYS A 1 7  ? -2.832  -3.478  10.702  1.00 8.88   ? 7   LYS A N   1 
ATOM   49  C  CA  . LYS A 1 7  ? -3.163  -4.652  11.511  1.00 12.12  ? 7   LYS A CA  1 
ATOM   50  C  C   . LYS A 1 7  ? -4.369  -5.370  10.996  1.00 10.04  ? 7   LYS A C   1 
ATOM   51  O  O   . LYS A 1 7  ? -5.420  -5.540  11.647  1.00 13.43  ? 7   LYS A O   1 
ATOM   52  C  CB  . LYS A 1 7  ? -3.402  -4.140  12.961  1.00 14.92  ? 7   LYS A CB  1 
ATOM   53  C  CG  . LYS A 1 7  ? -2.138  -3.647  13.666  1.00 14.60  ? 7   LYS A CG  1 
ATOM   54  C  CD  . LYS A 1 7  ? -1.070  -4.690  13.875  1.00 20.42  ? 7   LYS A CD  1 
ATOM   55  C  CE  . LYS A 1 7  ? -1.421  -5.795  14.858  1.00 19.64  ? 7   LYS A CE  1 
ATOM   56  N  NZ  . LYS A 1 7  ? -0.279  -6.744  15.110  1.00 20.20  ? 7   LYS A NZ  1 
ATOM   57  N  N   . ALA A 1 8  ? -4.241  -5.864  9.745   1.00 9.92   ? 8   ALA A N   1 
ATOM   58  C  CA  . ALA A 1 8  ? -5.252  -6.749  9.201   1.00 10.87  ? 8   ALA A CA  1 
ATOM   59  C  C   . ALA A 1 8  ? -5.433  -8.009  10.060  1.00 12.38  ? 8   ALA A C   1 
ATOM   60  O  O   . ALA A 1 8  ? -4.450  -8.614  10.480  1.00 13.83  ? 8   ALA A O   1 
ATOM   61  C  CB  . ALA A 1 8  ? -4.841  -7.170  7.783   1.00 12.27  ? 8   ALA A CB  1 
ATOM   62  N  N   . LYS A 1 9  ? -6.726  -8.338  10.238  1.00 13.04  ? 9   LYS A N   1 
ATOM   63  C  CA  . LYS A 1 9  ? -6.903  -9.491  11.161  1.00 20.52  ? 9   LYS A CA  1 
ATOM   64  C  C   . LYS A 1 9  ? -6.304  -10.794 10.689  1.00 15.59  ? 9   LYS A C   1 
ATOM   65  O  O   . LYS A 1 9  ? -5.921  -11.630 11.522  1.00 17.44  ? 9   LYS A O   1 
ATOM   66  C  CB  . LYS A 1 9  ? -8.420  -9.651  11.355  1.00 16.10  ? 9   LYS A CB  1 
ATOM   67  C  CG  . LYS A 1 9  ? -8.927  -8.456  12.156  1.00 25.62  ? 9   LYS A CG  1 
ATOM   68  C  CD  . LYS A 1 9  ? -10.408 -8.508  12.452  1.00 35.77  ? 9   LYS A CD  1 
ATOM   69  C  CE  . LYS A 1 9  ? -10.811 -7.269  13.255  1.00 47.09  ? 9   LYS A CE  1 
ATOM   70  N  NZ  . LYS A 1 9  ? -12.276 -7.271  13.577  1.00 76.61  ? 9   LYS A NZ  1 
ATOM   71  N  N   . ASN A 1 10 ? -6.251  -10.998 9.369   1.00 12.99  ? 10  ASN A N   1 
ATOM   72  C  CA  . ASN A 1 10 ? -5.720  -12.246 8.838   1.00 13.41  ? 10  ASN A CA  1 
ATOM   73  C  C   . ASN A 1 10 ? -4.226  -12.279 8.781   1.00 14.06  ? 10  ASN A C   1 
ATOM   74  O  O   . ASN A 1 10 ? -3.632  -13.296 8.429   1.00 15.96  ? 10  ASN A O   1 
ATOM   75  C  CB  . ASN A 1 10 ? -6.263  -12.463 7.394   1.00 10.92  ? 10  ASN A CB  1 
ATOM   76  C  CG  . ASN A 1 10 ? -6.042  -11.267 6.484   1.00 11.34  ? 10  ASN A CG  1 
ATOM   77  O  OD1 . ASN A 1 10 ? -6.257  -10.121 6.887   1.00 11.97  ? 10  ASN A OD1 1 
ATOM   78  N  ND2 . ASN A 1 10 ? -5.590  -11.547 5.256   1.00 12.28  ? 10  ASN A ND2 1 
ATOM   79  N  N   . GLY A 1 11 ? -3.614  -11.102 9.077   1.00 10.96  ? 11  GLY A N   1 
ATOM   80  C  CA  . GLY A 1 11 ? -2.156  -11.063 9.092   1.00 11.24  ? 11  GLY A CA  1 
ATOM   81  C  C   . GLY A 1 11 ? -1.602  -9.643  8.819   1.00 10.07  ? 11  GLY A C   1 
ATOM   82  O  O   . GLY A 1 11 ? -2.061  -9.002  7.852   1.00 10.65  ? 11  GLY A O   1 
ATOM   83  N  N   . ASP A 1 12 ? -0.668  -9.273  9.671   1.00 10.98  ? 12  ASP A N   1 
ATOM   84  C  CA  . ASP A 1 12 ? -0.085  -7.912  9.566   1.00 9.70   ? 12  ASP A CA  1 
ATOM   85  C  C   . ASP A 1 12 ? 0.366   -7.658  8.143   1.00 10.92  ? 12  ASP A C   1 
ATOM   86  O  O   . ASP A 1 12 ? 0.943   -8.488  7.472   1.00 12.65  ? 12  ASP A O   1 
ATOM   87  C  CB  . ASP A 1 12 ? 1.109   -7.732  10.481  1.00 14.44  ? 12  ASP A CB  1 
ATOM   88  C  CG  . ASP A 1 12 ? 0.805   -7.677  11.955  1.00 19.67  ? 12  ASP A CG  1 
ATOM   89  O  OD1 . ASP A 1 12 ? -0.342  -7.602  12.382  1.00 19.05  ? 12  ASP A OD1 1 
ATOM   90  O  OD2 . ASP A 1 12 ? 1.836   -7.725  12.675  1.00 28.96  ? 12  ASP A OD2 1 
ATOM   91  N  N   . VAL A 1 13 ? 0.170   -6.431  7.662   1.00 9.52   ? 13  VAL A N   1 
ATOM   92  C  CA  . VAL A 1 13 ? 0.718   -5.996  6.373   1.00 9.93   ? 13  VAL A CA  1 
ATOM   93  C  C   . VAL A 1 13 ? 1.718   -4.878  6.565   1.00 8.31   ? 13  VAL A C   1 
ATOM   94  O  O   . VAL A 1 13 ? 1.397   -3.753  6.914   1.00 8.71   ? 13  VAL A O   1 
ATOM   95  C  CB  . VAL A 1 13 ? -0.452  -5.494  5.491   1.00 6.84   ? 13  VAL A CB  1 
ATOM   96  C  CG1 . VAL A 1 13 ? 0.108   -5.045  4.149   1.00 9.73   ? 13  VAL A CG1 1 
ATOM   97  C  CG2 . VAL A 1 13 ? -1.501  -6.585  5.289   1.00 9.03   ? 13  VAL A CG2 1 
ATOM   98  N  N   . LYS A 1 14 ? 2.992   -5.255  6.286   1.00 11.66  ? 14  LYS A N   1 
ATOM   99  C  CA  . LYS A 1 14 ? 4.016   -4.193  6.338   1.00 11.81  ? 14  LYS A CA  1 
ATOM   100 C  C   . LYS A 1 14 ? 3.918   -3.268  5.124   1.00 9.12   ? 14  LYS A C   1 
ATOM   101 O  O   . LYS A 1 14 ? 3.650   -3.703  3.997   1.00 10.65  ? 14  LYS A O   1 
ATOM   102 C  CB  . LYS A 1 14 ? 5.426   -4.819  6.285   1.00 16.71  ? 14  LYS A CB  1 
ATOM   103 C  CG  . LYS A 1 14 ? 5.709   -5.809  7.407   1.00 20.84  ? 14  LYS A CG  1 
ATOM   104 C  CD  . LYS A 1 14 ? 7.021   -6.560  7.118   1.00 25.39  ? 14  LYS A CD  1 
ATOM   105 C  CE  . LYS A 1 14 ? 7.546   -7.143  8.434   1.00 43.03  ? 14  LYS A CE  1 
ATOM   106 N  NZ  . LYS A 1 14 ? 8.298   -8.409  8.217   1.00 77.03  ? 14  LYS A NZ  1 
ATOM   107 N  N   . PHE A 1 15 ? 4.206   -1.972  5.312   1.00 9.84   ? 15  PHE A N   1 
ATOM   108 C  CA  . PHE A 1 15 ? 4.359   -1.015  4.225   1.00 10.05  ? 15  PHE A CA  1 
ATOM   109 C  C   . PHE A 1 15 ? 5.775   -0.416  4.254   1.00 12.72  ? 15  PHE A C   1 
ATOM   110 O  O   . PHE A 1 15 ? 6.068   0.397   5.131   1.00 11.84  ? 15  PHE A O   1 
ATOM   111 C  CB  . PHE A 1 15 ? 3.348   0.146   4.365   1.00 9.33   ? 15  PHE A CB  1 
ATOM   112 C  CG  . PHE A 1 15 ? 3.599   1.195   3.282   1.00 10.70  ? 15  PHE A CG  1 
ATOM   113 C  CD1 . PHE A 1 15 ? 3.255   0.899   1.957   1.00 9.11   ? 15  PHE A CD1 1 
ATOM   114 C  CD2 . PHE A 1 15 ? 4.162   2.423   3.597   1.00 9.63   ? 15  PHE A CD2 1 
ATOM   115 C  CE1 . PHE A 1 15 ? 3.512   1.827   0.979   1.00 10.51  ? 15  PHE A CE1 1 
ATOM   116 C  CE2 . PHE A 1 15 ? 4.440   3.367   2.591   1.00 10.91  ? 15  PHE A CE2 1 
ATOM   117 C  CZ  . PHE A 1 15 ? 4.103   3.066   1.266   1.00 13.07  ? 15  PHE A CZ  1 
ATOM   118 N  N   . PRO A 1 16 ? 6.678   -0.866  3.403   1.00 10.64  ? 16  PRO A N   1 
ATOM   119 C  CA  . PRO A 1 16 ? 8.052   -0.368  3.412   1.00 12.04  ? 16  PRO A CA  1 
ATOM   120 C  C   . PRO A 1 16 ? 8.223   0.890   2.554   1.00 9.93   ? 16  PRO A C   1 
ATOM   121 O  O   . PRO A 1 16 ? 8.214   0.803   1.315   1.00 10.15  ? 16  PRO A O   1 
ATOM   122 C  CB  . PRO A 1 16 ? 8.823   -1.574  2.808   1.00 12.18  ? 16  PRO A CB  1 
ATOM   123 C  CG  . PRO A 1 16 ? 7.825   -2.303  1.964   1.00 14.34  ? 16  PRO A CG  1 
ATOM   124 C  CD  . PRO A 1 16 ? 6.446   -1.988  2.492   1.00 12.16  ? 16  PRO A CD  1 
ATOM   125 N  N   . HIS A 1 17 ? 8.431   2.016   3.197   1.00 9.52   ? 17  HIS A N   1 
ATOM   126 C  CA  . HIS A 1 17 ? 8.490   3.261   2.408   1.00 8.31   ? 17  HIS A CA  1 
ATOM   127 C  C   . HIS A 1 17 ? 9.673   3.344   1.452   1.00 9.53   ? 17  HIS A C   1 
ATOM   128 O  O   . HIS A 1 17 ? 9.461   3.834   0.337   1.00 10.77  ? 17  HIS A O   1 
ATOM   129 C  CB  . HIS A 1 17 ? 8.425   4.489   3.343   1.00 9.64   ? 17  HIS A CB  1 
ATOM   130 C  CG  . HIS A 1 17 ? 8.222   5.763   2.528   1.00 8.40   ? 17  HIS A CG  1 
ATOM   131 N  ND1 . HIS A 1 17 ? 9.248   6.691   2.329   1.00 14.84  ? 17  HIS A ND1 1 
ATOM   132 C  CD2 . HIS A 1 17 ? 7.149   6.226   1.853   1.00 9.16   ? 17  HIS A CD2 1 
ATOM   133 C  CE1 . HIS A 1 17 ? 8.793   7.690   1.577   1.00 10.94  ? 17  HIS A CE1 1 
ATOM   134 N  NE2 . HIS A 1 17 ? 7.540   7.428   1.294   1.00 7.53   ? 17  HIS A NE2 1 
ATOM   135 N  N   . LYS A 1 18 ? 10.849  2.948   1.865   1.00 11.04  ? 18  LYS A N   1 
ATOM   136 C  CA  . LYS A 1 18 ? 12.038  3.204   1.039   1.00 12.93  ? 18  LYS A CA  1 
ATOM   137 C  C   . LYS A 1 18 ? 11.830  2.536   -0.310  1.00 11.96  ? 18  LYS A C   1 
ATOM   138 O  O   . LYS A 1 18 ? 12.120  3.157   -1.349  1.00 14.61  ? 18  LYS A O   1 
ATOM   139 C  CB  . LYS A 1 18 ? 13.259  2.702   1.799   1.00 17.98  ? 18  LYS A CB  1 
ATOM   140 C  CG  . LYS A 1 18 ? 14.570  2.846   0.982   1.00 31.90  ? 18  LYS A CG  1 
ATOM   141 C  CD  . LYS A 1 18 ? 15.684  2.051   1.655   1.00 47.93  ? 18  LYS A CD  1 
ATOM   142 C  CE  . LYS A 1 18 ? 17.070  2.566   1.306   1.00 55.86  ? 18  LYS A CE  1 
ATOM   143 N  NZ  . LYS A 1 18 ? 18.145  1.867   2.067   1.00 83.94  ? 18  LYS A NZ  1 
ATOM   144 N  N   . ALA A 1 19 ? 11.277  1.331   -0.338  1.00 11.65  ? 19  ALA A N   1 
ATOM   145 C  CA  . ALA A 1 19 ? 11.095  0.664   -1.645  1.00 12.42  ? 19  ALA A CA  1 
ATOM   146 C  C   . ALA A 1 19 ? 10.130  1.396   -2.525  1.00 13.00  ? 19  ALA A C   1 
ATOM   147 O  O   . ALA A 1 19 ? 10.185  1.425   -3.761  1.00 15.48  ? 19  ALA A O   1 
ATOM   148 C  CB  . ALA A 1 19 ? 10.642  -0.763  -1.358  1.00 15.51  ? 19  ALA A CB  1 
ATOM   149 N  N   . HIS A 1 20 ? 9.095   2.055   -1.915  1.00 9.30   ? 20  HIS A N   1 
ATOM   150 C  CA  . HIS A 1 20 ? 8.128   2.845   -2.667  1.00 11.43  ? 20  HIS A CA  1 
ATOM   151 C  C   . HIS A 1 20 ? 8.687   4.179   -3.177  1.00 11.26  ? 20  HIS A C   1 
ATOM   152 O  O   . HIS A 1 20 ? 8.445   4.579   -4.290  1.00 10.82  ? 20  HIS A O   1 
ATOM   153 C  CB  . HIS A 1 20 ? 6.848   3.090   -1.806  1.00 8.14   ? 20  HIS A CB  1 
ATOM   154 C  CG  . HIS A 1 20 ? 6.110   1.770   -1.718  1.00 9.99   ? 20  HIS A CG  1 
ATOM   155 N  ND1 . HIS A 1 20 ? 6.278   0.874   -0.660  1.00 8.83   ? 20  HIS A ND1 1 
ATOM   156 C  CD2 . HIS A 1 20 ? 5.199   1.231   -2.563  1.00 9.51   ? 20  HIS A CD2 1 
ATOM   157 C  CE1 . HIS A 1 20 ? 5.475   -0.186  -0.912  1.00 8.74   ? 20  HIS A CE1 1 
ATOM   158 N  NE2 . HIS A 1 20 ? 4.839   0.000   -2.035  1.00 7.89   ? 20  HIS A NE2 1 
ATOM   159 N  N   . GLN A 1 21 ? 9.448   4.907   -2.361  1.00 11.08  ? 21  GLN A N   1 
ATOM   160 C  CA  . GLN A 1 21 ? 10.106  6.165   -2.788  1.00 10.02  ? 21  GLN A CA  1 
ATOM   161 C  C   . GLN A 1 21 ? 10.974  5.877   -4.017  1.00 13.23  ? 21  GLN A C   1 
ATOM   162 O  O   . GLN A 1 21 ? 10.984  6.678   -4.966  1.00 15.76  ? 21  GLN A O   1 
ATOM   163 C  CB  . GLN A 1 21 ? 10.928  6.675   -1.625  1.00 11.59  ? 21  GLN A CB  1 
ATOM   164 C  CG  . GLN A 1 21 ? 11.528  8.067   -1.608  1.00 25.04  ? 21  GLN A CG  1 
ATOM   165 C  CD  . GLN A 1 21 ? 11.616  8.519   -0.131  1.00 31.40  ? 21  GLN A CD  1 
ATOM   166 O  OE1 . GLN A 1 21 ? 11.183  9.595   0.267   1.00 45.76  ? 21  GLN A OE1 1 
ATOM   167 N  NE2 . GLN A 1 21 ? 12.172  7.672   0.724   1.00 41.27  ? 21  GLN A NE2 1 
ATOM   168 N  N   . LYS A 1 22 ? 11.691  4.745   -3.992  1.00 12.67  ? 22  LYS A N   1 
ATOM   169 C  CA  . LYS A 1 22 ? 12.587  4.422   -5.131  1.00 12.22  ? 22  LYS A CA  1 
ATOM   170 C  C   . LYS A 1 22 ? 11.845  3.960   -6.353  1.00 15.52  ? 22  LYS A C   1 
ATOM   171 O  O   . LYS A 1 22 ? 12.152  4.301   -7.499  1.00 16.22  ? 22  LYS A O   1 
ATOM   172 C  CB  . LYS A 1 22 ? 13.546  3.322   -4.637  1.00 14.75  ? 22  LYS A CB  1 
ATOM   173 C  CG  . LYS A 1 22 ? 14.717  3.131   -5.613  1.00 23.31  ? 22  LYS A CG  1 
ATOM   174 C  CD  . LYS A 1 22 ? 15.405  1.790   -5.406  1.00 31.14  ? 22  LYS A CD  1 
ATOM   175 C  CE  . LYS A 1 22 ? 16.328  1.833   -4.189  1.00 36.59  ? 22  LYS A CE  1 
ATOM   176 N  NZ  . LYS A 1 22 ? 17.120  0.582   -4.045  1.00 44.55  ? 22  LYS A NZ  1 
ATOM   177 N  N   . ALA A 1 23 ? 10.801  3.116   -6.207  1.00 12.15  ? 23  ALA A N   1 
ATOM   178 C  CA  . ALA A 1 23 ? 10.133  2.568   -7.368  1.00 10.80  ? 23  ALA A CA  1 
ATOM   179 C  C   . ALA A 1 23 ? 8.973   3.377   -7.919  1.00 10.73  ? 23  ALA A C   1 
ATOM   180 O  O   . ALA A 1 23 ? 8.475   3.116   -9.025  1.00 12.06  ? 23  ALA A O   1 
ATOM   181 C  CB  . ALA A 1 23 ? 9.562   1.186   -7.048  1.00 12.53  ? 23  ALA A CB  1 
ATOM   182 N  N   . VAL A 1 24 ? 8.506   4.357   -7.145  1.00 9.59   ? 24  VAL A N   1 
ATOM   183 C  CA  . VAL A 1 24 ? 7.372   5.182   -7.533  1.00 11.59  ? 24  VAL A CA  1 
ATOM   184 C  C   . VAL A 1 24 ? 7.759   6.653   -7.442  1.00 14.58  ? 24  VAL A C   1 
ATOM   185 O  O   . VAL A 1 24 ? 7.385   7.427   -6.541  1.00 13.98  ? 24  VAL A O   1 
ATOM   186 C  CB  . VAL A 1 24 ? 6.135   4.915   -6.648  1.00 10.76  ? 24  VAL A CB  1 
ATOM   187 C  CG1 . VAL A 1 24 ? 4.910   5.577   -7.222  1.00 13.32  ? 24  VAL A CG1 1 
ATOM   188 C  CG2 . VAL A 1 24 ? 5.865   3.415   -6.543  1.00 10.10  ? 24  VAL A CG2 1 
ATOM   189 N  N   . PRO A 1 25 ? 8.624   7.089   -8.362  1.00 16.27  ? 25  PRO A N   1 
ATOM   190 C  CA  . PRO A 1 25 ? 9.080   8.504   -8.359  1.00 13.67  ? 25  PRO A CA  1 
ATOM   191 C  C   . PRO A 1 25 ? 7.944   9.474   -8.618  1.00 15.15  ? 25  PRO A C   1 
ATOM   192 O  O   . PRO A 1 25 ? 8.115   10.711  -8.340  1.00 18.46  ? 25  PRO A O   1 
ATOM   193 C  CB  . PRO A 1 25 ? 10.092  8.525   -9.501  1.00 19.46  ? 25  PRO A CB  1 
ATOM   194 C  CG  . PRO A 1 25 ? 9.725   7.365   -10.396 1.00 16.62  ? 25  PRO A CG  1 
ATOM   195 C  CD  . PRO A 1 25 ? 9.271   6.289   -9.433  1.00 14.57  ? 25  PRO A CD  1 
ATOM   196 N  N   . ASP A 1 26 ? 6.767   9.116   -9.054  1.00 14.39  ? 26  ASP A N   1 
ATOM   197 C  CA  . ASP A 1 26 ? 5.575   9.941   -9.103  1.00 14.89  ? 26  ASP A CA  1 
ATOM   198 C  C   . ASP A 1 26 ? 4.980   9.957   -7.662  1.00 15.11  ? 26  ASP A C   1 
ATOM   199 O  O   . ASP A 1 26 ? 4.021   9.266   -7.356  1.00 14.34  ? 26  ASP A O   1 
ATOM   200 C  CB  . ASP A 1 26 ? 4.543   9.492   -10.093 1.00 23.49  ? 26  ASP A CB  1 
ATOM   201 C  CG  . ASP A 1 26 ? 3.348   10.399  -10.254 1.00 30.47  ? 26  ASP A CG  1 
ATOM   202 O  OD1 . ASP A 1 26 ? 3.412   11.542  -9.747  1.00 22.94  ? 26  ASP A OD1 1 
ATOM   203 O  OD2 . ASP A 1 26 ? 2.320   10.017  -10.873 1.00 27.89  ? 26  ASP A OD2 1 
ATOM   204 N  N   . CYS A 1 27 ? 5.618   10.823  -6.850  1.00 12.48  ? 27  CYS A N   1 
ATOM   205 C  CA  . CYS A 1 27 ? 5.229   10.869  -5.425  1.00 10.58  ? 27  CYS A CA  1 
ATOM   206 C  C   . CYS A 1 27 ? 3.774   11.251  -5.292  1.00 12.20  ? 27  CYS A C   1 
ATOM   207 O  O   . CYS A 1 27 ? 3.153   10.865  -4.283  1.00 11.06  ? 27  CYS A O   1 
ATOM   208 C  CB  . CYS A 1 27 ? 6.043   11.868  -4.609  1.00 8.64   ? 27  CYS A CB  1 
ATOM   209 S  SG  . CYS A 1 27 ? 7.805   11.770  -4.971  1.00 12.77  ? 27  CYS A SG  1 
ATOM   210 N  N   . LYS A 1 28 ? 3.153   12.000  -6.210  1.00 8.99   ? 28  LYS A N   1 
ATOM   211 C  CA  . LYS A 1 28 ? 1.770   12.406  -6.109  1.00 11.81  ? 28  LYS A CA  1 
ATOM   212 C  C   . LYS A 1 28 ? 0.785   11.233  -6.325  1.00 11.35  ? 28  LYS A C   1 
ATOM   213 O  O   . LYS A 1 28 ? -0.427  11.415  -6.242  1.00 13.72  ? 28  LYS A O   1 
ATOM   214 C  CB  . LYS A 1 28 ? 1.458   13.496  -7.143  1.00 13.29  ? 28  LYS A CB  1 
ATOM   215 C  CG  . LYS A 1 28 ? 2.062   14.831  -6.750  1.00 15.34  ? 28  LYS A CG  1 
ATOM   216 C  CD  . LYS A 1 28 ? 1.664   15.940  -7.738  1.00 16.90  ? 28  LYS A CD  1 
ATOM   217 C  CE  . LYS A 1 28 ? 0.167   16.181  -7.571  1.00 21.50  ? 28  LYS A CE  1 
ATOM   218 N  NZ  . LYS A 1 28 ? -0.353  17.334  -8.361  1.00 29.07  ? 28  LYS A NZ  1 
ATOM   219 N  N   . LYS A 1 29 ? 1.369   10.065  -6.635  1.00 13.56  ? 29  LYS A N   1 
ATOM   220 C  CA  . LYS A 1 29 ? 0.441   8.914   -6.606  1.00 16.09  ? 29  LYS A CA  1 
ATOM   221 C  C   . LYS A 1 29 ? -0.061  8.718   -5.174  1.00 12.28  ? 29  LYS A C   1 
ATOM   222 O  O   . LYS A 1 29 ? -1.136  8.175   -4.923  1.00 13.83  ? 29  LYS A O   1 
ATOM   223 C  CB  . LYS A 1 29 ? 1.079   7.635   -7.049  1.00 12.72  ? 29  LYS A CB  1 
ATOM   224 C  CG  . LYS A 1 29 ? 1.282   7.456   -8.556  1.00 15.87  ? 29  LYS A CG  1 
ATOM   225 C  CD  . LYS A 1 29 ? 0.008   7.607   -9.345  1.00 21.68  ? 29  LYS A CD  1 
ATOM   226 C  CE  . LYS A 1 29 ? 0.073   6.832   -10.656 1.00 33.12  ? 29  LYS A CE  1 
ATOM   227 N  NZ  . LYS A 1 29 ? -1.286  6.250   -10.946 1.00 33.47  ? 29  LYS A NZ  1 
ATOM   228 N  N   . CYS A 1 30 ? 0.748   9.122   -4.165  1.00 10.55  ? 30  CYS A N   1 
ATOM   229 C  CA  . CYS A 1 30 ? 0.266   8.946   -2.784  1.00 11.27  ? 30  CYS A CA  1 
ATOM   230 C  C   . CYS A 1 30 ? 0.211   10.238  -1.995  1.00 11.09  ? 30  CYS A C   1 
ATOM   231 O  O   . CYS A 1 30 ? -0.616  10.435  -1.100  1.00 14.55  ? 30  CYS A O   1 
ATOM   232 C  CB  . CYS A 1 30 ? 1.149   7.995   -1.984  1.00 9.72   ? 30  CYS A CB  1 
ATOM   233 S  SG  . CYS A 1 30 ? 1.218   6.330   -2.677  1.00 12.46  ? 30  CYS A SG  1 
ATOM   234 N  N   . HIS A 1 31 ? 1.111   11.177  -2.338  1.00 9.67   ? 31  HIS A N   1 
ATOM   235 C  CA  . HIS A 1 31 ? 1.271   12.399  -1.543  1.00 10.59  ? 31  HIS A CA  1 
ATOM   236 C  C   . HIS A 1 31 ? 0.528   13.564  -2.196  1.00 9.31   ? 31  HIS A C   1 
ATOM   237 O  O   . HIS A 1 31 ? 0.200   13.554  -3.369  1.00 10.28  ? 31  HIS A O   1 
ATOM   238 C  CB  . HIS A 1 31 ? 2.753   12.718  -1.357  1.00 8.36   ? 31  HIS A CB  1 
ATOM   239 C  CG  . HIS A 1 31 ? 3.466   11.738  -0.452  1.00 7.60   ? 31  HIS A CG  1 
ATOM   240 N  ND1 . HIS A 1 31 ? 2.918   11.410  0.793   1.00 9.12   ? 31  HIS A ND1 1 
ATOM   241 C  CD2 . HIS A 1 31 ? 4.576   10.993  -0.572  1.00 7.79   ? 31  HIS A CD2 1 
ATOM   242 C  CE1 . HIS A 1 31 ? 3.695   10.511  1.399   1.00 10.63  ? 31  HIS A CE1 1 
ATOM   243 N  NE2 . HIS A 1 31 ? 4.718   10.277  0.554   1.00 8.30   ? 31  HIS A NE2 1 
ATOM   244 N  N   . GLU A 1 32 ? 0.225   14.562  -1.376  1.00 10.21  ? 32  GLU A N   1 
ATOM   245 C  CA  . GLU A 1 32 ? -0.574  15.690  -1.827  1.00 13.64  ? 32  GLU A CA  1 
ATOM   246 C  C   . GLU A 1 32 ? -1.947  15.333  -2.344  1.00 27.95  ? 32  GLU A C   1 
ATOM   247 O  O   . GLU A 1 32 ? -2.501  16.087  -3.161  1.00 30.54  ? 32  GLU A O   1 
ATOM   248 C  CB  . GLU A 1 32 ? 0.139   16.462  -2.983  1.00 17.77  ? 32  GLU A CB  1 
ATOM   249 C  CG  . GLU A 1 32 ? 1.339   17.210  -2.365  1.00 16.63  ? 32  GLU A CG  1 
ATOM   250 C  CD  . GLU A 1 32 ? 1.928   18.128  -3.459  1.00 18.03  ? 32  GLU A CD  1 
ATOM   251 O  OE1 . GLU A 1 32 ? 2.339   17.620  -4.492  1.00 18.11  ? 32  GLU A OE1 1 
ATOM   252 O  OE2 . GLU A 1 32 ? 1.897   19.333  -3.144  1.00 17.41  ? 32  GLU A OE2 1 
ATOM   253 N  N   . LYS A 1 33 ? -2.518  14.234  -1.903  1.00 15.55  ? 33  LYS A N   1 
ATOM   254 C  CA  . LYS A 1 33 ? -3.920  13.896  -2.156  1.00 17.31  ? 33  LYS A CA  1 
ATOM   255 C  C   . LYS A 1 33 ? -4.795  14.856  -1.378  1.00 23.22  ? 33  LYS A C   1 
ATOM   256 O  O   . LYS A 1 33 ? -4.455  15.449  -0.357  1.00 29.07  ? 33  LYS A O   1 
ATOM   257 C  CB  . LYS A 1 33 ? -4.106  12.426  -1.757  1.00 25.06  ? 33  LYS A CB  1 
ATOM   258 C  CG  . LYS A 1 33 ? -3.153  11.534  -2.589  1.00 20.40  ? 33  LYS A CG  1 
ATOM   259 C  CD  . LYS A 1 33 ? -3.726  11.411  -3.993  1.00 39.60  ? 33  LYS A CD  1 
ATOM   260 C  CE  . LYS A 1 33 ? -2.802  10.608  -4.884  1.00 38.09  ? 33  LYS A CE  1 
ATOM   261 N  NZ  . LYS A 1 33 ? -3.323  10.534  -6.278  1.00 32.05  ? 33  LYS A NZ  1 
ATOM   262 N  N   . GLY A 1 34 ? -6.014  15.123  -1.856  1.00 30.47  ? 34  GLY A N   1 
ATOM   263 C  CA  . GLY A 1 34 ? -6.779  16.088  -1.065  1.00 28.75  ? 34  GLY A CA  1 
ATOM   264 C  C   . GLY A 1 34 ? -7.184  15.392  0.229   1.00 23.85  ? 34  GLY A C   1 
ATOM   265 O  O   . GLY A 1 34 ? -6.713  14.296  0.569   1.00 24.49  ? 34  GLY A O   1 
ATOM   266 N  N   . PRO A 1 35 ? -8.043  16.085  0.951   1.00 19.89  ? 35  PRO A N   1 
ATOM   267 C  CA  . PRO A 1 35 ? -8.491  15.562  2.251   1.00 15.44  ? 35  PRO A CA  1 
ATOM   268 C  C   . PRO A 1 35 ? -9.356  14.320  2.076   1.00 19.61  ? 35  PRO A C   1 
ATOM   269 O  O   . PRO A 1 35 ? -10.001 14.147  1.021   1.00 23.57  ? 35  PRO A O   1 
ATOM   270 C  CB  . PRO A 1 35 ? -9.300  16.701  2.860   1.00 28.93  ? 35  PRO A CB  1 
ATOM   271 C  CG  . PRO A 1 35 ? -9.646  17.586  1.717   1.00 33.89  ? 35  PRO A CG  1 
ATOM   272 C  CD  . PRO A 1 35 ? -8.638  17.388  0.627   1.00 20.79  ? 35  PRO A CD  1 
ATOM   273 N  N   . GLY A 1 36 ? -9.328  13.429  3.059   1.00 13.02  ? 36  GLY A N   1 
ATOM   274 C  CA  . GLY A 1 36 ? -10.143 12.239  3.118   1.00 10.92  ? 36  GLY A CA  1 
ATOM   275 C  C   . GLY A 1 36 ? -9.342  10.953  2.929   1.00 13.39  ? 36  GLY A C   1 
ATOM   276 O  O   . GLY A 1 36 ? -9.954  9.901   3.114   1.00 14.57  ? 36  GLY A O   1 
ATOM   277 N  N   . LYS A 1 37 ? -8.059  11.079  2.533   1.00 12.90  ? 37  LYS A N   1 
ATOM   278 C  CA  . LYS A 1 37 ? -7.398  9.799   2.204   1.00 16.30  ? 37  LYS A CA  1 
ATOM   279 C  C   . LYS A 1 37 ? -7.016  9.002   3.431   1.00 10.38  ? 37  LYS A C   1 
ATOM   280 O  O   . LYS A 1 37 ? -6.871  7.778   3.349   1.00 16.23  ? 37  LYS A O   1 
ATOM   281 C  CB  . LYS A 1 37 ? -6.163  10.101  1.326   1.00 16.58  ? 37  LYS A CB  1 
ATOM   282 C  CG  . LYS A 1 37 ? -6.653  10.569  -0.046  1.00 22.43  ? 37  LYS A CG  1 
ATOM   283 C  CD  . LYS A 1 37 ? -7.159  9.378   -0.862  1.00 33.20  ? 37  LYS A CD  1 
ATOM   284 C  CE  . LYS A 1 37 ? -7.229  9.630   -2.363  1.00 35.57  ? 37  LYS A CE  1 
ATOM   285 N  NZ  . LYS A 1 37 ? -7.838  8.417   -3.039  1.00 27.47  ? 37  LYS A NZ  1 
ATOM   286 N  N   . ILE A 1 38 ? -6.846  9.668   4.564   1.00 11.31  ? 38  ILE A N   1 
ATOM   287 C  CA  . ILE A 1 38 ? -6.532  8.922   5.795   1.00 8.93   ? 38  ILE A CA  1 
ATOM   288 C  C   . ILE A 1 38 ? -7.771  8.189   6.254   1.00 12.74  ? 38  ILE A C   1 
ATOM   289 O  O   . ILE A 1 38 ? -7.790  6.997   6.589   1.00 13.94  ? 38  ILE A O   1 
ATOM   290 C  CB  . ILE A 1 38 ? -5.951  9.833   6.882   1.00 10.10  ? 38  ILE A CB  1 
ATOM   291 C  CG1 . ILE A 1 38 ? -4.602  10.412  6.439   1.00 9.38   ? 38  ILE A CG1 1 
ATOM   292 C  CG2 . ILE A 1 38 ? -5.882  9.149   8.244   1.00 10.40  ? 38  ILE A CG2 1 
ATOM   293 C  CD1 . ILE A 1 38 ? -4.039  11.460  7.372   1.00 13.34  ? 38  ILE A CD1 1 
ATOM   294 N  N   . GLU A 1 39 ? -8.911  8.898   6.274   1.00 10.85  ? 39  GLU A N   1 
ATOM   295 C  CA  . GLU A 1 39 ? -10.146 8.246   6.695   1.00 10.11  ? 39  GLU A CA  1 
ATOM   296 C  C   . GLU A 1 39 ? -10.615 7.254   5.654   1.00 12.62  ? 39  GLU A C   1 
ATOM   297 O  O   . GLU A 1 39 ? -11.228 6.247   6.059   1.00 15.70  ? 39  GLU A O   1 
ATOM   298 C  CB  . GLU A 1 39 ? -11.249 9.305   6.840   1.00 10.00  ? 39  GLU A CB  1 
ATOM   299 C  CG  . GLU A 1 39 ? -11.053 10.287  7.965   1.00 12.63  ? 39  GLU A CG  1 
ATOM   300 C  CD  . GLU A 1 39 ? -11.955 11.536  7.834   1.00 14.78  ? 39  GLU A CD  1 
ATOM   301 O  OE1 . GLU A 1 39 ? -11.499 12.537  7.229   1.00 16.66  ? 39  GLU A OE1 1 
ATOM   302 O  OE2 . GLU A 1 39 ? -13.073 11.408  8.342   1.00 17.69  ? 39  GLU A OE2 1 
ATOM   303 N  N   . GLY A 1 40 ? -10.370 7.490   4.384   1.00 11.17  ? 40  GLY A N   1 
ATOM   304 C  CA  . GLY A 1 40 ? -10.824 6.615   3.318   1.00 16.16  ? 40  GLY A CA  1 
ATOM   305 C  C   . GLY A 1 40 ? -10.200 5.246   3.187   1.00 12.72  ? 40  GLY A C   1 
ATOM   306 O  O   . GLY A 1 40 ? -10.802 4.289   2.673   1.00 16.58  ? 40  GLY A O   1 
ATOM   307 N  N   . PHE A 1 41 ? -8.985  5.126   3.675   1.00 11.34  ? 41  PHE A N   1 
ATOM   308 C  CA  . PHE A 1 41 ? -8.321  3.821   3.416   1.00 11.31  ? 41  PHE A CA  1 
ATOM   309 C  C   . PHE A 1 41 ? -8.955  2.694   4.181   1.00 14.32  ? 41  PHE A C   1 
ATOM   310 O  O   . PHE A 1 41 ? -9.512  2.827   5.270   1.00 13.85  ? 41  PHE A O   1 
ATOM   311 C  CB  . PHE A 1 41 ? -6.834  3.918   3.746   1.00 9.24   ? 41  PHE A CB  1 
ATOM   312 C  CG  . PHE A 1 41 ? -6.002  2.773   3.231   1.00 9.57   ? 41  PHE A CG  1 
ATOM   313 C  CD1 . PHE A 1 41 ? -5.520  2.772   1.953   1.00 12.09  ? 41  PHE A CD1 1 
ATOM   314 C  CD2 . PHE A 1 41 ? -5.724  1.713   4.107   1.00 12.49  ? 41  PHE A CD2 1 
ATOM   315 C  CE1 . PHE A 1 41 ? -4.740  1.697   1.484   1.00 12.62  ? 41  PHE A CE1 1 
ATOM   316 C  CE2 . PHE A 1 41 ? -4.978  0.655   3.641   1.00 13.54  ? 41  PHE A CE2 1 
ATOM   317 C  CZ  . PHE A 1 41 ? -4.499  0.658   2.350   1.00 14.05  ? 41  PHE A CZ  1 
ATOM   318 N  N   . GLY A 1 42 ? -8.896  1.477   3.636   1.00 12.22  ? 42  GLY A N   1 
ATOM   319 C  CA  . GLY A 1 42 ? -9.459  0.288   4.252   1.00 11.16  ? 42  GLY A CA  1 
ATOM   320 C  C   . GLY A 1 42 ? -9.256  -0.891  3.298   1.00 12.29  ? 42  GLY A C   1 
ATOM   321 O  O   . GLY A 1 42 ? -8.425  -0.801  2.388   1.00 10.78  ? 42  GLY A O   1 
ATOM   322 N  N   . LYS A 1 43 ? -10.027 -1.952  3.481   1.00 13.72  ? 43  LYS A N   1 
ATOM   323 C  CA  . LYS A 1 43 ? -9.811  -3.169  2.712   1.00 13.32  ? 43  LYS A CA  1 
ATOM   324 C  C   . LYS A 1 43 ? -10.063 -2.976  1.222   1.00 12.54  ? 43  LYS A C   1 
ATOM   325 O  O   . LYS A 1 43 ? -9.271  -3.408  0.363   1.00 15.19  ? 43  LYS A O   1 
ATOM   326 C  CB  . LYS A 1 43 ? -10.706 -4.307  3.234   1.00 13.24  ? 43  LYS A CB  1 
ATOM   327 C  CG  . LYS A 1 43 ? -10.598 -5.625  2.497   1.00 16.59  ? 43  LYS A CG  1 
ATOM   328 C  CD  . LYS A 1 43 ? -11.681 -6.564  3.033   1.00 20.27  ? 43  LYS A CD  1 
ATOM   329 C  CE  . LYS A 1 43 ? -11.659 -7.977  2.480   1.00 21.48  ? 43  LYS A CE  1 
ATOM   330 N  NZ  . LYS A 1 43 ? -12.284 -7.975  1.123   1.00 23.21  ? 43  LYS A NZ  1 
ATOM   331 N  N   . GLU A 1 44 ? -11.215 -2.386  0.905   1.00 16.23  ? 44  GLU A N   1 
ATOM   332 C  CA  . GLU A 1 44 ? -11.519 -2.094  -0.500  1.00 16.06  ? 44  GLU A CA  1 
ATOM   333 C  C   . GLU A 1 44 ? -10.420 -1.336  -1.222  1.00 14.56  ? 44  GLU A C   1 
ATOM   334 O  O   . GLU A 1 44 ? -10.019 -1.744  -2.320  1.00 15.60  ? 44  GLU A O   1 
ATOM   335 C  CB  . GLU A 1 44 ? -12.843 -1.333  -0.556  1.00 21.22  ? 44  GLU A CB  1 
ATOM   336 N  N   . MET A 1 45 ? -9.929  -0.249  -0.614  1.00 18.23  ? 45  MET A N   1 
ATOM   337 C  CA  . MET A 1 45 ? -8.811  0.455   -1.263  1.00 12.62  ? 45  MET A CA  1 
ATOM   338 C  C   . MET A 1 45 ? -7.554  -0.397  -1.342  1.00 14.91  ? 45  MET A C   1 
ATOM   339 O  O   . MET A 1 45 ? -6.848  -0.355  -2.349  1.00 11.74  ? 45  MET A O   1 
ATOM   340 C  CB  . MET A 1 45 ? -8.489  1.741   -0.502  1.00 15.23  ? 45  MET A CB  1 
ATOM   341 C  CG  . MET A 1 45 ? -9.648  2.739   -0.517  1.00 32.41  ? 45  MET A CG  1 
ATOM   342 S  SD  . MET A 1 45 ? -9.943  3.341   -2.214  1.00 39.54  ? 45  MET A SD  1 
ATOM   343 C  CE  . MET A 1 45 ? -8.230  3.402   -2.749  1.00 15.82  ? 45  MET A CE  1 
ATOM   344 N  N   . ALA A 1 46 ? -7.248  -1.146  -0.275  1.00 9.63   ? 46  ALA A N   1 
ATOM   345 C  CA  . ALA A 1 46 ? -6.003  -1.852  -0.210  1.00 10.13  ? 46  ALA A CA  1 
ATOM   346 C  C   . ALA A 1 46 ? -5.990  -2.926  -1.302  1.00 10.83  ? 46  ALA A C   1 
ATOM   347 O  O   . ALA A 1 46 ? -4.964  -3.156  -1.903  1.00 12.18  ? 46  ALA A O   1 
ATOM   348 C  CB  . ALA A 1 46 ? -5.764  -2.496  1.155   1.00 9.39   ? 46  ALA A CB  1 
ATOM   349 N  N   . HIS A 1 47 ? -7.142  -3.555  -1.535  1.00 9.81   ? 47  HIS A N   1 
ATOM   350 C  CA  . HIS A 1 47 ? -7.207  -4.622  -2.550  1.00 10.57  ? 47  HIS A CA  1 
ATOM   351 C  C   . HIS A 1 47 ? -7.418  -4.043  -3.942  1.00 13.27  ? 47  HIS A C   1 
ATOM   352 O  O   . HIS A 1 47 ? -7.278  -4.742  -4.956  1.00 14.56  ? 47  HIS A O   1 
ATOM   353 C  CB  . HIS A 1 47 ? -8.285  -5.617  -2.125  1.00 10.69  ? 47  HIS A CB  1 
ATOM   354 C  CG  . HIS A 1 47 ? -7.842  -6.468  -0.947  1.00 11.38  ? 47  HIS A CG  1 
ATOM   355 N  ND1 . HIS A 1 47 ? -8.719  -7.422  -0.467  1.00 13.26  ? 47  HIS A ND1 1 
ATOM   356 C  CD2 . HIS A 1 47 ? -6.745  -6.567  -0.181  1.00 9.12   ? 47  HIS A CD2 1 
ATOM   357 C  CE1 . HIS A 1 47 ? -8.147  -8.059  0.557   1.00 11.00  ? 47  HIS A CE1 1 
ATOM   358 N  NE2 . HIS A 1 47 ? -6.963  -7.573  0.753   1.00 10.74  ? 47  HIS A NE2 1 
ATOM   359 N  N   . GLY A 1 48 ? -7.718  -2.758  -3.964  1.00 12.95  ? 48  GLY A N   1 
ATOM   360 C  CA  . GLY A 1 48 ? -7.842  -1.960  -5.170  1.00 15.23  ? 48  GLY A CA  1 
ATOM   361 C  C   . GLY A 1 48 ? -6.621  -1.045  -5.307  1.00 11.31  ? 48  GLY A C   1 
ATOM   362 O  O   . GLY A 1 48 ? -5.476  -1.414  -5.041  1.00 12.47  ? 48  GLY A O   1 
ATOM   363 N  N   . LYS A 1 49 ? -6.873  0.191   -5.809  1.00 15.01  ? 49  LYS A N   1 
ATOM   364 C  CA  . LYS A 1 49 ? -5.720  1.002   -6.213  1.00 12.96  ? 49  LYS A CA  1 
ATOM   365 C  C   . LYS A 1 49 ? -4.860  1.454   -5.052  1.00 12.57  ? 49  LYS A C   1 
ATOM   366 O  O   . LYS A 1 49 ? -3.766  1.931   -5.307  1.00 17.17  ? 49  LYS A O   1 
ATOM   367 C  CB  . LYS A 1 49 ? -6.150  2.260   -7.002  1.00 17.64  ? 49  LYS A CB  1 
ATOM   368 C  CG  . LYS A 1 49 ? -6.795  3.295   -6.105  1.00 21.57  ? 49  LYS A CG  1 
ATOM   369 C  CD  . LYS A 1 49 ? -7.149  4.588   -6.846  1.00 33.46  ? 49  LYS A CD  1 
ATOM   370 C  CE  . LYS A 1 49 ? -8.446  5.141   -6.249  1.00 48.08  ? 49  LYS A CE  1 
ATOM   371 N  NZ  . LYS A 1 49 ? -8.468  6.632   -6.276  1.00 83.81  ? 49  LYS A NZ  1 
ATOM   372 N  N   . GLY A 1 50 ? -5.283  1.270   -3.799  1.00 11.98  ? 50  GLY A N   1 
ATOM   373 C  CA  . GLY A 1 50 ? -4.447  1.702   -2.682  1.00 11.30  ? 50  GLY A CA  1 
ATOM   374 C  C   . GLY A 1 50 ? -3.181  0.938   -2.451  1.00 9.54   ? 50  GLY A C   1 
ATOM   375 O  O   . GLY A 1 50 ? -2.175  1.358   -1.928  1.00 11.44  ? 50  GLY A O   1 
ATOM   376 N  N   . CYS A 1 51 ? -3.251  -0.377  -2.802  1.00 10.03  ? 51  CYS A N   1 
ATOM   377 C  CA  . CYS A 1 51 ? -2.080  -1.199  -2.708  1.00 9.36   ? 51  CYS A CA  1 
ATOM   378 C  C   . CYS A 1 51 ? -1.970  -2.173  -3.905  1.00 13.76  ? 51  CYS A C   1 
ATOM   379 O  O   . CYS A 1 51 ? -1.156  -1.982  -4.804  1.00 10.96  ? 51  CYS A O   1 
ATOM   380 C  CB  . CYS A 1 51 ? -2.067  -2.085  -1.433  1.00 9.50   ? 51  CYS A CB  1 
ATOM   381 S  SG  . CYS A 1 51 ? -2.165  -1.233  0.157   1.00 9.67   ? 51  CYS A SG  1 
ATOM   382 N  N   . LYS A 1 52 ? -2.775  -3.251  -3.888  1.00 11.66  ? 52  LYS A N   1 
ATOM   383 C  CA  . LYS A 1 52 ? -2.665  -4.335  -4.874  1.00 10.19  ? 52  LYS A CA  1 
ATOM   384 C  C   . LYS A 1 52 ? -2.806  -3.881  -6.300  1.00 13.69  ? 52  LYS A C   1 
ATOM   385 O  O   . LYS A 1 52 ? -2.078  -4.360  -7.181  1.00 13.76  ? 52  LYS A O   1 
ATOM   386 C  CB  . LYS A 1 52 ? -3.709  -5.420  -4.562  1.00 11.01  ? 52  LYS A CB  1 
ATOM   387 C  CG  . LYS A 1 52 ? -3.710  -6.587  -5.544  1.00 12.75  ? 52  LYS A CG  1 
ATOM   388 C  CD  . LYS A 1 52 ? -4.744  -7.622  -5.083  1.00 17.03  ? 52  LYS A CD  1 
ATOM   389 C  CE  . LYS A 1 52 ? -5.021  -8.624  -6.188  1.00 30.30  ? 52  LYS A CE  1 
ATOM   390 N  NZ  . LYS A 1 52 ? -6.167  -9.524  -5.816  1.00 35.16  ? 52  LYS A NZ  1 
ATOM   391 N  N   . GLY A 1 53 ? -3.779  -3.002  -6.536  1.00 11.34  ? 53  GLY A N   1 
ATOM   392 C  CA  . GLY A 1 53 ? -4.026  -2.494  -7.894  1.00 10.85  ? 53  GLY A CA  1 
ATOM   393 C  C   . GLY A 1 53 ? -2.874  -1.750  -8.430  1.00 13.12  ? 53  GLY A C   1 
ATOM   394 O  O   . GLY A 1 53 ? -2.547  -1.810  -9.636  1.00 16.06  ? 53  GLY A O   1 
ATOM   395 N  N   . CYS A 1 54 ? -2.160  -0.968  -7.598  1.00 11.79  ? 54  CYS A N   1 
ATOM   396 C  CA  . CYS A 1 54 ? -0.983  -0.330  -8.196  1.00 10.69  ? 54  CYS A CA  1 
ATOM   397 C  C   . CYS A 1 54 ? 0.086   -1.327  -8.583  1.00 16.26  ? 54  CYS A C   1 
ATOM   398 O  O   . CYS A 1 54 ? 0.754   -1.286  -9.632  1.00 14.06  ? 54  CYS A O   1 
ATOM   399 C  CB  . CYS A 1 54 ? -0.381  0.650   -7.144  1.00 10.60  ? 54  CYS A CB  1 
ATOM   400 S  SG  . CYS A 1 54 ? 1.083   1.419   -7.947  1.00 13.07  ? 54  CYS A SG  1 
ATOM   401 N  N   . HIS A 1 55 ? 0.399   -2.278  -7.682  1.00 10.20  ? 55  HIS A N   1 
ATOM   402 C  CA  . HIS A 1 55 ? 1.267   -3.395  -8.028  1.00 9.34   ? 55  HIS A CA  1 
ATOM   403 C  C   . HIS A 1 55 ? 0.822   -4.069  -9.353  1.00 13.68  ? 55  HIS A C   1 
ATOM   404 O  O   . HIS A 1 55 ? 1.741   -4.391  -10.110 1.00 13.40  ? 55  HIS A O   1 
ATOM   405 C  CB  . HIS A 1 55 ? 1.226   -4.450  -6.914  1.00 11.74  ? 55  HIS A CB  1 
ATOM   406 C  CG  . HIS A 1 55 ? 1.753   -3.853  -5.620  1.00 12.35  ? 55  HIS A CG  1 
ATOM   407 N  ND1 . HIS A 1 55 ? 1.568   -4.480  -4.416  1.00 10.92  ? 55  HIS A ND1 1 
ATOM   408 C  CD2 . HIS A 1 55 ? 2.437   -2.724  -5.333  1.00 9.75   ? 55  HIS A CD2 1 
ATOM   409 C  CE1 . HIS A 1 55 ? 2.117   -3.806  -3.416  1.00 8.10   ? 55  HIS A CE1 1 
ATOM   410 N  NE2 . HIS A 1 55 ? 2.678   -2.697  -3.940  1.00 8.75   ? 55  HIS A NE2 1 
ATOM   411 N  N   . GLU A 1 56 ? -0.473  -4.256  -9.533  1.00 12.52  ? 56  GLU A N   1 
ATOM   412 C  CA  . GLU A 1 56 ? -0.913  -4.916  -10.788 1.00 14.63  ? 56  GLU A CA  1 
ATOM   413 C  C   . GLU A 1 56 ? -0.665  -3.986  -11.977 1.00 17.02  ? 56  GLU A C   1 
ATOM   414 O  O   . GLU A 1 56 ? -0.132  -4.424  -13.021 1.00 19.17  ? 56  GLU A O   1 
ATOM   415 C  CB  . GLU A 1 56 ? -2.369  -5.319  -10.763 1.00 14.59  ? 56  GLU A CB  1 
ATOM   416 C  CG  . GLU A 1 56 ? -2.691  -6.348  -9.693  1.00 13.29  ? 56  GLU A CG  1 
ATOM   417 C  CD  . GLU A 1 56 ? -4.183  -6.528  -9.497  1.00 28.17  ? 56  GLU A CD  1 
ATOM   418 O  OE1 . GLU A 1 56 ? -4.930  -5.537  -9.531  1.00 31.99  ? 56  GLU A OE1 1 
ATOM   419 O  OE2 . GLU A 1 56 ? -4.587  -7.690  -9.284  1.00 35.89  ? 56  GLU A OE2 1 
ATOM   420 N  N   . GLU A 1 57 ? -0.967  -2.712  -11.862 1.00 15.89  ? 57  GLU A N   1 
ATOM   421 C  CA  . GLU A 1 57 ? -0.712  -1.764  -12.947 1.00 16.65  ? 57  GLU A CA  1 
ATOM   422 C  C   . GLU A 1 57 ? 0.756   -1.531  -13.274 1.00 17.84  ? 57  GLU A C   1 
ATOM   423 O  O   . GLU A 1 57 ? 1.107   -1.430  -14.479 1.00 22.51  ? 57  GLU A O   1 
ATOM   424 C  CB  . GLU A 1 57 ? -1.357  -0.416  -12.544 1.00 20.73  ? 57  GLU A CB  1 
ATOM   425 C  CG  . GLU A 1 57 ? -2.865  -0.408  -12.741 1.00 34.72  ? 57  GLU A CG  1 
ATOM   426 C  CD  . GLU A 1 57 ? -3.286  -0.465  -14.199 1.00 68.50  ? 57  GLU A CD  1 
ATOM   427 O  OE1 . GLU A 1 57 ? -2.829  0.379   -15.005 1.00 86.87  ? 57  GLU A OE1 1 
ATOM   428 O  OE2 . GLU A 1 57 ? -4.077  -1.381  -14.532 1.00 112.25 ? 57  GLU A OE2 1 
ATOM   429 N  N   . MET A 1 58 ? 1.623   -1.421  -12.279 1.00 15.59  ? 58  MET A N   1 
ATOM   430 C  CA  . MET A 1 58 ? 3.041   -1.127  -12.424 1.00 16.22  ? 58  MET A CA  1 
ATOM   431 C  C   . MET A 1 58 ? 3.844   -2.386  -12.753 1.00 15.69  ? 58  MET A C   1 
ATOM   432 O  O   . MET A 1 58 ? 5.026   -2.283  -13.011 1.00 18.18  ? 58  MET A O   1 
ATOM   433 C  CB  . MET A 1 58 ? 3.676   -0.405  -11.222 1.00 14.40  ? 58  MET A CB  1 
ATOM   434 C  CG  . MET A 1 58 ? 3.065   1.007   -11.131 1.00 18.13  ? 58  MET A CG  1 
ATOM   435 S  SD  . MET A 1 58 ? 3.802   2.000   -9.814  1.00 15.84  ? 58  MET A SD  1 
ATOM   436 C  CE  . MET A 1 58 ? 5.437   2.350   -10.443 1.00 14.80  ? 58  MET A CE  1 
ATOM   437 N  N   . LYS A 1 59 ? 3.151   -3.529  -12.720 1.00 18.27  ? 59  LYS A N   1 
ATOM   438 C  CA  . LYS A 1 59 ? 3.781   -4.822  -13.009 1.00 17.46  ? 59  LYS A CA  1 
ATOM   439 C  C   . LYS A 1 59 ? 4.895   -5.141  -12.065 1.00 17.45  ? 59  LYS A C   1 
ATOM   440 O  O   . LYS A 1 59 ? 5.833   -5.886  -12.383 1.00 16.48  ? 59  LYS A O   1 
ATOM   441 C  CB  . LYS A 1 59 ? 4.235   -4.825  -14.504 1.00 17.20  ? 59  LYS A CB  1 
ATOM   442 C  CG  . LYS A 1 59 ? 2.995   -4.668  -15.383 1.00 22.50  ? 59  LYS A CG  1 
ATOM   443 C  CD  . LYS A 1 59 ? 3.282   -4.578  -16.861 1.00 40.92  ? 59  LYS A CD  1 
ATOM   444 C  CE  . LYS A 1 59 ? 1.975   -4.408  -17.634 1.00 42.33  ? 59  LYS A CE  1 
ATOM   445 N  NZ  . LYS A 1 59 ? 1.421   -3.039  -17.427 1.00 48.09  ? 59  LYS A NZ  1 
ATOM   446 N  N   . LYS A 1 60 ? 4.735   -4.694  -10.777 1.00 12.26  ? 60  LYS A N   1 
ATOM   447 C  CA  . LYS A 1 60 ? 5.745   -4.957  -9.787  1.00 12.32  ? 60  LYS A CA  1 
ATOM   448 C  C   . LYS A 1 60 ? 5.128   -4.686  -8.368  1.00 12.27  ? 60  LYS A C   1 
ATOM   449 O  O   . LYS A 1 60 ? 4.307   -3.779  -8.347  1.00 13.64  ? 60  LYS A O   1 
ATOM   450 C  CB  . LYS A 1 60 ? 6.986   -4.130  -10.059 1.00 11.85  ? 60  LYS A CB  1 
ATOM   451 C  CG  . LYS A 1 60 ? 8.225   -4.508  -9.310  1.00 17.83  ? 60  LYS A CG  1 
ATOM   452 C  CD  . LYS A 1 60 ? 9.457   -3.797  -9.847  1.00 17.61  ? 60  LYS A CD  1 
ATOM   453 C  CE  . LYS A 1 60 ? 10.726  -4.432  -9.278  1.00 25.16  ? 60  LYS A CE  1 
ATOM   454 N  NZ  . LYS A 1 60 ? 11.962  -3.869  -9.911  1.00 28.41  ? 60  LYS A NZ  1 
ATOM   455 N  N   . GLY A 1 61 ? 5.479   -5.600  -7.514  1.00 12.58  ? 61  GLY A N   1 
ATOM   456 C  CA  . GLY A 1 61 ? 4.927   -5.498  -6.147  1.00 8.91   ? 61  GLY A CA  1 
ATOM   457 C  C   . GLY A 1 61 ? 4.109   -6.748  -5.824  1.00 11.90  ? 61  GLY A C   1 
ATOM   458 O  O   . GLY A 1 61 ? 3.574   -7.357  -6.752  1.00 14.55  ? 61  GLY A O   1 
ATOM   459 N  N   . PRO A 1 62 ? 3.925   -7.036  -4.528  1.00 13.00  ? 62  PRO A N   1 
ATOM   460 C  CA  . PRO A 1 62 ? 3.187   -8.279  -4.179  1.00 10.37  ? 62  PRO A CA  1 
ATOM   461 C  C   . PRO A 1 62 ? 1.721   -8.219  -4.522  1.00 9.19   ? 62  PRO A C   1 
ATOM   462 O  O   . PRO A 1 62 ? 1.006   -7.236  -4.374  1.00 10.33  ? 62  PRO A O   1 
ATOM   463 C  CB  . PRO A 1 62 ? 3.333   -8.324  -2.652  1.00 9.88   ? 62  PRO A CB  1 
ATOM   464 C  CG  . PRO A 1 62 ? 3.501   -6.880  -2.234  1.00 9.84   ? 62  PRO A CG  1 
ATOM   465 C  CD  . PRO A 1 62 ? 4.361   -6.293  -3.345  1.00 13.44  ? 62  PRO A CD  1 
ATOM   466 N  N   . THR A 1 63 ? 1.171   -9.357  -5.072  1.00 11.06  ? 63  THR A N   1 
ATOM   467 C  CA  . THR A 1 63 ? -0.193  -9.445  -5.511  1.00 11.21  ? 63  THR A CA  1 
ATOM   468 C  C   . THR A 1 63 ? -0.892  -10.715 -4.927  1.00 9.86   ? 63  THR A C   1 
ATOM   469 O  O   . THR A 1 63 ? -2.072  -10.813 -5.201  1.00 13.98  ? 63  THR A O   1 
ATOM   470 C  CB  . THR A 1 63 ? -0.430  -9.480  -7.056  1.00 14.71  ? 63  THR A CB  1 
ATOM   471 O  OG1 . THR A 1 63 ? 0.255   -10.621 -7.595  1.00 13.30  ? 63  THR A OG1 1 
ATOM   472 C  CG2 . THR A 1 63 ? 0.122   -8.217  -7.727  1.00 16.31  ? 63  THR A CG2 1 
ATOM   473 N  N   . LYS A 1 64 ? -0.139  -11.525 -4.175  1.00 11.13  ? 64  LYS A N   1 
ATOM   474 C  CA  . LYS A 1 64 ? -0.790  -12.707 -3.597  1.00 11.51  ? 64  LYS A CA  1 
ATOM   475 C  C   . LYS A 1 64 ? -0.986  -12.463 -2.105  1.00 10.42  ? 64  LYS A C   1 
ATOM   476 O  O   . LYS A 1 64 ? -0.221  -11.745 -1.454  1.00 12.43  ? 64  LYS A O   1 
ATOM   477 C  CB  . LYS A 1 64 ? 0.060   -13.942 -3.846  1.00 16.59  ? 64  LYS A CB  1 
ATOM   478 C  CG  . LYS A 1 64 ? 0.444   -14.113 -5.330  1.00 21.43  ? 64  LYS A CG  1 
ATOM   479 C  CD  . LYS A 1 64 ? -0.815  -14.579 -6.045  1.00 35.58  ? 64  LYS A CD  1 
ATOM   480 C  CE  . LYS A 1 64 ? -0.525  -14.778 -7.533  1.00 39.16  ? 64  LYS A CE  1 
ATOM   481 N  NZ  . LYS A 1 64 ? -1.781  -14.532 -8.302  1.00 48.20  ? 64  LYS A NZ  1 
ATOM   482 N  N   . CYS A 1 65 ? -2.025  -13.158 -1.587  1.00 10.41  ? 65  CYS A N   1 
ATOM   483 C  CA  . CYS A 1 65 ? -2.447  -12.900 -0.217  1.00 10.17  ? 65  CYS A CA  1 
ATOM   484 C  C   . CYS A 1 65 ? -1.289  -13.005 0.754   1.00 8.80   ? 65  CYS A C   1 
ATOM   485 O  O   . CYS A 1 65 ? -1.017  -12.051 1.538   1.00 12.36  ? 65  CYS A O   1 
ATOM   486 C  CB  . CYS A 1 65 ? -3.535  -13.897 0.204   1.00 11.81  ? 65  CYS A CB  1 
ATOM   487 S  SG  . CYS A 1 65 ? -4.787  -14.291 -0.948  1.00 11.54  ? 65  CYS A SG  1 
ATOM   488 N  N   . GLY A 1 66 ? -0.525  -14.093 0.753   1.00 9.79   ? 66  GLY A N   1 
ATOM   489 C  CA  . GLY A 1 66 ? 0.583   -14.279 1.654   1.00 11.73  ? 66  GLY A CA  1 
ATOM   490 C  C   . GLY A 1 66 ? 1.826   -13.499 1.395   1.00 13.74  ? 66  GLY A C   1 
ATOM   491 O  O   . GLY A 1 66 ? 2.751   -13.554 2.236   1.00 15.69  ? 66  GLY A O   1 
ATOM   492 N  N   . GLU A 1 67 ? 1.871   -12.765 0.310   1.00 10.78  ? 67  GLU A N   1 
ATOM   493 C  CA  . GLU A 1 67 ? 2.976   -11.841 0.097   1.00 12.25  ? 67  GLU A CA  1 
ATOM   494 C  C   . GLU A 1 67 ? 2.781   -10.517 0.843   1.00 11.90  ? 67  GLU A C   1 
ATOM   495 O  O   . GLU A 1 67 ? 3.799   -9.882  1.175   1.00 19.96  ? 67  GLU A O   1 
ATOM   496 C  CB  . GLU A 1 67 ? 3.141   -11.612 -1.412  1.00 13.48  ? 67  GLU A CB  1 
ATOM   497 C  CG  . GLU A 1 67 ? 3.388   -12.869 -2.235  1.00 16.96  ? 67  GLU A CG  1 
ATOM   498 C  CD  . GLU A 1 67 ? 3.597   -12.569 -3.725  1.00 27.89  ? 67  GLU A CD  1 
ATOM   499 O  OE1 . GLU A 1 67 ? 2.867   -11.686 -4.316  1.00 18.78  ? 67  GLU A OE1 1 
ATOM   500 O  OE2 . GLU A 1 67 ? 4.504   -13.202 -4.389  1.00 23.70  ? 67  GLU A OE2 1 
ATOM   501 N  N   . CYS A 1 68 ? 1.528   -10.129 1.041   1.00 10.85  ? 68  CYS A N   1 
ATOM   502 C  CA  . CYS A 1 68 ? 1.251   -8.932  1.812   1.00 10.19  ? 68  CYS A CA  1 
ATOM   503 C  C   . CYS A 1 68 ? 0.996   -9.214  3.283   1.00 11.95  ? 68  CYS A C   1 
ATOM   504 O  O   . CYS A 1 68 ? 1.525   -8.503  4.143   1.00 11.69  ? 68  CYS A O   1 
ATOM   505 C  CB  . CYS A 1 68 ? 0.032   -8.163  1.286   1.00 8.66   ? 68  CYS A CB  1 
ATOM   506 S  SG  . CYS A 1 68 ? 0.500   -7.339  -0.281  1.00 10.86  ? 68  CYS A SG  1 
ATOM   507 N  N   . HIS A 1 69 ? 0.219   -10.250 3.538   1.00 9.44   ? 69  HIS A N   1 
ATOM   508 C  CA  . HIS A 1 69 ? -0.208  -10.577 4.890   1.00 12.61  ? 69  HIS A CA  1 
ATOM   509 C  C   . HIS A 1 69 ? 0.696   -11.635 5.515   1.00 12.08  ? 69  HIS A C   1 
ATOM   510 O  O   . HIS A 1 69 ? 0.908   -12.696 4.931   1.00 14.28  ? 69  HIS A O   1 
ATOM   511 C  CB  . HIS A 1 69 ? -1.632  -11.150 4.824   1.00 9.79   ? 69  HIS A CB  1 
ATOM   512 C  CG  . HIS A 1 69 ? -2.688  -10.169 4.427   1.00 7.57   ? 69  HIS A CG  1 
ATOM   513 N  ND1 . HIS A 1 69 ? -3.262  -9.243  5.299   1.00 9.28   ? 69  HIS A ND1 1 
ATOM   514 C  CD2 . HIS A 1 69 ? -3.334  -9.959  3.257   1.00 7.33   ? 69  HIS A CD2 1 
ATOM   515 C  CE1 . HIS A 1 69 ? -4.180  -8.546  4.638   1.00 10.18  ? 69  HIS A CE1 1 
ATOM   516 N  NE2 . HIS A 1 69 ? -4.244  -8.965  3.381   1.00 8.52   ? 69  HIS A NE2 1 
ATOM   517 N  N   . LYS A 1 70 ? 1.227   -11.323 6.692   1.00 13.29  ? 70  LYS A N   1 
ATOM   518 C  CA  . LYS A 1 70 ? 2.115   -12.269 7.352   1.00 14.73  ? 70  LYS A CA  1 
ATOM   519 C  C   . LYS A 1 70 ? 1.928   -12.161 8.853   1.00 18.88  ? 70  LYS A C   1 
ATOM   520 O  O   . LYS A 1 70 ? 2.208   -11.122 9.438   1.00 19.58  ? 70  LYS A O   1 
ATOM   521 C  CB  . LYS A 1 70 ? 3.590   -11.978 7.078   1.00 21.89  ? 70  LYS A CB  1 
ATOM   522 C  CG  . LYS A 1 70 ? 4.498   -13.086 7.632   1.00 22.61  ? 70  LYS A CG  1 
ATOM   523 C  CD  . LYS A 1 70 ? 5.861   -13.058 6.965   1.00 32.80  ? 70  LYS A CD  1 
ATOM   524 C  CE  . LYS A 1 70 ? 7.002   -13.292 7.944   1.00 44.51  ? 70  LYS A CE  1 
ATOM   525 N  NZ  . LYS A 1 70 ? 6.980   -12.322 9.088   1.00 66.65  ? 70  LYS A NZ  1 
ATOM   526 N  N   . LYS A 1 71 ? 1.464   -13.228 9.497   1.00 20.31  ? 71  LYS A N   1 
ATOM   527 C  CA  . LYS A 1 71 ? 1.255   -13.093 10.956  1.00 24.13  ? 71  LYS A CA  1 
ATOM   528 C  C   . LYS A 1 71 ? 2.473   -12.856 11.826  1.00 44.16  ? 71  LYS A C   1 
ATOM   529 O  O   . LYS A 1 71 ? 2.466   -12.123 12.820  1.00 58.27  ? 71  LYS A O   1 
ATOM   530 C  CB  . LYS A 1 71 ? 0.607   -14.409 11.445  1.00 31.03  ? 71  LYS A CB  1 
ATOM   531 C  CG  . LYS A 1 71 ? -0.873  -14.393 11.078  1.00 25.30  ? 71  LYS A CG  1 
ATOM   532 C  CD  . LYS A 1 71 ? -1.517  -15.726 11.389  1.00 37.56  ? 71  LYS A CD  1 
ATOM   533 C  CE  . LYS A 1 71 ? -2.903  -15.500 11.991  1.00 28.11  ? 71  LYS A CE  1 
ATOM   534 N  NZ  . LYS A 1 71 ? -3.336  -16.772 12.632  1.00 21.29  ? 71  LYS A NZ  1 
ATOM   535 O  OXT . LYS A 1 71 ? 3.389   -13.748 11.085  1.00 40.70  ? 71  LYS A OXT 1 
HETATM 536 S  S   . SO4 B 2 .  ? 0.928   14.219  2.392   1.00 13.99  ? 76  SO4 A S   1 
HETATM 537 O  O1  . SO4 B 2 .  ? 0.744   15.327  1.427   1.00 21.80  ? 76  SO4 A O1  1 
HETATM 538 O  O2  . SO4 B 2 .  ? 0.755   12.932  1.714   1.00 12.34  ? 76  SO4 A O2  1 
HETATM 539 O  O3  . SO4 B 2 .  ? -0.068  14.344  3.472   1.00 20.22  ? 76  SO4 A O3  1 
HETATM 540 O  O4  . SO4 B 2 .  ? 2.277   14.305  2.977   1.00 16.05  ? 76  SO4 A O4  1 
HETATM 541 S  S   . SO4 C 2 .  ? -10.815 -9.341  -2.680  1.00 25.63  ? 77  SO4 A S   1 
HETATM 542 O  O1  . SO4 C 2 .  ? -10.677 -9.157  -4.136  1.00 39.87  ? 77  SO4 A O1  1 
HETATM 543 O  O2  . SO4 C 2 .  ? -9.602  -9.990  -2.143  1.00 20.49  ? 77  SO4 A O2  1 
HETATM 544 O  O3  . SO4 C 2 .  ? -11.004 -8.032  -2.027  1.00 20.67  ? 77  SO4 A O3  1 
HETATM 545 O  O4  . SO4 C 2 .  ? -11.987 -10.192 -2.403  1.00 38.23  ? 77  SO4 A O4  1 
HETATM 546 S  S   . SO4 D 2 .  ? -13.287 -0.385  4.139   1.00 40.72  ? 78  SO4 A S   1 
HETATM 547 O  O1  . SO4 D 2 .  ? -13.309 -1.220  2.919   1.00 29.55  ? 78  SO4 A O1  1 
HETATM 548 O  O2  . SO4 D 2 .  ? -12.743 0.947   3.809   1.00 29.77  ? 78  SO4 A O2  1 
HETATM 549 O  O3  . SO4 D 2 .  ? -12.438 -1.028  5.162   1.00 37.36  ? 78  SO4 A O3  1 
HETATM 550 O  O4  . SO4 D 2 .  ? -14.660 -0.240  4.659   1.00 45.20  ? 78  SO4 A O4  1 
HETATM 551 FE FE  . HEC E 3 .  ? 6.138   8.849   0.884   1.00 8.41   ? 72  HEC A FE  1 
HETATM 552 C  CHA . HEC E 3 .  ? 6.244   9.046   4.272   1.00 11.53  ? 72  HEC A CHA 1 
HETATM 553 C  CHB . HEC E 3 .  ? 8.343   11.420  0.681   1.00 12.25  ? 72  HEC A CHB 1 
HETATM 554 C  CHC . HEC E 3 .  ? 6.447   8.328   -2.414  1.00 13.31  ? 72  HEC A CHC 1 
HETATM 555 C  CHD . HEC E 3 .  ? 3.449   6.749   1.031   1.00 9.71   ? 72  HEC A CHD 1 
HETATM 556 N  NA  . HEC E 3 .  ? 7.117   10.032  2.202   1.00 9.54   ? 72  HEC A NA  1 
HETATM 557 C  C1A . HEC E 3 .  ? 7.069   9.936   3.583   1.00 11.21  ? 72  HEC A C1A 1 
HETATM 558 C  C2A . HEC E 3 .  ? 8.039   10.831  4.173   1.00 10.54  ? 72  HEC A C2A 1 
HETATM 559 C  C3A . HEC E 3 .  ? 8.555   11.564  3.143   1.00 10.56  ? 72  HEC A C3A 1 
HETATM 560 C  C4A . HEC E 3 .  ? 7.864   11.142  1.958   1.00 12.45  ? 72  HEC A C4A 1 
HETATM 561 C  CMA . HEC E 3 .  ? 9.561   12.726  3.158   1.00 16.04  ? 72  HEC A CMA 1 
HETATM 562 C  CAA . HEC E 3 .  ? 8.521   10.651  5.599   1.00 20.72  ? 72  HEC A CAA 1 
HETATM 563 C  CBA . HEC E 3 .  ? 9.544   9.491   5.526   1.00 21.04  ? 72  HEC A CBA 1 
HETATM 564 C  CGA . HEC E 3 .  ? 10.464  9.546   6.722   1.00 38.60  ? 72  HEC A CGA 1 
HETATM 565 O  O1A . HEC E 3 .  ? 10.487  10.611  7.399   1.00 23.85  ? 72  HEC A O1A 1 
HETATM 566 O  O2A . HEC E 3 .  ? 11.153  8.532   6.967   1.00 38.43  ? 72  HEC A O2A 1 
HETATM 567 N  NB  . HEC E 3 .  ? 7.214   9.622   -0.548  1.00 11.22  ? 72  HEC A NB  1 
HETATM 568 C  C1B . HEC E 3 .  ? 7.979   10.768  -0.454  1.00 10.22  ? 72  HEC A C1B 1 
HETATM 569 C  C2B . HEC E 3 .  ? 8.591   11.091  -1.750  1.00 8.77   ? 72  HEC A C2B 1 
HETATM 570 C  C3B . HEC E 3 .  ? 8.088   10.220  -2.628  1.00 9.91   ? 72  HEC A C3B 1 
HETATM 571 C  C4B . HEC E 3 .  ? 7.321   9.230   -1.869  1.00 10.43  ? 72  HEC A C4B 1 
HETATM 572 C  CMB . HEC E 3 .  ? 9.382   12.394  -2.029  1.00 12.01  ? 72  HEC A CMB 1 
HETATM 573 C  CAB . HEC E 3 .  ? 8.293   10.062  -4.124  1.00 10.30  ? 72  HEC A CAB 1 
HETATM 574 C  CBB . HEC E 3 .  ? 9.706   9.866   -4.637  1.00 13.51  ? 72  HEC A CBB 1 
HETATM 575 N  NC  . HEC E 3 .  ? 5.238   7.650   -0.376  1.00 9.85   ? 72  HEC A NC  1 
HETATM 576 C  C1C . HEC E 3 .  ? 5.482   7.540   -1.739  1.00 9.69   ? 72  HEC A C1C 1 
HETATM 577 C  C2C . HEC E 3 .  ? 4.542   6.653   -2.355  1.00 8.15   ? 72  HEC A C2C 1 
HETATM 578 C  C3C . HEC E 3 .  ? 3.621   6.322   -1.428  1.00 7.11   ? 72  HEC A C3C 1 
HETATM 579 C  C4C . HEC E 3 .  ? 4.137   6.864   -0.182  1.00 8.86   ? 72  HEC A C4C 1 
HETATM 580 C  CMC . HEC E 3 .  ? 4.542   6.321   -3.844  1.00 11.95  ? 72  HEC A CMC 1 
HETATM 581 C  CAC . HEC E 3 .  ? 2.395   5.486   -1.523  1.00 11.39  ? 72  HEC A CAC 1 
HETATM 582 C  CBC . HEC E 3 .  ? 2.618   4.087   -2.145  1.00 9.68   ? 72  HEC A CBC 1 
HETATM 583 N  ND  . HEC E 3 .  ? 5.026   8.118   2.366   1.00 9.44   ? 72  HEC A ND  1 
HETATM 584 C  C1D . HEC E 3 .  ? 3.917   7.285   2.233   1.00 9.45   ? 72  HEC A C1D 1 
HETATM 585 C  C2D . HEC E 3 .  ? 3.519   6.781   3.537   1.00 8.43   ? 72  HEC A C2D 1 
HETATM 586 C  C3D . HEC E 3 .  ? 4.286   7.428   4.429   1.00 7.70   ? 72  HEC A C3D 1 
HETATM 587 C  C4D . HEC E 3 .  ? 5.281   8.226   3.711   1.00 9.17   ? 72  HEC A C4D 1 
HETATM 588 C  CMD . HEC E 3 .  ? 2.292   5.958   3.902   1.00 10.37  ? 72  HEC A CMD 1 
HETATM 589 C  CAD . HEC E 3 .  ? 4.245   7.294   5.961   1.00 9.82   ? 72  HEC A CAD 1 
HETATM 590 C  CBD . HEC E 3 .  ? 4.565   5.866   6.451   1.00 13.77  ? 72  HEC A CBD 1 
HETATM 591 C  CGD . HEC E 3 .  ? 6.013   5.435   6.260   1.00 22.99  ? 72  HEC A CGD 1 
HETATM 592 O  O1D . HEC E 3 .  ? 6.913   6.272   6.393   1.00 18.13  ? 72  HEC A O1D 1 
HETATM 593 O  O2D . HEC E 3 .  ? 6.153   4.212   6.034   1.00 18.35  ? 72  HEC A O2D 1 
HETATM 594 FE FE  . HEC F 3 .  ? 3.700   -1.345  -2.943  1.00 9.05   ? 73  HEC A FE  1 
HETATM 595 C  CHA . HEC F 3 .  ? 6.526   -3.115  -3.666  1.00 12.21  ? 73  HEC A CHA 1 
HETATM 596 C  CHB . HEC F 3 .  ? 3.323   -3.221  -0.017  1.00 10.56  ? 73  HEC A CHB 1 
HETATM 597 C  CHC . HEC F 3 .  ? 1.007   0.550   -2.076  1.00 11.54  ? 73  HEC A CHC 1 
HETATM 598 C  CHD . HEC F 3 .  ? 3.911   0.318   -5.907  1.00 9.91   ? 73  HEC A CHD 1 
HETATM 599 N  NA  . HEC F 3 .  ? 4.760   -2.814  -2.015  1.00 10.28  ? 73  HEC A NA  1 
HETATM 600 C  C1A . HEC F 3 .  ? 5.942   -3.391  -2.418  1.00 8.81   ? 73  HEC A C1A 1 
HETATM 601 C  C2A . HEC F 3 .  ? 6.446   -4.316  -1.433  1.00 9.99   ? 73  HEC A C2A 1 
HETATM 602 C  C3A . HEC F 3 .  ? 5.489   -4.384  -0.495  1.00 12.59  ? 73  HEC A C3A 1 
HETATM 603 C  C4A . HEC F 3 .  ? 4.455   -3.425  -0.805  1.00 12.86  ? 73  HEC A C4A 1 
HETATM 604 C  CMA . HEC F 3 .  ? 5.521   -5.254  0.789   1.00 11.99  ? 73  HEC A CMA 1 
HETATM 605 C  CAA . HEC F 3 .  ? 7.663   -5.263  -1.611  1.00 12.88  ? 73  HEC A CAA 1 
HETATM 606 C  CBA . HEC F 3 .  ? 8.842   -4.369  -1.320  1.00 14.13  ? 73  HEC A CBA 1 
HETATM 607 C  CGA . HEC F 3 .  ? 10.188  -4.986  -1.622  1.00 34.38  ? 73  HEC A CGA 1 
HETATM 608 O  O1A . HEC F 3 .  ? 10.275  -6.087  -2.193  1.00 38.18  ? 73  HEC A O1A 1 
HETATM 609 O  O2A . HEC F 3 .  ? 11.208  -4.371  -1.279  1.00 31.03  ? 73  HEC A O2A 1 
HETATM 610 N  NB  . HEC F 3 .  ? 2.382   -1.406  -1.457  1.00 9.13   ? 73  HEC A NB  1 
HETATM 611 C  C1B . HEC F 3 .  ? 2.358   -2.270  -0.330  1.00 9.53   ? 73  HEC A C1B 1 
HETATM 612 C  C2B . HEC F 3 .  ? 1.144   -2.037  0.401   1.00 8.72   ? 73  HEC A C2B 1 
HETATM 613 C  C3B . HEC F 3 .  ? 0.507   -0.976  -0.116  1.00 10.23  ? 73  HEC A C3B 1 
HETATM 614 C  C4B . HEC F 3 .  ? 1.337   -0.522  -1.249  1.00 9.11   ? 73  HEC A C4B 1 
HETATM 615 C  CMB . HEC F 3 .  ? 0.775   -2.830  1.678   1.00 9.79   ? 73  HEC A CMB 1 
HETATM 616 C  CAB . HEC F 3 .  ? -0.741  -0.191  0.349   1.00 8.55   ? 73  HEC A CAB 1 
HETATM 617 C  CBB . HEC F 3 .  ? -0.672  0.226   1.841   1.00 8.75   ? 73  HEC A CBB 1 
HETATM 618 N  NC  . HEC F 3 .  ? 2.661   0.169   -3.819  1.00 9.17   ? 73  HEC A NC  1 
HETATM 619 C  C1C . HEC F 3 .  ? 1.535   0.801   -3.342  1.00 10.26  ? 73  HEC A C1C 1 
HETATM 620 C  C2C . HEC F 3 .  ? 1.095   1.827   -4.244  1.00 11.58  ? 73  HEC A C2C 1 
HETATM 621 C  C3C . HEC F 3 .  ? 1.884   1.759   -5.350  1.00 9.24   ? 73  HEC A C3C 1 
HETATM 622 C  C4C . HEC F 3 .  ? 2.856   0.699   -5.084  1.00 9.83   ? 73  HEC A C4C 1 
HETATM 623 C  CMC . HEC F 3 .  ? -0.110  2.746   -3.992  1.00 11.97  ? 73  HEC A CMC 1 
HETATM 624 C  CAC . HEC F 3 .  ? 1.895   2.522   -6.660  1.00 10.89  ? 73  HEC A CAC 1 
HETATM 625 C  CBC . HEC F 3 .  ? 1.320   3.950   -6.678  1.00 14.48  ? 73  HEC A CBC 1 
HETATM 626 N  ND  . HEC F 3 .  ? 4.969   -1.351  -4.427  1.00 8.96   ? 73  HEC A ND  1 
HETATM 627 C  C1D . HEC F 3 .  ? 4.916   -0.567  -5.605  1.00 11.28  ? 73  HEC A C1D 1 
HETATM 628 C  C2D . HEC F 3 .  ? 6.009   -0.965  -6.491  1.00 11.15  ? 73  HEC A C2D 1 
HETATM 629 C  C3D . HEC F 3 .  ? 6.729   -1.873  -5.838  1.00 11.03  ? 73  HEC A C3D 1 
HETATM 630 C  C4D . HEC F 3 .  ? 6.042   -2.181  -4.580  1.00 8.28   ? 73  HEC A C4D 1 
HETATM 631 C  CMD . HEC F 3 .  ? 6.172   -0.442  -7.912  1.00 12.60  ? 73  HEC A CMD 1 
HETATM 632 C  CAD . HEC F 3 .  ? 8.062   -2.514  -6.242  1.00 13.41  ? 73  HEC A CAD 1 
HETATM 633 C  CBD . HEC F 3 .  ? 9.237   -2.244  -5.294  1.00 14.17  ? 73  HEC A CBD 1 
HETATM 634 C  CGD . HEC F 3 .  ? 10.472  -3.057  -5.571  1.00 32.13  ? 73  HEC A CGD 1 
HETATM 635 O  O1D . HEC F 3 .  ? 10.400  -4.299  -5.611  1.00 52.98  ? 73  HEC A O1D 1 
HETATM 636 O  O2D . HEC F 3 .  ? 11.518  -2.417  -5.752  1.00 28.05  ? 73  HEC A O2D 1 
HETATM 637 FE FE  . HEC G 3 .  ? -5.609  -8.230  2.072   1.00 8.41   ? 74  HEC A FE  1 
HETATM 638 C  CHA . HEC G 3 .  ? -7.104  -6.319  4.436   1.00 9.10   ? 74  HEC A CHA 1 
HETATM 639 C  CHB . HEC G 3 .  ? -7.618  -10.861 2.903   1.00 10.80  ? 74  HEC A CHB 1 
HETATM 640 C  CHC . HEC G 3 .  ? -4.530  -9.878  -0.656  1.00 9.10   ? 74  HEC A CHC 1 
HETATM 641 C  CHD . HEC G 3 .  ? -3.205  -5.850  1.672   1.00 8.17   ? 74  HEC A CHD 1 
HETATM 642 N  NA  . HEC G 3 .  ? -7.085  -8.532  3.377   1.00 9.43   ? 74  HEC A NA  1 
HETATM 643 C  C1A . HEC G 3 .  ? -7.597  -7.614  4.259   1.00 7.38   ? 74  HEC A C1A 1 
HETATM 644 C  C2A . HEC G 3 .  ? -8.648  -8.208  5.064   1.00 11.13  ? 74  HEC A C2A 1 
HETATM 645 C  C3A . HEC G 3 .  ? -8.672  -9.525  4.727   1.00 10.85  ? 74  HEC A C3A 1 
HETATM 646 C  C4A . HEC G 3 .  ? -7.771  -9.689  3.621   1.00 11.63  ? 74  HEC A C4A 1 
HETATM 647 C  CMA . HEC G 3 .  ? -9.587  -10.661 5.206   1.00 11.57  ? 74  HEC A CMA 1 
HETATM 648 C  CAA . HEC G 3 .  ? -9.462  -7.459  6.118   1.00 12.39  ? 74  HEC A CAA 1 
HETATM 649 C  CBA . HEC G 3 .  ? -8.736  -7.537  7.437   1.00 12.43  ? 74  HEC A CBA 1 
HETATM 650 C  CGA . HEC G 3 .  ? -9.355  -6.668  8.550   1.00 10.85  ? 74  HEC A CGA 1 
HETATM 651 O  O1A . HEC G 3 .  ? -10.288 -5.952  8.225   1.00 14.69  ? 74  HEC A O1A 1 
HETATM 652 O  O2A . HEC G 3 .  ? -8.800  -6.742  9.661   1.00 14.72  ? 74  HEC A O2A 1 
HETATM 653 N  NB  . HEC G 3 .  ? -5.913  -10.010 1.331   1.00 10.70  ? 74  HEC A NB  1 
HETATM 654 C  C1B . HEC G 3 .  ? -6.802  -11.009 1.801   1.00 10.26  ? 74  HEC A C1B 1 
HETATM 655 C  C2B . HEC G 3 .  ? -6.676  -12.218 1.011   1.00 11.29  ? 74  HEC A C2B 1 
HETATM 656 C  C3B . HEC G 3 .  ? -5.932  -11.914 -0.092  1.00 9.80   ? 74  HEC A C3B 1 
HETATM 657 C  C4B . HEC G 3 .  ? -5.415  -10.565 0.153   1.00 10.80  ? 74  HEC A C4B 1 
HETATM 658 C  CMB . HEC G 3 .  ? -7.323  -13.582 1.356   1.00 13.16  ? 74  HEC A CMB 1 
HETATM 659 C  CAB . HEC G 3 .  ? -5.606  -12.770 -1.334  1.00 11.98  ? 74  HEC A CAB 1 
HETATM 660 C  CBB . HEC G 3 .  ? -6.919  -13.045 -2.117  1.00 10.31  ? 74  HEC A CBB 1 
HETATM 661 N  NC  . HEC G 3 .  ? -4.111  -7.930  0.793   1.00 10.15  ? 74  HEC A NC  1 
HETATM 662 C  C1C . HEC G 3 .  ? -3.845  -8.715  -0.323  1.00 9.76   ? 74  HEC A C1C 1 
HETATM 663 C  C2C . HEC G 3 .  ? -2.692  -8.156  -1.008  1.00 8.85   ? 74  HEC A C2C 1 
HETATM 664 C  C3C . HEC G 3 .  ? -2.233  -7.097  -0.333  1.00 9.74   ? 74  HEC A C3C 1 
HETATM 665 C  C4C . HEC G 3 .  ? -3.156  -6.935  0.826   1.00 8.87   ? 74  HEC A C4C 1 
HETATM 666 C  CMC . HEC G 3 .  ? -2.043  -8.889  -2.205  1.00 11.19  ? 74  HEC A CMC 1 
HETATM 667 C  CAC . HEC G 3 .  ? -0.939  -6.299  -0.493  1.00 10.86  ? 74  HEC A CAC 1 
HETATM 668 C  CBC . HEC G 3 .  ? -0.778  -5.581  -1.848  1.00 10.22  ? 74  HEC A CBC 1 
HETATM 669 N  ND  . HEC G 3 .  ? -5.295  -6.402  2.839   1.00 9.53   ? 74  HEC A ND  1 
HETATM 670 C  C1D . HEC G 3 .  ? -4.225  -5.566  2.578   1.00 8.99   ? 74  HEC A C1D 1 
HETATM 671 C  C2D . HEC G 3 .  ? -4.232  -4.402  3.446   1.00 9.22   ? 74  HEC A C2D 1 
HETATM 672 C  C3D . HEC G 3 .  ? -5.280  -4.571  4.262   1.00 9.60   ? 74  HEC A C3D 1 
HETATM 673 C  C4D . HEC G 3 .  ? -5.922  -5.845  3.927   1.00 9.17   ? 74  HEC A C4D 1 
HETATM 674 C  CMD . HEC G 3 .  ? -3.251  -3.259  3.428   1.00 9.06   ? 74  HEC A CMD 1 
HETATM 675 C  CAD . HEC G 3 .  ? -5.590  -3.721  5.534   1.00 11.52  ? 74  HEC A CAD 1 
HETATM 676 C  CBD . HEC G 3 .  ? -6.705  -2.723  5.125   1.00 13.19  ? 74  HEC A CBD 1 
HETATM 677 C  CGD . HEC G 3 .  ? -6.788  -1.690  6.280   1.00 12.00  ? 74  HEC A CGD 1 
HETATM 678 O  O1D . HEC G 3 .  ? -5.784  -1.125  6.704   1.00 15.53  ? 74  HEC A O1D 1 
HETATM 679 O  O2D . HEC G 3 .  ? -7.926  -1.621  6.746   1.00 17.34  ? 74  HEC A O2D 1 
HETATM 680 C  C1  . DXC H 4 .  ? -4.494  4.154   7.212   1.00 10.06  ? 75  DXC A C1  1 
HETATM 681 C  C2  . DXC H 4 .  ? -3.470  3.423   6.284   1.00 8.66   ? 75  DXC A C2  1 
HETATM 682 C  C3  . DXC H 4 .  ? -2.156  4.258   6.243   1.00 12.23  ? 75  DXC A C3  1 
HETATM 683 C  C4  . DXC H 4 .  ? -2.402  5.696   5.642   1.00 8.50   ? 75  DXC A C4  1 
HETATM 684 C  C5  . DXC H 4 .  ? -3.505  6.383   6.547   1.00 9.73   ? 75  DXC A C5  1 
HETATM 685 C  C6  . DXC H 4 .  ? -4.806  5.566   6.602   1.00 12.22  ? 75  DXC A C6  1 
HETATM 686 C  C7  . DXC H 4 .  ? -1.060  3.508   5.375   1.00 9.50   ? 75  DXC A C7  1 
HETATM 687 C  C8  . DXC H 4 .  ? -1.518  3.453   3.898   1.00 11.78  ? 75  DXC A C8  1 
HETATM 688 C  C9  . DXC H 4 .  ? -1.736  4.914   3.320   1.00 10.57  ? 75  DXC A C9  1 
HETATM 689 C  C10 . DXC H 4 .  ? -2.757  5.613   4.085   1.00 9.31   ? 75  DXC A C10 1 
HETATM 690 C  C11 . DXC H 4 .  ? -2.247  4.823   1.871   1.00 10.43  ? 75  DXC A C11 1 
HETATM 691 C  C12 . DXC H 4 .  ? -2.415  6.230   1.201   1.00 9.21   ? 75  DXC A C12 1 
HETATM 692 C  C13 . DXC H 4 .  ? -3.458  7.009   1.983   1.00 10.84  ? 75  DXC A C13 1 
HETATM 693 C  C14 . DXC H 4 .  ? -3.016  7.064   3.486   1.00 10.89  ? 75  DXC A C14 1 
HETATM 694 C  C15 . DXC H 4 .  ? -1.339  4.032   0.827   1.00 12.81  ? 75  DXC A C15 1 
HETATM 695 C  C16 . DXC H 4 .  ? -1.733  4.628   -0.531  1.00 12.55  ? 75  DXC A C16 1 
HETATM 696 C  C17 . DXC H 4 .  ? -2.786  5.728   -0.220  1.00 11.38  ? 75  DXC A C17 1 
HETATM 697 C  C18 . DXC H 4 .  ? -1.120  6.627   5.817   1.00 12.15  ? 75  DXC A C18 1 
HETATM 698 C  C19 . DXC H 4 .  ? -2.681  6.823   -1.422  1.00 14.12  ? 75  DXC A C19 1 
HETATM 699 O  O1  . DXC H 4 .  ? -4.747  6.364   1.818   1.00 12.78  ? 75  DXC A O1  1 
HETATM 700 O  O2  . DXC H 4 .  ? -5.667  3.370   7.226   1.00 10.54  ? 75  DXC A O2  1 
HETATM 701 C  C20 . DXC H 4 .  ? -1.063  7.064   1.233   1.00 13.50  ? 75  DXC A C20 1 
HETATM 702 C  C21 . DXC H 4 .  ? -2.918  6.110   -2.803  1.00 15.75  ? 75  DXC A C21 1 
HETATM 703 C  C22 . DXC H 4 .  ? -4.244  5.372   -2.961  1.00 19.08  ? 75  DXC A C22 1 
HETATM 704 C  C23 . DXC H 4 .  ? -5.306  6.278   -3.551  1.00 27.54  ? 75  DXC A C23 1 
HETATM 705 O  O3  . DXC H 4 .  ? -5.143  6.929   -4.542  1.00 27.74  ? 75  DXC A O3  1 
HETATM 706 O  O4  . DXC H 4 .  ? -6.367  6.417   -2.758  1.00 23.67  ? 75  DXC A O4  1 
HETATM 707 C  C24 . DXC H 4 .  ? -3.704  7.954   -1.207  1.00 12.12  ? 75  DXC A C24 1 
HETATM 708 O  O   . HOH I 5 .  ? 5.987   6.534   10.757  1.00 14.93  ? 101 HOH A O   1 
HETATM 709 O  O   . HOH I 5 .  ? -8.150  4.446   7.308   1.00 11.35  ? 102 HOH A O   1 
HETATM 710 O  O   . HOH I 5 .  ? 3.274   -6.358  3.130   1.00 13.96  ? 103 HOH A O   1 
HETATM 711 O  O   . HOH I 5 .  ? -0.786  -16.426 -0.887  1.00 15.53  ? 104 HOH A O   1 
HETATM 712 O  O   . HOH I 5 .  ? 3.704   -8.116  6.333   1.00 16.57  ? 105 HOH A O   1 
HETATM 713 O  O   . HOH I 5 .  ? -1.393  -14.739 4.768   1.00 20.15  ? 106 HOH A O   1 
HETATM 714 O  O   . HOH I 5 .  ? 10.853  1.585   10.025  1.00 25.73  ? 107 HOH A O   1 
HETATM 715 O  O   . HOH I 5 .  ? -1.676  12.454  0.332   1.00 14.18  ? 108 HOH A O   1 
HETATM 716 O  O   . HOH I 5 .  ? -2.925  6.551   -6.350  1.00 21.28  ? 109 HOH A O   1 
HETATM 717 O  O   . HOH I 5 .  ? 4.680   13.492  -8.481  1.00 19.97  ? 110 HOH A O   1 
HETATM 718 O  O   . HOH I 5 .  ? -11.531 0.978   1.664   1.00 25.58  ? 111 HOH A O   1 
HETATM 719 O  O   . HOH I 5 .  ? -6.513  5.470   -0.221  1.00 22.93  ? 112 HOH A O   1 
HETATM 720 O  O   . HOH I 5 .  ? 7.189   13.252  -8.506  1.00 22.18  ? 113 HOH A O   1 
HETATM 721 O  O   . HOH I 5 .  ? 12.586  3.855   -10.240 1.00 25.81  ? 114 HOH A O   1 
HETATM 722 O  O   . HOH I 5 .  ? 7.323   -8.094  -7.660  1.00 20.94  ? 115 HOH A O   1 
HETATM 723 O  O   . HOH I 5 .  ? -0.763  -10.671 12.262  1.00 25.64  ? 116 HOH A O   1 
HETATM 724 O  O   . HOH I 5 .  ? -4.495  -11.392 -4.190  1.00 19.40  ? 117 HOH A O   1 
HETATM 725 O  O   . HOH I 5 .  ? -2.742  -7.921  12.317  1.00 22.00  ? 118 HOH A O   1 
HETATM 726 O  O   . HOH I 5 .  ? -9.677  0.962   -6.289  1.00 30.00  ? 119 HOH A O   1 
HETATM 727 O  O   . HOH I 5 .  ? -2.469  3.801   -6.786  1.00 15.91  ? 120 HOH A O   1 
HETATM 728 O  O   . HOH I 5 .  ? 12.094  -0.523  1.775   1.00 23.55  ? 121 HOH A O   1 
HETATM 729 O  O   . HOH I 5 .  ? -1.446  14.163  -5.340  1.00 27.82  ? 122 HOH A O   1 
HETATM 730 O  O   . HOH I 5 .  ? 11.425  2.153   4.575   1.00 29.51  ? 123 HOH A O   1 
HETATM 731 O  O   . HOH I 5 .  ? -7.544  -5.790  13.353  1.00 26.53  ? 124 HOH A O   1 
HETATM 732 O  O   . HOH I 5 .  ? 8.644   -6.358  -5.138  1.00 26.37  ? 125 HOH A O   1 
HETATM 733 O  O   . HOH I 5 .  ? 5.983   6.428   -10.247 1.00 17.46  ? 126 HOH A O   1 
HETATM 734 O  O   . HOH I 5 .  ? 0.156   -7.054  -13.730 1.00 30.41  ? 127 HOH A O   1 
HETATM 735 O  O   . HOH I 5 .  ? 11.506  -3.425  1.344   1.00 24.52  ? 128 HOH A O   1 
HETATM 736 O  O   . HOH I 5 .  ? 12.033  6.383   3.139   1.00 30.91  ? 129 HOH A O   1 
HETATM 737 O  O   . HOH I 5 .  ? -10.790 15.778  -0.921  1.00 31.71  ? 130 HOH A O   1 
HETATM 738 O  O   . HOH I 5 .  ? -2.596  -15.769 -3.238  1.00 25.73  ? 131 HOH A O   1 
HETATM 739 O  O   . HOH I 5 .  ? 4.188   -8.006  -9.244  1.00 28.33  ? 132 HOH A O   1 
HETATM 740 O  O   . HOH I 5 .  ? 9.297   5.066   6.557   1.00 24.41  ? 133 HOH A O   1 
HETATM 741 O  O   . HOH I 5 .  ? 13.392  7.778   11.447  1.00 36.53  ? 134 HOH A O   1 
HETATM 742 O  O   . HOH I 5 .  ? 4.152   -8.701  8.573   1.00 32.22  ? 135 HOH A O   1 
HETATM 743 O  O   . HOH I 5 .  ? 10.599  3.976   -12.143 1.00 20.83  ? 136 HOH A O   1 
HETATM 744 O  O   . HOH I 5 .  ? 5.452   20.297  -7.000  1.00 19.59  ? 137 HOH A O   1 
HETATM 745 O  O   . HOH I 5 .  ? 0.055   -17.157 4.383   1.00 27.64  ? 138 HOH A O   1 
HETATM 746 O  O   . HOH I 5 .  ? 5.891   -10.048 -6.287  1.00 25.79  ? 139 HOH A O   1 
HETATM 747 O  O   . HOH I 5 .  ? 14.070  5.201   11.997  1.00 25.31  ? 140 HOH A O   1 
HETATM 748 O  O   . HOH I 5 .  ? 7.294   6.460   -12.874 1.00 27.47  ? 141 HOH A O   1 
HETATM 749 O  O   . HOH I 5 .  ? 0.725   -18.325 0.760   1.00 36.20  ? 142 HOH A O   1 
HETATM 750 O  O   . HOH I 5 .  ? 8.354   3.966   -11.599 1.00 22.60  ? 143 HOH A O   1 
HETATM 751 O  O   . HOH I 5 .  ? 2.260   -15.168 4.608   1.00 44.22  ? 144 HOH A O   1 
HETATM 752 O  O   . HOH I 5 .  ? -9.793  -3.567  6.674   1.00 21.60  ? 145 HOH A O   1 
HETATM 753 O  O   . HOH I 5 .  ? 0.914   -8.630  -11.617 1.00 35.43  ? 146 HOH A O   1 
HETATM 754 O  O   . HOH I 5 .  ? -6.979  -4.913  -7.609  1.00 35.40  ? 147 HOH A O   1 
HETATM 755 O  O   . HOH I 5 .  ? 1.984   -16.001 -1.724  1.00 25.47  ? 148 HOH A O   1 
HETATM 756 O  O   . HOH I 5 .  ? -8.592  6.564   0.782   1.00 30.06  ? 149 HOH A O   1 
HETATM 757 O  O   . HOH I 5 .  ? 4.533   -7.613  11.338  1.00 27.58  ? 150 HOH A O   1 
HETATM 758 O  O   . HOH I 5 .  ? 5.726   -7.749  3.004   1.00 24.42  ? 151 HOH A O   1 
HETATM 759 O  O   . HOH I 5 .  ? -4.368  -13.922 3.646   1.00 20.00  ? 152 HOH A O   1 
HETATM 760 O  O   . HOH I 5 .  ? 4.452   16.001  -10.119 1.00 25.84  ? 153 HOH A O   1 
HETATM 761 O  O   . HOH I 5 .  ? 2.565   -7.160  -10.632 1.00 23.92  ? 154 HOH A O   1 
HETATM 762 O  O   . HOH I 5 .  ? -4.807  -14.080 -5.660  1.00 31.36  ? 155 HOH A O   1 
HETATM 763 O  O   . HOH I 5 .  ? 6.243   -9.153  0.556   1.00 37.24  ? 156 HOH A O   1 
HETATM 764 O  O   . HOH I 5 .  ? 13.496  11.279  8.226   1.00 42.83  ? 157 HOH A O   1 
HETATM 765 O  O   . HOH I 5 .  ? 5.329   5.225   -13.920 1.00 40.12  ? 158 HOH A O   1 
HETATM 766 O  O   . HOH I 5 .  ? 4.463   9.458   -13.525 1.00 30.84  ? 159 HOH A O   1 
HETATM 767 O  O   . HOH I 5 .  ? 12.850  0.400   -8.146  1.00 26.88  ? 160 HOH A O   1 
HETATM 768 O  O   . HOH I 5 .  ? 5.119   -12.153 3.260   1.00 44.15  ? 161 HOH A O   1 
HETATM 769 O  O   . HOH I 5 .  ? -2.325  15.636  1.542   1.00 29.43  ? 162 HOH A O   1 
HETATM 770 O  O   . HOH I 5 .  ? 5.155   -9.728  4.789   1.00 24.55  ? 163 HOH A O   1 
HETATM 771 O  O   . HOH I 5 .  ? -1.187  19.770  -4.573  1.00 37.80  ? 164 HOH A O   1 
HETATM 772 O  O   . HOH I 5 .  ? 3.644   22.074  -9.752  1.00 33.33  ? 165 HOH A O   1 
HETATM 773 O  O   . HOH I 5 .  ? 4.048   18.406  -9.403  1.00 26.22  ? 166 HOH A O   1 
HETATM 774 O  O   . HOH I 5 .  ? -3.321  -11.855 13.015  1.00 35.43  ? 167 HOH A O   1 
HETATM 775 O  O   . HOH I 5 .  ? 8.583   -2.262  6.440   1.00 26.75  ? 168 HOH A O   1 
HETATM 776 O  O   . HOH I 5 .  ? 10.630  11.806  -9.071  1.00 28.36  ? 169 HOH A O   1 
HETATM 777 O  O   . HOH I 5 .  ? 2.496   8.113   -12.720 1.00 30.34  ? 170 HOH A O   1 
HETATM 778 O  O   . HOH I 5 .  ? -1.320  -13.817 7.123   1.00 21.22  ? 171 HOH A O   1 
HETATM 779 O  O   . HOH I 5 .  ? -0.817  -4.092  -15.823 1.00 31.47  ? 172 HOH A O   1 
HETATM 780 O  O   . HOH I 5 .  ? 13.465  -3.347  -2.152  1.00 63.33  ? 173 HOH A O   1 
HETATM 781 O  O   . HOH I 5 .  ? 11.961  -4.811  -12.455 1.00 22.87  ? 174 HOH A O   1 
HETATM 782 O  O   . HOH I 5 .  ? 0.705   -15.689 8.188   1.00 28.53  ? 175 HOH A O   1 
HETATM 783 O  O   . HOH I 5 .  ? 3.581   5.864   -11.565 1.00 32.55  ? 176 HOH A O   1 
HETATM 784 O  O   . HOH I 5 .  ? 3.710   -10.526 -7.850  1.00 55.15  ? 177 HOH A O   1 
HETATM 785 O  O   . HOH I 5 .  ? 3.210   -5.005  14.164  0.50 33.90  ? 178 HOH A O   1 
HETATM 786 O  O   . HOH I 5 .  ? 10.071  -6.816  -12.673 1.00 27.05  ? 179 HOH A O   1 
HETATM 787 O  O   . HOH I 5 .  ? -7.933  10.468  -5.697  1.00 30.44  ? 180 HOH A O   1 
HETATM 788 O  O   . HOH I 5 .  ? 6.392   -2.211  7.895   1.00 29.12  ? 181 HOH A O   1 
HETATM 789 O  O   . HOH I 5 .  ? -6.240  -11.698 -8.007  1.00 48.83  ? 182 HOH A O   1 
HETATM 790 O  O   . HOH I 5 .  ? -14.879 1.562   2.850   1.00 42.32  ? 183 HOH A O   1 
HETATM 791 O  O   . HOH I 5 .  ? 1.568   12.920  -10.803 1.00 35.81  ? 184 HOH A O   1 
HETATM 792 O  O   . HOH I 5 .  ? 7.797   -3.863  9.678   1.00 45.24  ? 185 HOH A O   1 
HETATM 793 O  O   . HOH I 5 .  ? -3.488  -9.997  -9.035  1.00 70.92  ? 186 HOH A O   1 
HETATM 794 O  O   . HOH I 5 .  ? 14.305  -0.924  -2.652  1.00 35.36  ? 187 HOH A O   1 
HETATM 795 O  O   . HOH I 5 .  ? -11.249 0.388   -4.299  1.00 41.67  ? 188 HOH A O   1 
HETATM 796 O  O   . HOH I 5 .  ? -0.476  -0.584  -16.621 1.00 40.83  ? 189 HOH A O   1 
HETATM 797 O  O   . HOH I 5 .  ? 13.293  -2.610  -8.041  1.00 36.42  ? 190 HOH A O   1 
HETATM 798 O  O   . HOH I 5 .  ? 13.972  -6.961  -12.850 1.00 49.72  ? 191 HOH A O   1 
HETATM 799 O  O   . HOH I 5 .  ? 12.742  2.552   8.056   1.00 37.54  ? 192 HOH A O   1 
HETATM 800 O  O   . HOH I 5 .  ? 12.318  -0.094  -4.864  1.00 18.08  ? 193 HOH A O   1 
HETATM 801 O  O   . HOH I 5 .  ? -11.033 -3.630  -4.059  1.00 27.45  ? 194 HOH A O   1 
HETATM 802 O  O   . HOH I 5 .  ? 3.160   -12.346 -9.358  0.50 50.20  ? 195 HOH A O   1 
# 
loop_
_atom_site_anisotrop.id 
_atom_site_anisotrop.type_symbol 
_atom_site_anisotrop.pdbx_label_atom_id 
_atom_site_anisotrop.pdbx_label_alt_id 
_atom_site_anisotrop.pdbx_label_comp_id 
_atom_site_anisotrop.pdbx_label_asym_id 
_atom_site_anisotrop.pdbx_label_seq_id 
_atom_site_anisotrop.pdbx_PDB_ins_code 
_atom_site_anisotrop.U[1][1] 
_atom_site_anisotrop.U[2][2] 
_atom_site_anisotrop.U[3][3] 
_atom_site_anisotrop.U[1][2] 
_atom_site_anisotrop.U[1][3] 
_atom_site_anisotrop.U[2][3] 
_atom_site_anisotrop.pdbx_auth_seq_id 
_atom_site_anisotrop.pdbx_auth_comp_id 
_atom_site_anisotrop.pdbx_auth_asym_id 
_atom_site_anisotrop.pdbx_auth_atom_id 
551 FE FE . HEC E . ? 0.1307 0.0926 0.0964 -0.0023 0.0469 0.0030  72 HEC A FE 
594 FE FE . HEC F . ? 0.1529 0.0977 0.0930 0.0067  0.0510 -0.0055 73 HEC A FE 
637 FE FE . HEC G . ? 0.1481 0.0872 0.0843 -0.0189 0.0471 -0.0036 74 HEC A FE 
# 
